data_9C7Y
#
_entry.id   9C7Y
#
_cell.length_a   1.00
_cell.length_b   1.00
_cell.length_c   1.00
_cell.angle_alpha   90.00
_cell.angle_beta   90.00
_cell.angle_gamma   90.00
#
_symmetry.space_group_name_H-M   'P 1'
#
loop_
_entity.id
_entity.type
_entity.pdbx_description
1 polymer 'RNA-directed RNA polymerase L'
2 polymer Phosphoprotein
3 non-polymer (2S)-1,1,1-trifluoro-2-[5-fluoro-6-(4-fluorophenyl)-4-(2-hydroxypropan-2-yl)pyridin-2-yl]-3-[(4M)-4-(8-methoxyquinolin-6-yl)-1H-1,2,3-triazol-1-yl]propan-2-ol
#
loop_
_entity_poly.entity_id
_entity_poly.type
_entity_poly.pdbx_seq_one_letter_code
_entity_poly.pdbx_strand_id
1 'polypeptide(L)'
;MGSWSHPQFEKGSGSGSSWSHPQFEKGSGSLVPRGSMDPIINGNSANVYLTDSYLKGVISFSECNALGSYIFNGPYLKND
YTNLISRQNPLIEHMNLKKLNITQSLISKYHKGEIKLEEPTYFQSLLMTYKSMTSSEQIATTNLLKKIIRRAIEISDVKV
YAILNKLGLKEKDKIKSNNGQDEDNSVITTIIKDDILSAVKDNQSHLKADKNHSTKQKDTIKTTLLKKLMCSMQHPPSWL
IHWFNLYTKLNNILTQYRSNEVKNHGFTLIDNQTLSGFQFILNQYGCIVYHKELKRITVTTYNQFLTWKDISLSRLNVCL
ITWISNCLNTLNKSLGLRCGFNNVILTQLFLYGDCILKLFHNEGFYIIKEVEGFIMSLILNITEEDQFRKRFYNSMLNNI
TDAANKAQKNLLSRVCHTLLDKTVSDNIINGRWIILLSKFLKLIKLAGDNNLNNLSELYFLFRIFGHPMVDERQAMDAVK
INCNETKFYLLSSLSMLRGAFIYRIIKGFVNNYNRWPTLRNAIVLPLRWLTYYKLNTYPSLLELTERDLIVLSGLRFYRE
FRLPKKVDLEMIINDKAISPPKNLIWTSFPRNYMPSHIQNYIEHEKLKFSESDKSRRVLEYYLRDNKFNECDLYNCVVNQ
SYLNNPNHVVSLTGKERELSVGRMFAMQPGMFRQVQILAEKMIAENILQFFPESLTRYGDLELQKILELKAGISNKSNRY
NDNYNNYISKCSIITDLSKFNQAFRYETSCICSDVLDELHGVQSLFSWLHLTIPHVTIICTYRHAPPYIGDHIVDLNNVD
EQSGLYRYHMGGIEGWCQKLWTIEAISLLDLISLKGKFSITALINGDNQSIDISKPIRLMEGQTHAQADYLLALNSLKLL
YKEYAGIGHKLKGTETYISRDMQFMSKTIQHNGVYYPASIKKVLRVGPWINTILDDFKVSLESIGSLTQELEYRGESLLC
SLIFRNVWLYNQIALQLKNHALCNNKLYLDILKVLKHLKTFFNLDNIDTALTLYMNLPMLFGGGDPNLLYRSFYRRTPDF
LTEAIVHSVFILSYYTNHDLKDKLQDLSDDRLNKFLTCIITFDKNPNAEFVTLMRDPQALGSERQAKITSEINRLAVTEV
LSTAPNKIFSKSAQHYTTTEIDLNDIMQNIEPTYPHGLRVVYESLPFYKAEKIVNLISGTKSITNILEKTSAIDLTDIDR
ATEMMRKNITLLIRILPLDCNRDKREILSMENLSITELSKYVRERSWSLSNIVGVTSPSIMYTMDIKYTTSTISSGIIIE
KYNVNSLTRGERGPTKPWVGSSTQEKKTMPVYNRQVLTKKQRDQIDLLAKLDWVYASIDNKDEFMEELSIGTLGLTYEKA
KKLFPQYLSVNYLHRLTVSSRPCEFPASIPAYRTTNYHFDTSPINRILTEKYGDEDIDIVFQNCISFGLSLMSVVEQFTN
VCPNRIILIPKLNEIHLMKPPIFTGDVDIHKLKQVIQKQHMFLPDKISLTQYVELFLSNKTLKSGSHVNSNLILAHKISD
YFHNTYILSTNLAGHWILIIQLMKDSKGIFEKDWGEGYITDHMFINLKVFFNAYKTYLLCFHKGYGKAKLECDMNTSDLL
CVLELIDSSYWKSMSKVFLEQKVIKYILSQDASLHRVKGCHSFKLWFLKRLNVAEFTVCPWVVNIDYHPTHMKAILTYID
LVRMGLINIDRIHIKNKHKFNDEFYTSNLFYINYNFSDNTHLLTKHIRIANSELENNYNKLYHPTPETLENILANPIKSN
DKKTLNDYCIGKNVDSIMLPLLSNKKLIKSSAMIRTNYSKQDLYNLFPMVVIDRIIDHSGNTAKSNQLYTTTSHQISLVH
NSTSLYCMLPWHHINRFNFVFSSTGCKISIEYILKDLKIKDPNCIAFIGEGAGNLLLRTVVELHPDIRYIYRSLKDCNDH
SLPIEFLRLYNGHINIDYGENLTIPATDATNNIHWSYLHIKFAEPISLFVCDAELSVTVNWSKIIIEWSKHVRKCKYCSS
VNKCMLIVKYHAQDDIDFKLDNITILKTYVCLGSKLKGSEVYLVLTIGPANIFPVFNVVQNAKLILSRTKNFIMPKKADK
ESIDANIKSLIPFLCYPITKKGINTALSKLKSVVSGDILSYSIAGRNEVFSNKLINHKHMNILKWFNHVLNFRSTELNYN
HLYMVESTYPYLSELLNSLTTNELKKLIKITGSLLYNFHNE
;
A
2 'polypeptide(L)'
;MEKFAPEFHGEDANNRATKFLESIKGKFTSPKDPKKKDSIISVNSIDIEVTKESPITSNSTIINPTNETDDTAGNKPNYQ
RKPLVSFKEDPTPSDNPFSKLYKETIETFDNNEEESSYSYEEINDQTNDNITARLDRIDEKLSEILGMLHTLVVASAGPT
SARDGIRDAMIGLREEMIEKIRTEALMTNDRLEAMARLRNEESEKMAKDTSDEVSLNPTSEKLNNLLEGNDSDNDLSLED
FKGENKYFQGHHHHHH
;
B,C,D,E
#
# COMPACT_ATOMS: atom_id res chain seq x y z
N ASN A 47 27.46 -9.76 19.50
CA ASN A 47 26.62 -8.60 19.74
C ASN A 47 27.19 -7.37 19.03
N VAL A 48 27.16 -7.41 17.70
CA VAL A 48 27.73 -6.37 16.88
C VAL A 48 26.60 -5.48 16.34
N TYR A 49 26.99 -4.29 15.87
CA TYR A 49 26.05 -3.35 15.26
C TYR A 49 26.35 -3.25 13.77
N LEU A 50 25.31 -3.40 12.95
CA LEU A 50 25.44 -3.28 11.51
C LEU A 50 24.57 -2.13 11.04
N THR A 51 25.17 -1.21 10.30
CA THR A 51 24.48 -0.01 9.82
C THR A 51 23.97 -0.24 8.41
N ASP A 52 23.07 0.66 7.99
CA ASP A 52 22.46 0.53 6.68
C ASP A 52 23.45 0.90 5.59
N SER A 53 23.23 0.35 4.40
CA SER A 53 23.98 0.75 3.21
C SER A 53 23.19 1.62 2.26
N TYR A 54 21.87 1.61 2.37
CA TYR A 54 20.99 2.48 1.60
C TYR A 54 20.05 3.18 2.55
N LEU A 55 19.49 4.29 2.09
CA LEU A 55 18.59 5.05 2.95
C LEU A 55 17.32 4.27 3.21
N LYS A 56 17.20 3.70 4.41
CA LYS A 56 16.01 2.95 4.80
C LYS A 56 15.07 3.75 5.68
N GLY A 57 15.34 5.04 5.88
CA GLY A 57 14.49 5.88 6.69
C GLY A 57 14.35 7.27 6.10
N VAL A 58 14.42 8.29 6.94
CA VAL A 58 14.27 9.68 6.52
C VAL A 58 15.48 10.47 7.01
N ILE A 59 15.94 11.40 6.18
CA ILE A 59 16.92 12.38 6.63
C ILE A 59 16.26 13.30 7.65
N SER A 60 16.91 13.50 8.77
CA SER A 60 16.28 14.19 9.89
C SER A 60 16.75 15.64 9.96
N PHE A 61 15.79 16.56 9.97
CA PHE A 61 16.11 17.96 10.21
C PHE A 61 16.54 18.18 11.65
N SER A 62 15.83 17.57 12.60
CA SER A 62 16.12 17.77 14.01
C SER A 62 17.49 17.24 14.39
N GLU A 63 17.89 16.09 13.84
CA GLU A 63 19.18 15.53 14.17
C GLU A 63 20.32 16.40 13.67
N CYS A 64 20.23 16.85 12.41
CA CYS A 64 21.24 17.77 11.89
C CYS A 64 21.28 19.05 12.69
N ASN A 65 20.10 19.60 13.02
CA ASN A 65 20.05 20.83 13.81
C ASN A 65 20.74 20.64 15.15
N ALA A 66 20.39 19.57 15.88
CA ALA A 66 20.95 19.35 17.21
C ALA A 66 22.46 19.14 17.13
N LEU A 67 22.92 18.32 16.20
CA LEU A 67 24.34 18.03 16.11
C LEU A 67 25.15 19.26 15.72
N GLY A 68 24.72 19.95 14.65
CA GLY A 68 25.44 21.14 14.22
C GLY A 68 25.36 22.30 15.19
N SER A 69 24.29 22.38 15.97
CA SER A 69 24.19 23.40 17.00
C SER A 69 25.02 23.08 18.22
N TYR A 70 25.23 21.80 18.54
CA TYR A 70 26.17 21.47 19.61
C TYR A 70 27.61 21.69 19.16
N ILE A 71 27.95 21.29 17.94
CA ILE A 71 29.33 21.39 17.47
C ILE A 71 29.77 22.84 17.40
N PHE A 72 28.92 23.72 16.85
CA PHE A 72 29.29 25.10 16.60
C PHE A 72 28.73 26.07 17.64
N ASN A 73 28.03 25.58 18.66
CA ASN A 73 27.55 26.38 19.78
C ASN A 73 26.72 27.58 19.27
N GLY A 74 25.62 27.25 18.61
CA GLY A 74 24.72 28.24 18.10
C GLY A 74 23.73 27.62 17.12
N PRO A 75 22.60 28.31 16.89
CA PRO A 75 21.56 27.74 16.02
C PRO A 75 22.11 27.41 14.64
N TYR A 76 21.88 26.18 14.20
CA TYR A 76 22.50 25.68 12.96
C TYR A 76 21.55 25.77 11.78
N LEU A 77 20.37 25.14 11.88
CA LEU A 77 19.40 25.17 10.81
C LEU A 77 18.11 25.88 11.18
N LYS A 78 17.78 25.97 12.46
CA LYS A 78 16.55 26.62 12.90
C LYS A 78 16.70 26.98 14.36
N ASN A 79 16.04 28.06 14.75
CA ASN A 79 16.09 28.54 16.14
C ASN A 79 14.92 27.97 16.95
N ASP A 80 14.87 26.64 16.99
CA ASP A 80 13.83 25.93 17.72
C ASP A 80 14.36 25.55 19.11
N TYR A 81 13.61 24.70 19.81
CA TYR A 81 14.06 24.20 21.10
C TYR A 81 15.09 23.09 20.97
N THR A 82 15.20 22.49 19.78
CA THR A 82 16.17 21.41 19.56
C THR A 82 17.59 21.88 19.86
N ASN A 83 17.97 23.05 19.33
CA ASN A 83 19.32 23.56 19.56
C ASN A 83 19.51 23.96 21.02
N LEU A 84 18.48 24.54 21.64
CA LEU A 84 18.59 24.95 23.03
C LEU A 84 18.88 23.76 23.92
N ILE A 85 18.17 22.65 23.70
CA ILE A 85 18.40 21.46 24.53
C ILE A 85 19.61 20.65 24.08
N SER A 86 20.05 20.79 22.83
CA SER A 86 21.24 20.10 22.35
C SER A 86 22.53 20.81 22.73
N ARG A 87 22.44 22.08 23.12
CA ARG A 87 23.58 22.77 23.70
C ARG A 87 23.53 22.86 25.21
N GLN A 88 22.33 22.87 25.80
CA GLN A 88 22.20 22.89 27.25
C GLN A 88 22.51 21.53 27.86
N ASN A 89 22.12 20.44 27.20
CA ASN A 89 22.28 19.10 27.72
C ASN A 89 22.60 18.15 26.57
N PRO A 90 23.86 18.06 26.13
CA PRO A 90 24.17 17.35 24.89
C PRO A 90 24.04 15.84 25.00
N LEU A 91 24.27 15.14 23.89
CA LEU A 91 24.24 13.68 23.85
C LEU A 91 25.64 13.12 23.86
N ILE A 92 25.77 11.88 24.35
CA ILE A 92 27.07 11.24 24.46
C ILE A 92 27.69 11.05 23.08
N GLU A 93 26.89 10.63 22.10
CA GLU A 93 27.41 10.47 20.75
C GLU A 93 27.85 11.81 20.17
N HIS A 94 27.09 12.87 20.43
CA HIS A 94 27.48 14.20 19.96
C HIS A 94 28.77 14.65 20.63
N MET A 95 28.92 14.39 21.94
CA MET A 95 30.16 14.73 22.63
C MET A 95 31.34 13.97 22.02
N ASN A 96 31.15 12.68 21.74
CA ASN A 96 32.23 11.90 21.13
C ASN A 96 32.59 12.43 19.75
N LEU A 97 31.61 12.88 18.98
CA LEU A 97 31.91 13.50 17.69
C LEU A 97 32.69 14.80 17.86
N LYS A 98 32.30 15.61 18.85
CA LYS A 98 32.92 16.93 19.00
C LYS A 98 34.33 16.84 19.55
N LYS A 99 34.62 15.84 20.38
CA LYS A 99 35.85 15.80 21.16
C LYS A 99 37.00 15.12 20.43
N LEU A 100 36.83 14.78 19.15
CA LEU A 100 37.94 14.26 18.38
C LEU A 100 38.95 15.37 18.11
N ASN A 101 40.19 14.96 17.80
CA ASN A 101 41.23 15.94 17.52
C ASN A 101 40.91 16.75 16.27
N ILE A 102 40.47 16.08 15.20
CA ILE A 102 40.19 16.78 13.96
C ILE A 102 38.98 17.70 14.11
N THR A 103 37.97 17.26 14.86
CA THR A 103 36.82 18.11 15.11
C THR A 103 37.21 19.35 15.90
N GLN A 104 38.08 19.19 16.90
CA GLN A 104 38.53 20.35 17.66
C GLN A 104 39.33 21.30 16.77
N SER A 105 40.15 20.76 15.88
CA SER A 105 40.89 21.60 14.95
C SER A 105 39.94 22.39 14.05
N LEU A 106 38.92 21.72 13.53
CA LEU A 106 37.97 22.40 12.64
C LEU A 106 37.17 23.46 13.40
N ILE A 107 36.76 23.18 14.63
CA ILE A 107 36.03 24.17 15.42
C ILE A 107 36.93 25.37 15.71
N SER A 108 38.19 25.13 16.05
CA SER A 108 39.11 26.23 16.28
C SER A 108 39.29 27.05 15.01
N LYS A 109 39.32 26.40 13.85
CA LYS A 109 39.39 27.14 12.60
C LYS A 109 38.14 27.99 12.39
N TYR A 110 36.97 27.46 12.74
CA TYR A 110 35.72 28.17 12.52
C TYR A 110 35.48 29.29 13.53
N HIS A 111 35.89 29.10 14.77
CA HIS A 111 35.64 30.14 15.78
C HIS A 111 36.53 31.35 15.62
N LYS A 112 37.35 31.45 14.58
CA LYS A 112 38.24 32.59 14.39
C LYS A 112 37.63 33.68 13.50
N GLY A 113 37.14 33.35 12.31
CA GLY A 113 37.03 32.07 11.63
C GLY A 113 37.48 32.09 10.19
N GLU A 114 38.36 31.15 9.83
CA GLU A 114 38.83 31.04 8.47
C GLU A 114 37.88 30.24 7.58
N ILE A 115 37.08 29.35 8.17
CA ILE A 115 36.16 28.52 7.41
C ILE A 115 34.74 28.98 7.66
N LYS A 116 33.86 28.71 6.70
CA LYS A 116 32.48 29.15 6.75
C LYS A 116 31.54 27.96 6.85
N LEU A 117 30.48 28.12 7.65
CA LEU A 117 29.50 27.08 7.87
C LEU A 117 28.44 27.13 6.77
N GLU A 118 28.05 25.95 6.28
CA GLU A 118 27.08 25.85 5.20
C GLU A 118 26.11 24.72 5.47
N GLU A 119 24.98 24.75 4.77
CA GLU A 119 23.94 23.73 4.85
C GLU A 119 24.35 22.50 4.05
N PRO A 120 23.89 21.30 4.45
CA PRO A 120 24.28 20.08 3.73
C PRO A 120 24.14 20.13 2.21
N THR A 121 23.12 20.85 1.72
CA THR A 121 22.89 20.87 0.28
C THR A 121 23.98 21.59 -0.49
N TYR A 122 24.69 22.53 0.15
CA TYR A 122 25.85 23.16 -0.48
C TYR A 122 26.89 22.11 -0.84
N PHE A 123 27.21 21.23 0.10
CA PHE A 123 28.15 20.14 -0.16
C PHE A 123 27.56 19.04 -1.03
N GLN A 124 26.24 18.85 -1.04
CA GLN A 124 25.68 17.94 -2.03
C GLN A 124 25.98 18.45 -3.43
N SER A 125 25.77 19.74 -3.66
CA SER A 125 26.10 20.35 -4.94
C SER A 125 27.60 20.29 -5.23
N LEU A 126 28.42 20.50 -4.20
CA LEU A 126 29.88 20.43 -4.36
C LEU A 126 30.34 19.03 -4.74
N LEU A 127 29.81 18.02 -4.07
CA LEU A 127 30.19 16.63 -4.36
C LEU A 127 29.77 16.25 -5.77
N MET A 128 28.50 16.46 -6.10
CA MET A 128 27.99 15.92 -7.36
C MET A 128 28.62 16.58 -8.58
N THR A 129 29.51 17.54 -8.37
CA THR A 129 30.28 18.12 -9.47
C THR A 129 31.79 17.94 -9.28
N TYR A 130 32.20 17.07 -8.36
CA TYR A 130 33.62 16.86 -8.08
C TYR A 130 34.33 16.28 -9.28
N LYS A 131 35.13 17.10 -9.96
CA LYS A 131 35.90 16.67 -11.11
C LYS A 131 37.40 16.61 -10.83
N SER A 132 37.81 16.84 -9.58
CA SER A 132 39.22 16.87 -9.20
C SER A 132 39.75 15.43 -9.18
N MET A 133 40.01 14.91 -10.38
CA MET A 133 40.54 13.56 -10.56
C MET A 133 41.92 13.67 -11.18
N THR A 134 42.91 13.08 -10.53
CA THR A 134 44.25 13.07 -11.08
C THR A 134 44.34 12.09 -12.25
N SER A 135 45.47 12.13 -12.95
CA SER A 135 45.66 11.24 -14.10
C SER A 135 45.61 9.77 -13.68
N SER A 136 46.24 9.44 -12.55
CA SER A 136 46.21 8.07 -12.07
C SER A 136 44.79 7.65 -11.71
N GLU A 137 44.03 8.52 -11.04
CA GLU A 137 42.65 8.18 -10.70
C GLU A 137 41.78 8.07 -11.95
N GLN A 138 41.97 8.97 -12.92
CA GLN A 138 41.26 8.87 -14.19
C GLN A 138 41.52 7.52 -14.84
N ILE A 139 42.79 7.13 -14.94
CA ILE A 139 43.13 5.87 -15.57
C ILE A 139 42.54 4.70 -14.79
N ALA A 140 42.63 4.74 -13.46
CA ALA A 140 42.14 3.63 -12.64
C ALA A 140 40.64 3.44 -12.82
N THR A 141 39.87 4.52 -12.72
CA THR A 141 38.42 4.41 -12.87
C THR A 141 38.03 4.05 -14.30
N THR A 142 38.69 4.61 -15.31
CA THR A 142 38.38 4.25 -16.68
C THR A 142 38.63 2.78 -16.94
N ASN A 143 39.76 2.25 -16.45
CA ASN A 143 40.06 0.85 -16.65
C ASN A 143 39.11 -0.05 -15.87
N LEU A 144 38.73 0.34 -14.65
CA LEU A 144 37.77 -0.46 -13.89
C LEU A 144 36.41 -0.52 -14.59
N LEU A 145 35.94 0.63 -15.09
CA LEU A 145 34.66 0.64 -15.80
C LEU A 145 34.74 -0.15 -17.10
N LYS A 146 35.86 -0.05 -17.82
CA LYS A 146 36.03 -0.85 -19.03
C LYS A 146 35.99 -2.33 -18.71
N LYS A 147 36.66 -2.75 -17.63
CA LYS A 147 36.65 -4.15 -17.25
C LYS A 147 35.25 -4.61 -16.89
N ILE A 148 34.52 -3.80 -16.13
CA ILE A 148 33.17 -4.20 -15.73
C ILE A 148 32.27 -4.34 -16.95
N ILE A 149 32.36 -3.39 -17.88
CA ILE A 149 31.54 -3.46 -19.09
C ILE A 149 31.89 -4.70 -19.91
N ARG A 150 33.19 -4.95 -20.09
CA ARG A 150 33.60 -6.11 -20.87
C ARG A 150 33.12 -7.41 -20.22
N ARG A 151 33.26 -7.51 -18.90
CA ARG A 151 32.84 -8.72 -18.21
C ARG A 151 31.33 -8.92 -18.31
N ALA A 152 30.56 -7.83 -18.16
CA ALA A 152 29.11 -7.96 -18.25
C ALA A 152 28.67 -8.38 -19.65
N ILE A 153 29.30 -7.83 -20.68
CA ILE A 153 28.94 -8.23 -22.04
C ILE A 153 29.34 -9.67 -22.30
N GLU A 154 30.50 -10.09 -21.79
CA GLU A 154 30.91 -11.49 -21.93
C GLU A 154 29.94 -12.42 -21.23
N ILE A 155 29.46 -12.04 -20.04
CA ILE A 155 28.51 -12.87 -19.33
C ILE A 155 27.18 -12.93 -20.08
N SER A 156 26.69 -11.79 -20.56
CA SER A 156 25.43 -11.75 -21.29
C SER A 156 25.49 -12.48 -22.62
N ASP A 157 26.69 -12.63 -23.19
CA ASP A 157 26.82 -13.36 -24.44
C ASP A 157 26.30 -14.78 -24.34
N VAL A 158 26.40 -15.39 -23.16
CA VAL A 158 25.93 -16.77 -23.00
C VAL A 158 24.42 -16.85 -23.24
N LYS A 159 23.66 -15.99 -22.56
CA LYS A 159 22.21 -16.02 -22.72
C LYS A 159 21.79 -15.51 -24.09
N VAL A 160 22.51 -14.54 -24.65
CA VAL A 160 22.19 -14.07 -25.99
C VAL A 160 22.39 -15.20 -27.00
N TYR A 161 23.48 -15.95 -26.87
CA TYR A 161 23.72 -17.08 -27.75
C TYR A 161 22.66 -18.15 -27.58
N ALA A 162 22.26 -18.44 -26.34
CA ALA A 162 21.21 -19.42 -26.12
C ALA A 162 19.92 -19.00 -26.78
N ILE A 163 19.52 -17.73 -26.60
CA ILE A 163 18.26 -17.25 -27.16
C ILE A 163 18.33 -17.27 -28.69
N LEU A 164 19.43 -16.78 -29.26
CA LEU A 164 19.56 -16.72 -30.70
C LEU A 164 19.66 -18.11 -31.34
N ASN A 165 20.18 -19.10 -30.60
CA ASN A 165 20.21 -20.46 -31.10
C ASN A 165 18.85 -21.13 -31.01
N LYS A 166 18.09 -20.85 -29.96
CA LYS A 166 16.73 -21.39 -29.87
C LYS A 166 15.85 -20.80 -30.95
N LEU A 167 15.83 -19.47 -31.07
CA LEU A 167 15.00 -18.82 -32.08
C LEU A 167 15.49 -19.07 -33.50
N GLY A 168 16.71 -19.57 -33.67
CA GLY A 168 17.25 -19.80 -35.00
C GLY A 168 17.46 -18.55 -35.80
N LEU A 169 17.98 -17.50 -35.17
CA LEU A 169 18.20 -16.21 -35.83
C LEU A 169 19.62 -16.05 -36.34
N LYS A 170 20.28 -17.13 -36.73
CA LYS A 170 21.64 -17.03 -37.24
C LYS A 170 21.63 -16.64 -38.71
N ASP A 219 37.77 -15.77 -29.25
CA ASP A 219 37.53 -14.70 -28.30
C ASP A 219 36.45 -15.08 -27.29
N THR A 220 36.27 -14.24 -26.28
CA THR A 220 35.30 -14.50 -25.22
C THR A 220 33.87 -14.14 -25.63
N ILE A 221 33.68 -13.55 -26.81
CA ILE A 221 32.36 -13.18 -27.30
C ILE A 221 32.18 -13.88 -28.64
N LYS A 222 31.22 -14.80 -28.71
CA LYS A 222 30.97 -15.56 -29.92
C LYS A 222 29.86 -14.98 -30.79
N THR A 223 29.18 -13.93 -30.31
CA THR A 223 28.08 -13.33 -31.05
C THR A 223 28.56 -12.10 -31.81
N THR A 224 28.19 -12.01 -33.09
CA THR A 224 28.51 -10.81 -33.85
C THR A 224 27.80 -9.59 -33.29
N LEU A 225 26.58 -9.78 -32.79
CA LEU A 225 25.82 -8.68 -32.21
C LEU A 225 26.57 -8.04 -31.04
N LEU A 226 27.00 -8.86 -30.09
CA LEU A 226 27.72 -8.30 -28.95
C LEU A 226 29.17 -7.99 -29.28
N LYS A 227 29.74 -8.57 -30.33
CA LYS A 227 31.02 -8.07 -30.83
C LYS A 227 30.90 -6.60 -31.25
N LYS A 228 29.86 -6.30 -32.05
CA LYS A 228 29.63 -4.91 -32.44
C LYS A 228 29.33 -4.04 -31.23
N LEU A 229 28.54 -4.55 -30.29
CA LEU A 229 28.21 -3.77 -29.11
C LEU A 229 29.46 -3.43 -28.31
N MET A 230 30.37 -4.39 -28.14
CA MET A 230 31.61 -4.12 -27.42
C MET A 230 32.47 -3.12 -28.18
N CYS A 231 32.55 -3.24 -29.51
CA CYS A 231 33.28 -2.27 -30.30
C CYS A 231 32.73 -0.86 -30.06
N SER A 232 31.41 -0.73 -29.99
CA SER A 232 30.81 0.56 -29.65
C SER A 232 31.18 0.98 -28.23
N MET A 233 31.18 0.04 -27.30
CA MET A 233 31.29 0.31 -25.87
C MET A 233 32.72 0.35 -25.37
N GLN A 234 33.70 0.31 -26.28
CA GLN A 234 35.10 0.25 -25.86
C GLN A 234 35.47 1.42 -24.96
N HIS A 235 35.06 2.64 -25.32
CA HIS A 235 35.45 3.84 -24.58
C HIS A 235 34.25 4.43 -23.87
N PRO A 236 34.22 4.46 -22.54
CA PRO A 236 33.10 5.09 -21.85
C PRO A 236 33.13 6.59 -22.02
N PRO A 237 32.00 7.27 -21.95
CA PRO A 237 31.99 8.72 -22.00
C PRO A 237 32.49 9.33 -20.69
N SER A 238 32.75 10.64 -20.73
CA SER A 238 33.36 11.31 -19.59
C SER A 238 32.39 11.43 -18.43
N TRP A 239 31.11 11.75 -18.70
CA TRP A 239 30.15 11.91 -17.61
C TRP A 239 29.89 10.59 -16.89
N LEU A 240 29.84 9.49 -17.64
CA LEU A 240 29.66 8.18 -17.00
C LEU A 240 30.83 7.84 -16.10
N ILE A 241 32.05 8.12 -16.55
CA ILE A 241 33.23 7.90 -15.72
C ILE A 241 33.16 8.77 -14.47
N HIS A 242 32.70 10.02 -14.63
CA HIS A 242 32.56 10.92 -13.49
C HIS A 242 31.63 10.33 -12.44
N TRP A 243 30.45 9.88 -12.87
CA TRP A 243 29.47 9.34 -11.93
C TRP A 243 29.96 8.04 -11.31
N PHE A 244 30.59 7.17 -12.11
CA PHE A 244 31.10 5.91 -11.57
C PHE A 244 32.21 6.15 -10.56
N ASN A 245 33.12 7.09 -10.84
CA ASN A 245 34.18 7.41 -9.90
C ASN A 245 33.60 7.95 -8.60
N LEU A 246 32.64 8.87 -8.70
CA LEU A 246 32.06 9.43 -7.49
C LEU A 246 31.36 8.37 -6.66
N TYR A 247 30.59 7.50 -7.31
CA TYR A 247 29.93 6.43 -6.58
C TYR A 247 30.94 5.48 -5.95
N THR A 248 32.01 5.15 -6.68
CA THR A 248 33.01 4.25 -6.16
C THR A 248 33.67 4.82 -4.92
N LYS A 249 34.00 6.10 -4.93
CA LYS A 249 34.66 6.70 -3.77
C LYS A 249 33.73 6.81 -2.57
N LEU A 250 32.48 7.25 -2.79
CA LEU A 250 31.54 7.30 -1.68
C LEU A 250 31.25 5.92 -1.12
N ASN A 251 31.14 4.92 -2.00
CA ASN A 251 30.89 3.56 -1.56
C ASN A 251 32.08 2.98 -0.82
N ASN A 252 33.30 3.34 -1.22
CA ASN A 252 34.48 2.92 -0.48
C ASN A 252 34.47 3.51 0.92
N ILE A 253 34.12 4.78 1.04
CA ILE A 253 34.01 5.38 2.37
C ILE A 253 33.00 4.62 3.22
N LEU A 254 31.82 4.34 2.65
CA LEU A 254 30.78 3.66 3.40
C LEU A 254 31.21 2.25 3.79
N THR A 255 31.83 1.52 2.87
CA THR A 255 32.25 0.16 3.16
C THR A 255 33.33 0.13 4.24
N GLN A 256 34.30 1.05 4.17
CA GLN A 256 35.32 1.11 5.20
C GLN A 256 34.70 1.38 6.55
N TYR A 257 33.79 2.36 6.64
CA TYR A 257 33.17 2.65 7.92
C TYR A 257 32.36 1.46 8.43
N ARG A 258 31.59 0.82 7.55
CA ARG A 258 30.73 -0.27 7.99
C ARG A 258 31.55 -1.46 8.48
N SER A 259 32.61 -1.82 7.75
CA SER A 259 33.46 -2.93 8.17
C SER A 259 34.13 -2.61 9.50
N ASN A 260 34.75 -1.44 9.62
CA ASN A 260 35.46 -1.12 10.85
C ASN A 260 34.53 -0.80 12.02
N GLU A 261 33.24 -0.57 11.76
CA GLU A 261 32.28 -0.45 12.85
C GLU A 261 31.73 -1.79 13.29
N VAL A 262 31.59 -2.73 12.36
CA VAL A 262 31.24 -4.10 12.75
C VAL A 262 32.37 -4.69 13.59
N LYS A 263 33.62 -4.49 13.16
CA LYS A 263 34.74 -5.02 13.91
C LYS A 263 34.88 -4.32 15.27
N ASN A 264 34.88 -2.99 15.27
CA ASN A 264 35.10 -2.20 16.47
C ASN A 264 33.90 -1.31 16.71
N HIS A 265 33.27 -1.44 17.87
CA HIS A 265 32.10 -0.63 18.18
C HIS A 265 32.51 0.81 18.48
N GLY A 266 31.66 1.74 18.09
CA GLY A 266 31.91 3.15 18.27
C GLY A 266 32.90 3.76 17.30
N PHE A 267 33.26 3.03 16.24
CA PHE A 267 34.27 3.52 15.31
C PHE A 267 33.78 4.76 14.58
N THR A 268 34.69 5.73 14.41
CA THR A 268 34.42 6.95 13.66
C THR A 268 35.42 7.03 12.52
N LEU A 269 34.91 7.08 11.28
CA LEU A 269 35.79 7.05 10.12
C LEU A 269 36.23 8.47 9.77
N ILE A 270 37.53 8.74 9.91
CA ILE A 270 38.10 10.03 9.57
C ILE A 270 38.97 9.83 8.35
N ASP A 271 38.64 10.50 7.24
CA ASP A 271 39.44 10.30 6.04
C ASP A 271 39.38 11.54 5.16
N ASN A 272 40.52 11.85 4.53
CA ASN A 272 40.62 12.97 3.61
C ASN A 272 41.40 12.62 2.35
N GLN A 273 41.66 11.34 2.12
CA GLN A 273 42.48 10.90 0.99
C GLN A 273 41.67 10.34 -0.17
N THR A 274 40.60 9.59 0.12
CA THR A 274 39.84 8.94 -0.94
C THR A 274 39.16 9.95 -1.86
N LEU A 275 38.50 10.95 -1.28
CA LEU A 275 37.89 12.04 -2.05
C LEU A 275 38.79 13.24 -1.92
N SER A 276 39.51 13.58 -3.00
CA SER A 276 40.52 14.62 -2.94
C SER A 276 39.89 15.97 -2.64
N GLY A 277 40.31 16.58 -1.54
CA GLY A 277 39.81 17.88 -1.15
C GLY A 277 38.88 17.82 0.04
N PHE A 278 38.01 16.82 0.06
CA PHE A 278 37.02 16.70 1.13
C PHE A 278 37.62 15.98 2.33
N GLN A 279 37.07 16.28 3.51
CA GLN A 279 37.47 15.64 4.76
C GLN A 279 36.20 15.17 5.44
N PHE A 280 36.05 13.85 5.58
CA PHE A 280 34.87 13.24 6.15
C PHE A 280 35.16 12.74 7.55
N ILE A 281 34.29 13.08 8.48
CA ILE A 281 34.25 12.48 9.80
C ILE A 281 32.87 11.81 9.88
N LEU A 282 32.82 10.54 9.53
CA LEU A 282 31.58 9.79 9.36
C LEU A 282 31.35 8.86 10.56
N ASN A 283 30.08 8.75 10.94
CA ASN A 283 29.69 8.00 12.12
C ASN A 283 28.20 7.74 12.02
N GLN A 284 27.75 6.66 12.66
CA GLN A 284 26.34 6.30 12.54
C GLN A 284 25.42 7.37 13.12
N TYR A 285 25.95 8.29 13.93
CA TYR A 285 25.18 9.41 14.45
C TYR A 285 25.78 10.76 14.07
N GLY A 286 26.47 10.85 12.93
CA GLY A 286 26.92 12.16 12.49
C GLY A 286 27.80 12.07 11.26
N CYS A 287 28.00 13.22 10.63
CA CYS A 287 28.89 13.31 9.47
C CYS A 287 29.34 14.74 9.36
N ILE A 288 30.58 15.01 9.71
CA ILE A 288 31.15 16.35 9.59
C ILE A 288 31.97 16.39 8.32
N VAL A 289 31.59 17.28 7.40
CA VAL A 289 32.29 17.40 6.13
C VAL A 289 33.00 18.74 6.10
N TYR A 290 34.27 18.73 5.72
CA TYR A 290 35.06 19.95 5.65
C TYR A 290 35.76 20.01 4.30
N HIS A 291 35.60 21.13 3.61
CA HIS A 291 36.32 21.41 2.37
C HIS A 291 37.38 22.45 2.65
N LYS A 292 38.64 22.10 2.41
CA LYS A 292 39.76 22.97 2.77
C LYS A 292 39.98 24.06 1.73
N GLU A 293 39.97 23.69 0.44
CA GLU A 293 40.26 24.67 -0.60
C GLU A 293 39.23 25.78 -0.61
N LEU A 294 37.99 25.48 -0.27
CA LEU A 294 36.93 26.49 -0.23
C LEU A 294 36.61 26.97 1.17
N LYS A 295 37.28 26.45 2.19
CA LYS A 295 37.09 26.89 3.57
C LYS A 295 35.62 26.76 3.99
N ARG A 296 35.03 25.60 3.72
CA ARG A 296 33.63 25.35 4.01
C ARG A 296 33.51 24.16 4.97
N ILE A 297 32.42 24.14 5.74
CA ILE A 297 32.20 23.05 6.69
C ILE A 297 30.71 22.88 6.90
N THR A 298 30.27 21.63 7.06
CA THR A 298 28.90 21.32 7.46
C THR A 298 28.93 20.20 8.49
N VAL A 299 27.83 20.08 9.23
CA VAL A 299 27.58 18.99 10.14
C VAL A 299 26.21 18.42 9.79
N THR A 300 26.18 17.21 9.25
CA THR A 300 24.95 16.54 8.85
C THR A 300 24.87 15.17 9.50
N THR A 301 23.93 14.33 9.07
CA THR A 301 23.73 13.04 9.69
C THR A 301 24.22 11.92 8.77
N TYR A 302 24.25 10.70 9.32
CA TYR A 302 24.64 9.53 8.55
C TYR A 302 23.65 9.26 7.42
N ASN A 303 22.37 9.48 7.68
CA ASN A 303 21.35 9.29 6.65
C ASN A 303 21.60 10.18 5.44
N GLN A 304 22.14 11.39 5.67
CA GLN A 304 22.47 12.25 4.55
C GLN A 304 23.64 11.71 3.73
N PHE A 305 24.62 11.07 4.38
CA PHE A 305 25.68 10.44 3.60
C PHE A 305 25.15 9.26 2.80
N LEU A 306 24.27 8.46 3.41
CA LEU A 306 23.63 7.39 2.66
C LEU A 306 22.85 7.97 1.47
N THR A 307 22.21 9.11 1.67
CA THR A 307 21.46 9.74 0.59
C THR A 307 22.39 10.23 -0.52
N TRP A 308 23.55 10.77 -0.17
CA TRP A 308 24.51 11.17 -1.19
C TRP A 308 24.99 9.97 -1.99
N LYS A 309 25.27 8.87 -1.30
CA LYS A 309 25.65 7.65 -2.00
C LYS A 309 24.54 7.17 -2.92
N ASP A 310 23.29 7.23 -2.44
CA ASP A 310 22.16 6.82 -3.26
C ASP A 310 22.00 7.72 -4.47
N ILE A 311 22.23 9.03 -4.31
CA ILE A 311 22.15 9.96 -5.43
C ILE A 311 23.21 9.63 -6.47
N SER A 312 24.44 9.41 -6.02
CA SER A 312 25.52 9.07 -6.95
C SER A 312 25.21 7.77 -7.67
N LEU A 313 24.69 6.78 -6.94
CA LEU A 313 24.34 5.51 -7.55
C LEU A 313 23.20 5.68 -8.56
N SER A 314 22.20 6.51 -8.22
CA SER A 314 21.08 6.72 -9.11
C SER A 314 21.51 7.39 -10.40
N ARG A 315 22.36 8.40 -10.30
CA ARG A 315 22.85 9.06 -11.50
C ARG A 315 23.76 8.16 -12.31
N LEU A 316 24.57 7.34 -11.63
CA LEU A 316 25.38 6.35 -12.34
C LEU A 316 24.49 5.36 -13.08
N ASN A 317 23.41 4.91 -12.45
CA ASN A 317 22.50 3.97 -13.09
C ASN A 317 21.79 4.61 -14.27
N VAL A 318 21.36 5.86 -14.12
CA VAL A 318 20.71 6.54 -15.24
C VAL A 318 21.66 6.65 -16.41
N CYS A 319 22.91 7.05 -16.14
CA CYS A 319 23.88 7.15 -17.23
C CYS A 319 24.22 5.80 -17.82
N LEU A 320 24.30 4.75 -16.99
CA LEU A 320 24.57 3.41 -17.51
C LEU A 320 23.46 2.95 -18.43
N ILE A 321 22.22 3.08 -17.98
CA ILE A 321 21.08 2.67 -18.80
C ILE A 321 21.04 3.48 -20.08
N THR A 322 21.26 4.80 -19.97
CA THR A 322 21.22 5.66 -21.14
C THR A 322 22.29 5.28 -22.15
N TRP A 323 23.52 5.02 -21.67
CA TRP A 323 24.61 4.67 -22.57
C TRP A 323 24.38 3.30 -23.21
N ILE A 324 23.94 2.32 -22.43
CA ILE A 324 23.65 1.00 -22.98
C ILE A 324 22.56 1.10 -24.03
N SER A 325 21.49 1.82 -23.72
CA SER A 325 20.37 1.95 -24.63
C SER A 325 20.78 2.69 -25.90
N ASN A 326 21.59 3.74 -25.77
CA ASN A 326 22.02 4.47 -26.96
C ASN A 326 22.92 3.62 -27.84
N CYS A 327 23.82 2.84 -27.24
CA CYS A 327 24.65 1.93 -28.04
C CYS A 327 23.80 0.89 -28.74
N LEU A 328 22.82 0.31 -28.03
CA LEU A 328 21.96 -0.70 -28.63
C LEU A 328 21.14 -0.11 -29.77
N ASN A 329 20.57 1.08 -29.55
CA ASN A 329 19.74 1.72 -30.57
C ASN A 329 20.56 2.09 -31.79
N THR A 330 21.77 2.61 -31.58
CA THR A 330 22.67 2.83 -32.71
C THR A 330 22.97 1.53 -33.43
N LEU A 331 23.04 0.43 -32.69
CA LEU A 331 23.21 -0.88 -33.30
C LEU A 331 21.92 -1.37 -33.95
N ASN A 332 20.79 -1.18 -33.29
CA ASN A 332 19.48 -1.59 -33.80
C ASN A 332 18.39 -0.85 -33.06
N LYS A 333 17.50 -0.18 -33.79
CA LYS A 333 16.53 0.72 -33.16
C LYS A 333 15.51 0.00 -32.30
N SER A 334 15.43 -1.33 -32.38
CA SER A 334 14.49 -2.08 -31.57
C SER A 334 15.10 -2.68 -30.32
N LEU A 335 16.43 -2.84 -30.27
CA LEU A 335 17.07 -3.52 -29.15
C LEU A 335 16.92 -2.74 -27.85
N GLY A 336 17.28 -1.47 -27.88
CA GLY A 336 17.29 -0.68 -26.66
C GLY A 336 15.91 -0.30 -26.21
N LEU A 337 15.87 0.55 -25.19
CA LEU A 337 14.60 1.04 -24.69
C LEU A 337 13.95 1.97 -25.71
N ARG A 338 12.66 2.23 -25.50
CA ARG A 338 11.93 3.10 -26.42
C ARG A 338 12.41 4.53 -26.32
N CYS A 339 12.79 4.98 -25.12
CA CYS A 339 13.22 6.35 -24.94
C CYS A 339 14.63 6.56 -25.45
N GLY A 340 14.83 7.64 -26.21
CA GLY A 340 16.15 7.99 -26.68
C GLY A 340 16.66 9.27 -26.03
N PHE A 341 17.62 9.13 -25.13
CA PHE A 341 18.09 10.23 -24.30
C PHE A 341 19.43 10.76 -24.78
N ASN A 342 19.85 11.87 -24.18
CA ASN A 342 21.14 12.49 -24.46
C ASN A 342 21.89 12.64 -23.14
N ASN A 343 23.11 12.08 -23.09
CA ASN A 343 23.85 12.06 -21.83
C ASN A 343 24.25 13.46 -21.39
N VAL A 344 24.68 14.31 -22.33
CA VAL A 344 25.14 15.64 -21.98
C VAL A 344 24.00 16.46 -21.39
N ILE A 345 22.83 16.39 -22.01
CA ILE A 345 21.68 17.14 -21.51
C ILE A 345 21.32 16.67 -20.11
N LEU A 346 21.31 15.35 -19.89
CA LEU A 346 20.97 14.83 -18.58
C LEU A 346 21.96 15.28 -17.53
N THR A 347 23.26 15.29 -17.87
CA THR A 347 24.26 15.81 -16.94
C THR A 347 23.97 17.26 -16.59
N GLN A 348 23.59 18.04 -17.60
CA GLN A 348 23.23 19.44 -17.34
C GLN A 348 22.01 19.53 -16.42
N LEU A 349 21.03 18.63 -16.60
CA LEU A 349 19.89 18.62 -15.69
C LEU A 349 20.32 18.35 -14.25
N PHE A 350 21.20 17.37 -14.04
CA PHE A 350 21.65 17.12 -12.68
C PHE A 350 22.36 18.34 -12.12
N LEU A 351 23.23 18.96 -12.92
CA LEU A 351 23.98 20.11 -12.44
C LEU A 351 23.07 21.27 -12.08
N TYR A 352 22.06 21.54 -12.92
CA TYR A 352 21.17 22.67 -12.66
C TYR A 352 20.23 22.39 -11.50
N GLY A 353 19.77 21.14 -11.34
CA GLY A 353 18.99 20.81 -10.16
C GLY A 353 19.79 20.96 -8.88
N ASP A 354 21.06 20.57 -8.91
CA ASP A 354 21.92 20.77 -7.74
C ASP A 354 22.16 22.26 -7.50
N CYS A 355 22.30 23.05 -8.56
CA CYS A 355 22.44 24.50 -8.41
C CYS A 355 21.20 25.10 -7.79
N ILE A 356 20.02 24.63 -8.19
CA ILE A 356 18.77 25.11 -7.59
C ILE A 356 18.72 24.74 -6.12
N LEU A 357 19.07 23.50 -5.80
CA LEU A 357 19.10 23.07 -4.40
C LEU A 357 20.18 23.78 -3.60
N LYS A 358 21.15 24.38 -4.27
CA LYS A 358 22.21 25.12 -3.59
C LYS A 358 21.82 26.56 -3.34
N LEU A 359 21.25 27.23 -4.34
CA LEU A 359 20.80 28.61 -4.21
C LEU A 359 19.71 28.69 -3.15
N PHE A 360 18.57 28.07 -3.41
CA PHE A 360 17.63 27.79 -2.33
C PHE A 360 18.28 26.80 -1.39
N HIS A 361 17.90 26.86 -0.12
CA HIS A 361 18.36 25.85 0.82
C HIS A 361 17.45 24.64 0.74
N ASN A 362 17.46 23.80 1.77
CA ASN A 362 16.59 22.64 1.89
C ASN A 362 15.21 22.87 1.26
N GLU A 363 14.60 24.03 1.56
CA GLU A 363 13.32 24.39 0.97
C GLU A 363 13.32 24.32 -0.55
N GLY A 364 14.50 24.33 -1.18
CA GLY A 364 14.57 24.20 -2.62
C GLY A 364 13.92 22.96 -3.15
N PHE A 365 13.84 21.90 -2.33
CA PHE A 365 13.17 20.69 -2.78
C PHE A 365 11.72 20.95 -3.16
N TYR A 366 11.09 21.95 -2.52
CA TYR A 366 9.74 22.36 -2.91
C TYR A 366 9.66 22.61 -4.41
N ILE A 367 10.59 23.39 -4.95
CA ILE A 367 10.59 23.64 -6.39
C ILE A 367 10.75 22.34 -7.15
N ILE A 368 11.68 21.49 -6.70
CA ILE A 368 11.86 20.18 -7.34
C ILE A 368 10.57 19.38 -7.24
N LYS A 369 9.83 19.54 -6.14
CA LYS A 369 8.58 18.81 -5.97
C LYS A 369 7.59 19.11 -7.09
N GLU A 370 7.74 20.25 -7.76
CA GLU A 370 6.82 20.63 -8.83
C GLU A 370 7.26 20.17 -10.20
N VAL A 371 8.40 19.47 -10.31
CA VAL A 371 8.93 19.13 -11.62
C VAL A 371 7.90 18.32 -12.42
N GLU A 372 7.22 17.37 -11.76
CA GLU A 372 6.24 16.55 -12.47
C GLU A 372 5.20 17.42 -13.15
N GLY A 373 4.76 18.47 -12.44
CA GLY A 373 3.85 19.42 -13.01
C GLY A 373 4.29 19.81 -14.40
N PHE A 374 5.50 20.38 -14.49
CA PHE A 374 6.03 20.74 -15.79
C PHE A 374 5.98 19.56 -16.74
N ILE A 375 6.53 18.42 -16.30
CA ILE A 375 6.53 17.23 -17.14
C ILE A 375 5.11 16.86 -17.53
N MET A 376 4.19 16.87 -16.56
CA MET A 376 2.80 16.57 -16.88
C MET A 376 2.29 17.51 -17.96
N SER A 377 2.53 18.81 -17.78
CA SER A 377 2.10 19.78 -18.77
C SER A 377 2.68 19.43 -20.14
N LEU A 378 3.97 19.10 -20.17
CA LEU A 378 4.60 18.73 -21.42
C LEU A 378 3.84 17.59 -22.08
N ILE A 379 3.50 16.56 -21.30
CA ILE A 379 2.78 15.42 -21.86
C ILE A 379 1.46 15.88 -22.48
N LEU A 380 0.73 16.76 -21.77
CA LEU A 380 -0.55 17.20 -22.28
C LEU A 380 -0.40 17.92 -23.61
N ASN A 381 0.73 18.59 -23.83
CA ASN A 381 0.91 19.32 -25.07
C ASN A 381 0.98 18.39 -26.28
N ILE A 382 1.15 17.09 -26.08
CA ILE A 382 1.02 16.14 -27.18
C ILE A 382 -0.32 15.41 -27.13
N THR A 383 -0.95 15.29 -25.96
CA THR A 383 -2.12 14.44 -25.81
C THR A 383 -3.42 15.20 -25.62
N GLU A 384 -3.43 16.52 -25.67
CA GLU A 384 -4.60 17.29 -25.30
C GLU A 384 -4.93 18.36 -26.34
N GLU A 385 -6.13 18.92 -26.19
CA GLU A 385 -6.59 20.01 -27.02
C GLU A 385 -6.17 21.35 -26.41
N ASP A 386 -6.62 22.44 -27.03
CA ASP A 386 -6.10 23.76 -26.66
C ASP A 386 -6.52 24.15 -25.25
N GLN A 387 -7.81 24.05 -24.95
CA GLN A 387 -8.33 24.60 -23.70
C GLN A 387 -7.76 23.86 -22.49
N PHE A 388 -7.84 22.52 -22.49
CA PHE A 388 -7.37 21.74 -21.35
C PHE A 388 -5.89 21.95 -21.11
N ARG A 389 -5.09 21.87 -22.19
CA ARG A 389 -3.64 21.96 -22.02
C ARG A 389 -3.23 23.38 -21.63
N LYS A 390 -3.90 24.41 -22.15
CA LYS A 390 -3.57 25.76 -21.75
C LYS A 390 -3.92 26.00 -20.28
N ARG A 391 -5.07 25.50 -19.84
CA ARG A 391 -5.45 25.64 -18.45
C ARG A 391 -4.44 24.94 -17.53
N PHE A 392 -4.04 23.72 -17.91
CA PHE A 392 -3.08 22.99 -17.09
C PHE A 392 -1.73 23.68 -17.08
N TYR A 393 -1.29 24.20 -18.23
CA TYR A 393 0.00 24.90 -18.28
C TYR A 393 -0.01 26.14 -17.39
N ASN A 394 -1.11 26.90 -17.43
CA ASN A 394 -1.19 28.09 -16.58
C ASN A 394 -1.21 27.74 -15.11
N SER A 395 -1.99 26.73 -14.72
CA SER A 395 -2.01 26.33 -13.32
C SER A 395 -0.66 25.76 -12.89
N MET A 396 0.03 25.07 -13.79
CA MET A 396 1.37 24.57 -13.53
C MET A 396 2.35 25.71 -13.25
N LEU A 397 2.34 26.74 -14.10
CA LEU A 397 3.24 27.86 -13.88
C LEU A 397 2.93 28.57 -12.57
N ASN A 398 1.64 28.75 -12.28
CA ASN A 398 1.26 29.38 -11.01
C ASN A 398 1.76 28.55 -9.84
N ASN A 399 1.62 27.22 -9.92
CA ASN A 399 2.07 26.35 -8.83
C ASN A 399 3.58 26.44 -8.65
N ILE A 400 4.33 26.39 -9.75
CA ILE A 400 5.79 26.40 -9.66
C ILE A 400 6.27 27.71 -9.04
N THR A 401 5.73 28.84 -9.51
CA THR A 401 6.21 30.11 -9.00
C THR A 401 5.73 30.38 -7.58
N ASP A 402 4.52 29.94 -7.22
CA ASP A 402 4.09 30.06 -5.83
C ASP A 402 4.95 29.19 -4.91
N ALA A 403 5.34 28.00 -5.37
CA ALA A 403 6.27 27.18 -4.60
C ALA A 403 7.60 27.87 -4.42
N ALA A 404 8.11 28.50 -5.49
CA ALA A 404 9.39 29.21 -5.39
C ALA A 404 9.31 30.37 -4.40
N ASN A 405 8.22 31.14 -4.46
CA ASN A 405 8.06 32.25 -3.53
C ASN A 405 7.92 31.77 -2.10
N LYS A 406 7.17 30.68 -1.88
CA LYS A 406 7.04 30.12 -0.54
C LYS A 406 8.38 29.64 -0.02
N ALA A 407 9.17 28.99 -0.88
CA ALA A 407 10.50 28.51 -0.47
C ALA A 407 11.39 29.68 -0.09
N GLN A 408 11.39 30.74 -0.89
CA GLN A 408 12.21 31.90 -0.58
C GLN A 408 11.80 32.53 0.74
N LYS A 409 10.50 32.72 0.95
CA LYS A 409 10.02 33.29 2.19
C LYS A 409 10.40 32.43 3.38
N ASN A 410 10.22 31.11 3.25
CA ASN A 410 10.52 30.21 4.37
C ASN A 410 11.99 30.22 4.71
N LEU A 411 12.87 30.15 3.71
CA LEU A 411 14.30 30.11 4.02
C LEU A 411 14.77 31.43 4.61
N LEU A 412 14.27 32.55 4.09
CA LEU A 412 14.65 33.84 4.65
C LEU A 412 14.15 34.01 6.08
N SER A 413 12.96 33.49 6.39
CA SER A 413 12.45 33.56 7.75
C SER A 413 13.08 32.53 8.68
N ARG A 414 13.69 31.48 8.13
CA ARG A 414 14.29 30.42 8.92
C ARG A 414 15.75 30.72 9.28
N VAL A 415 16.50 31.29 8.35
CA VAL A 415 17.93 31.54 8.57
C VAL A 415 18.13 32.90 9.20
N CYS A 416 17.05 33.51 9.72
CA CYS A 416 17.13 34.86 10.23
C CYS A 416 18.12 34.97 11.38
N HIS A 417 18.07 34.03 12.32
CA HIS A 417 18.86 34.11 13.54
C HIS A 417 19.78 32.90 13.73
N THR A 418 19.98 32.11 12.70
CA THR A 418 20.81 30.92 12.80
C THR A 418 22.26 31.29 12.49
N LEU A 419 23.13 30.30 12.33
CA LEU A 419 24.51 30.51 11.92
C LEU A 419 24.67 30.53 10.41
N LEU A 420 23.58 30.34 9.66
CA LEU A 420 23.60 30.34 8.21
C LEU A 420 23.02 31.62 7.62
N ASP A 421 22.89 32.67 8.43
CA ASP A 421 22.29 33.92 7.93
C ASP A 421 23.14 34.55 6.84
N LYS A 422 24.45 34.31 6.84
CA LYS A 422 25.32 34.83 5.80
C LYS A 422 25.37 33.94 4.57
N THR A 423 24.73 32.77 4.62
CA THR A 423 24.84 31.81 3.53
C THR A 423 23.86 32.05 2.39
N VAL A 424 22.88 32.93 2.58
CA VAL A 424 21.87 33.14 1.55
C VAL A 424 22.49 33.85 0.37
N SER A 425 22.28 33.30 -0.83
CA SER A 425 22.84 33.90 -2.03
C SER A 425 22.19 35.26 -2.29
N ASP A 426 22.94 36.12 -2.97
CA ASP A 426 22.40 37.41 -3.38
C ASP A 426 21.38 37.27 -4.51
N ASN A 427 21.34 36.12 -5.18
CA ASN A 427 20.37 35.85 -6.23
C ASN A 427 19.02 35.43 -5.69
N ILE A 428 18.92 35.18 -4.39
CA ILE A 428 17.62 34.93 -3.77
C ILE A 428 16.98 36.25 -3.33
N ILE A 429 17.79 37.19 -2.83
CA ILE A 429 17.28 38.46 -2.34
C ILE A 429 16.69 39.28 -3.50
N ASN A 430 17.41 39.37 -4.61
CA ASN A 430 17.02 40.22 -5.72
C ASN A 430 16.13 39.49 -6.73
N GLY A 431 15.78 38.24 -6.45
CA GLY A 431 14.87 37.52 -7.33
C GLY A 431 15.45 37.10 -8.65
N ARG A 432 16.78 37.00 -8.75
CA ARG A 432 17.40 36.55 -9.98
C ARG A 432 17.24 35.05 -10.22
N TRP A 433 16.80 34.29 -9.21
CA TRP A 433 16.60 32.86 -9.38
C TRP A 433 15.65 32.56 -10.53
N ILE A 434 14.71 33.47 -10.82
CA ILE A 434 13.75 33.26 -11.89
C ILE A 434 14.43 33.02 -13.21
N ILE A 435 15.68 33.48 -13.37
CA ILE A 435 16.45 33.13 -14.55
C ILE A 435 16.83 31.66 -14.52
N LEU A 436 17.57 31.27 -13.46
CA LEU A 436 18.11 29.91 -13.37
C LEU A 436 17.02 28.87 -13.50
N LEU A 437 15.96 29.01 -12.70
CA LEU A 437 14.84 28.08 -12.77
C LEU A 437 14.35 27.93 -14.19
N SER A 438 14.16 29.05 -14.90
CA SER A 438 13.71 28.98 -16.28
C SER A 438 14.62 28.07 -17.10
N LYS A 439 15.93 28.29 -17.01
CA LYS A 439 16.86 27.45 -17.76
C LYS A 439 16.66 25.99 -17.41
N PHE A 440 16.52 25.68 -16.13
CA PHE A 440 16.29 24.30 -15.71
C PHE A 440 15.10 23.72 -16.47
N LEU A 441 13.97 24.44 -16.46
CA LEU A 441 12.80 23.94 -17.14
C LEU A 441 13.07 23.76 -18.63
N LYS A 442 13.79 24.70 -19.25
CA LYS A 442 14.14 24.54 -20.64
C LYS A 442 14.84 23.21 -20.88
N LEU A 443 15.79 22.87 -20.01
CA LEU A 443 16.51 21.62 -20.16
C LEU A 443 15.56 20.43 -20.13
N ILE A 444 14.59 20.46 -19.22
CA ILE A 444 13.63 19.37 -19.16
C ILE A 444 12.91 19.23 -20.48
N LYS A 445 12.50 20.36 -21.06
CA LYS A 445 11.88 20.31 -22.38
C LYS A 445 12.82 19.70 -23.39
N LEU A 446 14.09 20.12 -23.36
CA LEU A 446 15.09 19.52 -24.24
C LEU A 446 15.26 18.03 -23.94
N ALA A 447 15.14 17.66 -22.66
CA ALA A 447 15.16 16.24 -22.33
C ALA A 447 13.92 15.52 -22.83
N GLY A 448 12.78 16.21 -22.85
CA GLY A 448 11.58 15.59 -23.39
C GLY A 448 11.64 15.36 -24.87
N ASP A 449 12.20 16.32 -25.61
CA ASP A 449 12.30 16.24 -27.07
C ASP A 449 10.93 15.97 -27.70
N ASN A 450 9.91 16.65 -27.17
CA ASN A 450 8.51 16.53 -27.60
C ASN A 450 8.13 15.09 -27.89
N ASN A 451 8.56 14.18 -27.04
CA ASN A 451 8.32 12.75 -27.20
C ASN A 451 7.65 12.22 -25.95
N LEU A 452 6.66 11.34 -26.14
CA LEU A 452 5.98 10.75 -25.00
C LEU A 452 6.86 9.76 -24.25
N ASN A 453 7.73 9.03 -24.96
CA ASN A 453 8.60 8.06 -24.30
C ASN A 453 9.56 8.76 -23.35
N ASN A 454 10.27 9.78 -23.83
CA ASN A 454 11.20 10.50 -22.97
C ASN A 454 10.48 11.21 -21.85
N LEU A 455 9.35 11.85 -22.15
CA LEU A 455 8.61 12.58 -21.13
C LEU A 455 7.97 11.66 -20.10
N SER A 456 7.78 10.39 -20.43
CA SER A 456 7.30 9.42 -19.45
C SER A 456 8.44 8.84 -18.63
N GLU A 457 9.58 8.56 -19.26
CA GLU A 457 10.72 8.05 -18.52
C GLU A 457 11.31 9.10 -17.60
N LEU A 458 11.13 10.38 -17.92
CA LEU A 458 11.71 11.49 -17.18
C LEU A 458 11.16 11.63 -15.80
N TYR A 459 10.33 10.73 -15.30
CA TYR A 459 9.82 10.84 -13.94
C TYR A 459 10.83 10.43 -12.89
N PHE A 460 12.03 9.98 -13.27
CA PHE A 460 13.05 9.69 -12.28
C PHE A 460 13.66 10.95 -11.69
N LEU A 461 13.35 12.12 -12.27
CA LEU A 461 13.99 13.35 -11.82
C LEU A 461 13.68 13.66 -10.37
N PHE A 462 12.52 13.23 -9.87
CA PHE A 462 12.21 13.40 -8.45
C PHE A 462 13.20 12.69 -7.54
N ARG A 463 13.82 11.60 -7.99
CA ARG A 463 14.61 10.75 -7.11
C ARG A 463 16.11 10.97 -7.21
N ILE A 464 16.60 11.52 -8.32
CA ILE A 464 18.03 11.65 -8.54
C ILE A 464 18.57 12.87 -7.81
N PHE A 465 17.67 13.71 -7.28
CA PHE A 465 18.06 14.91 -6.57
C PHE A 465 18.01 14.73 -5.06
N GLY A 466 17.82 13.51 -4.58
CA GLY A 466 17.84 13.25 -3.16
C GLY A 466 16.55 13.62 -2.48
N HIS A 467 16.53 13.38 -1.18
CA HIS A 467 15.34 13.59 -0.39
C HIS A 467 15.51 14.82 0.50
N PRO A 468 14.43 15.57 0.74
CA PRO A 468 14.56 16.77 1.56
C PRO A 468 14.76 16.44 3.03
N MET A 469 15.54 17.29 3.69
CA MET A 469 15.71 17.20 5.14
C MET A 469 14.39 17.60 5.77
N VAL A 470 13.58 16.62 6.14
CA VAL A 470 12.20 16.86 6.51
C VAL A 470 12.14 17.42 7.92
N ASP A 471 11.49 18.58 8.06
CA ASP A 471 11.16 19.10 9.37
C ASP A 471 9.85 18.49 9.85
N GLU A 472 9.81 18.14 11.13
CA GLU A 472 8.65 17.47 11.70
C GLU A 472 7.67 18.45 12.36
N ARG A 473 8.20 19.35 13.19
CA ARG A 473 7.36 20.32 13.88
C ARG A 473 6.59 21.17 12.88
N GLN A 474 7.29 21.67 11.85
CA GLN A 474 6.64 22.53 10.87
C GLN A 474 5.57 21.76 10.08
N ALA A 475 5.86 20.53 9.70
CA ALA A 475 4.88 19.76 8.94
C ALA A 475 3.62 19.51 9.75
N MET A 476 3.78 19.12 11.02
CA MET A 476 2.56 18.82 11.76
C MET A 476 1.85 20.09 12.22
N ASP A 477 2.54 21.22 12.32
CA ASP A 477 1.85 22.49 12.52
C ASP A 477 1.03 22.88 11.29
N ALA A 478 1.58 22.65 10.10
CA ALA A 478 0.81 22.89 8.89
C ALA A 478 -0.44 22.02 8.85
N VAL A 479 -0.31 20.77 9.30
CA VAL A 479 -1.49 19.91 9.42
C VAL A 479 -2.48 20.48 10.43
N LYS A 480 -1.98 20.93 11.58
CA LYS A 480 -2.85 21.49 12.62
C LYS A 480 -3.66 22.66 12.08
N ILE A 481 -3.05 23.48 11.21
CA ILE A 481 -3.76 24.64 10.68
C ILE A 481 -5.07 24.21 10.01
N ASN A 482 -5.04 23.11 9.28
CA ASN A 482 -6.22 22.58 8.59
C ASN A 482 -7.02 21.60 9.43
N CYS A 483 -6.53 21.20 10.60
CA CYS A 483 -7.21 20.19 11.40
C CYS A 483 -7.87 20.71 12.68
N ASN A 484 -7.82 22.01 12.94
CA ASN A 484 -8.59 22.60 14.02
C ASN A 484 -9.77 23.43 13.53
N GLU A 485 -9.87 23.64 12.23
CA GLU A 485 -10.88 24.52 11.67
C GLU A 485 -12.28 23.96 11.91
N THR A 486 -13.21 24.84 12.25
CA THR A 486 -14.61 24.48 12.39
C THR A 486 -15.26 24.45 11.02
N LYS A 487 -16.03 23.41 10.76
CA LYS A 487 -16.70 23.21 9.49
C LYS A 487 -18.20 23.36 9.67
N PHE A 488 -18.84 24.04 8.73
CA PHE A 488 -20.28 24.29 8.77
C PHE A 488 -20.97 23.47 7.70
N TYR A 489 -21.98 22.72 8.10
CA TYR A 489 -22.64 21.75 7.24
C TYR A 489 -24.12 22.08 7.11
N LEU A 490 -24.65 21.90 5.91
CA LEU A 490 -26.08 21.98 5.67
C LEU A 490 -26.70 20.62 5.96
N LEU A 491 -27.69 20.59 6.85
CA LEU A 491 -28.29 19.33 7.26
C LEU A 491 -28.82 18.54 6.07
N SER A 492 -29.31 19.24 5.05
CA SER A 492 -29.72 18.56 3.83
C SER A 492 -28.54 17.89 3.13
N SER A 493 -27.37 18.53 3.12
CA SER A 493 -26.21 17.92 2.49
C SER A 493 -25.75 16.67 3.23
N LEU A 494 -25.74 16.72 4.57
CA LEU A 494 -25.41 15.53 5.35
C LEU A 494 -26.41 14.42 5.11
N SER A 495 -27.71 14.77 5.07
CA SER A 495 -28.72 13.76 4.81
C SER A 495 -28.54 13.15 3.43
N MET A 496 -28.20 13.97 2.43
CA MET A 496 -28.00 13.45 1.09
C MET A 496 -26.80 12.51 1.04
N LEU A 497 -25.71 12.86 1.71
CA LEU A 497 -24.53 12.00 1.71
C LEU A 497 -24.82 10.67 2.40
N ARG A 498 -25.48 10.72 3.57
CA ARG A 498 -25.82 9.49 4.27
C ARG A 498 -26.81 8.65 3.45
N GLY A 499 -27.74 9.30 2.78
CA GLY A 499 -28.69 8.56 1.95
C GLY A 499 -28.02 7.91 0.76
N ALA A 500 -27.05 8.58 0.15
CA ALA A 500 -26.30 7.97 -0.94
C ALA A 500 -25.51 6.77 -0.45
N PHE A 501 -24.90 6.89 0.73
CA PHE A 501 -24.19 5.77 1.33
C PHE A 501 -25.14 4.59 1.57
N ILE A 502 -26.30 4.86 2.16
CA ILE A 502 -27.25 3.79 2.45
C ILE A 502 -27.79 3.18 1.17
N TYR A 503 -28.00 4.01 0.15
CA TYR A 503 -28.48 3.49 -1.12
C TYR A 503 -27.44 2.57 -1.76
N ARG A 504 -26.16 2.93 -1.66
CA ARG A 504 -25.13 2.05 -2.20
C ARG A 504 -25.05 0.75 -1.39
N ILE A 505 -25.24 0.83 -0.07
CA ILE A 505 -25.28 -0.39 0.75
C ILE A 505 -26.42 -1.29 0.31
N ILE A 506 -27.61 -0.71 0.10
CA ILE A 506 -28.78 -1.49 -0.29
C ILE A 506 -28.58 -2.09 -1.67
N LYS A 507 -28.03 -1.31 -2.60
CA LYS A 507 -27.78 -1.82 -3.94
C LYS A 507 -26.78 -2.97 -3.91
N GLY A 508 -25.73 -2.85 -3.10
CA GLY A 508 -24.77 -3.95 -2.99
C GLY A 508 -25.38 -5.20 -2.39
N PHE A 509 -26.20 -5.04 -1.34
CA PHE A 509 -26.90 -6.16 -0.75
C PHE A 509 -27.77 -6.87 -1.78
N VAL A 510 -28.60 -6.10 -2.50
CA VAL A 510 -29.51 -6.69 -3.46
C VAL A 510 -28.76 -7.36 -4.61
N ASN A 511 -27.67 -6.76 -5.07
CA ASN A 511 -26.91 -7.36 -6.16
C ASN A 511 -26.18 -8.62 -5.71
N ASN A 512 -25.74 -8.66 -4.45
CA ASN A 512 -24.94 -9.77 -3.94
C ASN A 512 -25.79 -10.80 -3.19
N TYR A 513 -26.50 -10.37 -2.17
CA TYR A 513 -27.28 -11.26 -1.32
C TYR A 513 -28.72 -11.41 -1.78
N ASN A 514 -29.10 -10.71 -2.85
CA ASN A 514 -30.46 -10.78 -3.40
C ASN A 514 -31.51 -10.50 -2.33
N ARG A 515 -31.22 -9.52 -1.47
CA ARG A 515 -32.09 -9.25 -0.33
C ARG A 515 -31.77 -7.87 0.23
N TRP A 516 -32.80 -7.20 0.71
CA TRP A 516 -32.64 -5.97 1.47
C TRP A 516 -32.15 -6.28 2.87
N PRO A 517 -31.24 -5.47 3.41
CA PRO A 517 -30.89 -5.61 4.82
C PRO A 517 -32.11 -5.40 5.69
N THR A 518 -32.24 -6.20 6.73
CA THR A 518 -33.44 -6.18 7.55
C THR A 518 -33.47 -4.89 8.36
N LEU A 519 -34.30 -3.95 7.92
CA LEU A 519 -34.46 -2.68 8.62
C LEU A 519 -35.22 -2.91 9.92
N ARG A 520 -34.91 -2.08 10.92
CA ARG A 520 -35.61 -2.14 12.19
C ARG A 520 -36.68 -1.07 12.32
N ASN A 521 -36.71 -0.09 11.41
CA ASN A 521 -37.73 0.94 11.41
C ASN A 521 -38.23 1.15 9.98
N ALA A 522 -38.58 0.06 9.30
CA ALA A 522 -38.99 0.11 7.91
C ALA A 522 -40.25 0.92 7.67
N ILE A 523 -40.88 1.46 8.73
CA ILE A 523 -42.07 2.27 8.56
C ILE A 523 -41.75 3.58 7.84
N VAL A 524 -40.48 3.98 7.83
CA VAL A 524 -40.11 5.26 7.26
C VAL A 524 -40.38 5.30 5.76
N LEU A 525 -40.12 4.20 5.07
CA LEU A 525 -40.33 4.12 3.63
C LEU A 525 -41.80 4.41 3.30
N PRO A 526 -42.11 5.54 2.65
CA PRO A 526 -43.51 6.00 2.64
C PRO A 526 -44.50 5.08 1.95
N LEU A 527 -44.41 4.97 0.62
CA LEU A 527 -45.29 4.04 -0.10
C LEU A 527 -44.54 3.26 -1.16
N ARG A 528 -43.63 3.93 -1.87
CA ARG A 528 -42.96 3.30 -3.00
C ARG A 528 -41.71 2.57 -2.56
N TRP A 529 -40.96 3.15 -1.63
CA TRP A 529 -39.81 2.44 -1.08
C TRP A 529 -40.25 1.21 -0.31
N LEU A 530 -41.44 1.22 0.28
CA LEU A 530 -41.97 0.00 0.86
C LEU A 530 -42.21 -1.07 -0.19
N THR A 531 -42.71 -0.67 -1.37
CA THR A 531 -42.85 -1.64 -2.46
C THR A 531 -41.49 -2.16 -2.91
N TYR A 532 -40.49 -1.27 -3.00
CA TYR A 532 -39.14 -1.71 -3.34
C TYR A 532 -38.60 -2.70 -2.32
N TYR A 533 -38.89 -2.46 -1.03
CA TYR A 533 -38.42 -3.34 0.03
C TYR A 533 -39.12 -4.70 -0.03
N LYS A 534 -40.44 -4.71 -0.18
CA LYS A 534 -41.17 -5.97 -0.18
C LYS A 534 -40.85 -6.80 -1.41
N LEU A 535 -40.59 -6.16 -2.55
CA LEU A 535 -40.25 -6.87 -3.77
C LEU A 535 -38.75 -7.10 -3.92
N ASN A 536 -37.94 -6.58 -3.00
CA ASN A 536 -36.48 -6.74 -3.02
C ASN A 536 -35.89 -6.26 -4.34
N THR A 537 -36.14 -4.99 -4.64
CA THR A 537 -35.62 -4.36 -5.84
C THR A 537 -35.25 -2.92 -5.51
N TYR A 538 -34.32 -2.36 -6.28
CA TYR A 538 -33.87 -1.00 -6.07
C TYR A 538 -34.01 -0.19 -7.34
N PRO A 539 -34.34 1.10 -7.23
CA PRO A 539 -34.45 1.94 -8.42
C PRO A 539 -33.09 2.24 -9.00
N SER A 540 -33.03 2.40 -10.32
CA SER A 540 -31.79 2.76 -10.97
C SER A 540 -31.40 4.19 -10.61
N LEU A 541 -30.14 4.53 -10.89
CA LEU A 541 -29.64 5.85 -10.54
C LEU A 541 -30.39 6.95 -11.29
N LEU A 542 -30.72 6.71 -12.55
CA LEU A 542 -31.45 7.70 -13.35
C LEU A 542 -32.89 7.88 -12.90
N GLU A 543 -33.46 6.92 -12.16
CA GLU A 543 -34.79 7.05 -11.59
C GLU A 543 -34.75 7.63 -10.18
N LEU A 544 -33.57 8.01 -9.71
CA LEU A 544 -33.36 8.48 -8.34
C LEU A 544 -33.50 10.00 -8.27
N THR A 545 -33.95 10.48 -7.12
CA THR A 545 -34.09 11.91 -6.86
C THR A 545 -33.44 12.23 -5.52
N GLU A 546 -33.23 13.54 -5.28
CA GLU A 546 -32.69 13.99 -4.01
C GLU A 546 -33.64 13.67 -2.87
N ARG A 547 -34.95 13.82 -3.12
CA ARG A 547 -35.96 13.44 -2.14
C ARG A 547 -35.77 12.01 -1.67
N ASP A 548 -35.49 11.11 -2.61
CA ASP A 548 -35.33 9.70 -2.28
C ASP A 548 -34.14 9.49 -1.35
N LEU A 549 -33.03 10.19 -1.61
CA LEU A 549 -31.86 10.05 -0.75
C LEU A 549 -32.11 10.61 0.64
N ILE A 550 -32.80 11.75 0.73
CA ILE A 550 -33.11 12.28 2.05
C ILE A 550 -34.04 11.33 2.80
N VAL A 551 -34.94 10.64 2.08
CA VAL A 551 -35.80 9.65 2.73
C VAL A 551 -35.00 8.46 3.21
N LEU A 552 -34.08 7.96 2.36
CA LEU A 552 -33.25 6.82 2.72
C LEU A 552 -32.35 7.14 3.91
N SER A 553 -31.97 8.41 4.08
CA SER A 553 -31.10 8.81 5.17
C SER A 553 -31.65 8.49 6.54
N GLY A 554 -32.90 8.04 6.65
CA GLY A 554 -33.52 7.75 7.93
C GLY A 554 -33.60 6.29 8.30
N LEU A 555 -33.09 5.39 7.46
CA LEU A 555 -33.21 3.97 7.71
C LEU A 555 -32.18 3.48 8.71
N ARG A 556 -32.59 2.56 9.58
CA ARG A 556 -31.70 1.86 10.49
C ARG A 556 -31.81 0.37 10.23
N PHE A 557 -30.68 -0.32 10.31
CA PHE A 557 -30.60 -1.73 9.97
C PHE A 557 -30.48 -2.59 11.23
N TYR A 558 -30.49 -3.90 11.00
CA TYR A 558 -30.16 -4.89 12.02
C TYR A 558 -28.77 -5.45 11.74
N ARG A 559 -28.16 -6.03 12.78
CA ARG A 559 -26.85 -6.64 12.64
C ARG A 559 -26.86 -7.65 11.51
N GLU A 560 -26.10 -7.38 10.45
CA GLU A 560 -26.06 -8.23 9.28
C GLU A 560 -24.69 -8.84 9.02
N PHE A 561 -23.71 -8.56 9.86
CA PHE A 561 -22.37 -9.11 9.69
C PHE A 561 -21.85 -9.60 11.02
N ARG A 562 -20.74 -10.34 10.96
CA ARG A 562 -20.21 -11.07 12.10
C ARG A 562 -18.89 -10.45 12.54
N LEU A 563 -18.73 -10.28 13.85
CA LEU A 563 -17.49 -9.79 14.42
C LEU A 563 -16.69 -10.95 14.96
N PRO A 564 -15.47 -11.20 14.47
CA PRO A 564 -14.72 -12.38 14.91
C PRO A 564 -14.39 -12.31 16.40
N LYS A 565 -14.69 -13.39 17.11
CA LYS A 565 -14.47 -13.43 18.55
C LYS A 565 -12.99 -13.61 18.89
N LYS A 566 -12.28 -14.43 18.12
CA LYS A 566 -10.88 -14.74 18.38
C LYS A 566 -10.02 -13.93 17.42
N VAL A 567 -9.11 -13.13 17.97
CA VAL A 567 -8.36 -12.18 17.17
C VAL A 567 -7.38 -12.91 16.28
N ASP A 568 -7.37 -12.55 14.99
CA ASP A 568 -6.37 -13.06 14.07
C ASP A 568 -5.01 -12.46 14.43
N LEU A 569 -4.03 -13.32 14.67
CA LEU A 569 -2.69 -12.86 15.04
C LEU A 569 -1.84 -12.51 13.83
N GLU A 570 -2.31 -12.74 12.61
CA GLU A 570 -1.57 -12.36 11.43
C GLU A 570 -1.79 -10.91 11.03
N MET A 571 -2.79 -10.25 11.60
CA MET A 571 -3.07 -8.86 11.27
C MET A 571 -2.53 -7.88 12.29
N ILE A 572 -2.33 -8.31 13.54
CA ILE A 572 -1.89 -7.42 14.60
C ILE A 572 -0.41 -7.59 14.93
N ILE A 573 0.32 -8.36 14.13
CA ILE A 573 1.73 -8.64 14.37
C ILE A 573 2.54 -8.17 13.18
N ASN A 574 3.54 -7.32 13.42
CA ASN A 574 4.41 -6.84 12.35
C ASN A 574 5.69 -6.29 12.97
N ASP A 575 6.70 -6.12 12.11
CA ASP A 575 8.00 -5.60 12.52
C ASP A 575 8.03 -4.07 12.45
N LYS A 576 7.07 -3.44 13.13
CA LYS A 576 6.96 -1.99 13.16
C LYS A 576 6.94 -1.52 14.60
N ALA A 577 7.38 -0.28 14.82
CA ALA A 577 7.39 0.28 16.15
C ALA A 577 5.97 0.59 16.60
N ILE A 578 5.79 0.71 17.91
CA ILE A 578 4.51 1.05 18.51
C ILE A 578 4.74 2.22 19.45
N SER A 579 3.77 3.12 19.51
CA SER A 579 3.89 4.25 20.42
C SER A 579 3.77 3.77 21.86
N PRO A 580 4.59 4.28 22.77
CA PRO A 580 4.40 3.99 24.18
C PRO A 580 3.12 4.61 24.69
N PRO A 581 2.60 4.17 25.83
CA PRO A 581 1.41 4.82 26.39
C PRO A 581 1.62 6.30 26.65
N LYS A 582 0.57 7.02 27.00
CA LYS A 582 0.71 8.45 27.26
C LYS A 582 1.68 8.70 28.42
N ASN A 583 1.46 8.03 29.55
CA ASN A 583 2.29 8.25 30.72
C ASN A 583 3.76 7.91 30.46
N LEU A 584 4.05 7.07 29.49
CA LEU A 584 5.42 6.69 29.17
C LEU A 584 5.91 7.33 27.88
N ILE A 585 5.18 8.31 27.34
CA ILE A 585 5.59 8.89 26.07
C ILE A 585 6.95 9.54 26.16
N TRP A 586 7.31 10.07 27.34
CA TRP A 586 8.60 10.70 27.52
C TRP A 586 9.75 9.75 27.28
N THR A 587 9.50 8.44 27.32
CA THR A 587 10.57 7.50 27.03
C THR A 587 10.96 7.48 25.58
N SER A 588 10.30 8.24 24.69
CA SER A 588 10.72 8.27 23.30
C SER A 588 11.86 9.23 23.04
N PHE A 589 12.25 10.04 24.04
CA PHE A 589 13.29 11.05 23.89
C PHE A 589 14.48 10.69 24.77
N PRO A 590 15.70 11.08 24.36
CA PRO A 590 16.88 10.72 25.15
C PRO A 590 16.81 11.26 26.56
N ARG A 591 17.38 10.50 27.50
CA ARG A 591 17.36 10.90 28.90
C ARG A 591 18.08 12.22 29.13
N ASN A 592 19.06 12.56 28.30
CA ASN A 592 19.73 13.85 28.42
C ASN A 592 18.78 15.00 28.11
N TYR A 593 17.95 14.85 27.08
CA TYR A 593 17.06 15.93 26.65
C TYR A 593 15.91 16.17 27.60
N MET A 594 15.70 15.33 28.55
CA MET A 594 14.58 15.55 29.43
C MET A 594 15.03 16.14 30.76
N PRO A 595 14.19 16.98 31.37
CA PRO A 595 14.56 17.58 32.66
C PRO A 595 14.58 16.54 33.77
N SER A 596 15.07 16.97 34.94
CA SER A 596 15.23 16.06 36.06
C SER A 596 13.88 15.51 36.52
N HIS A 597 12.86 16.38 36.60
CA HIS A 597 11.57 15.93 37.06
C HIS A 597 10.95 14.92 36.11
N ILE A 598 11.14 15.10 34.80
CA ILE A 598 10.63 14.13 33.83
C ILE A 598 11.32 12.79 34.00
N GLN A 599 12.63 12.79 34.21
CA GLN A 599 13.35 11.54 34.39
C GLN A 599 12.90 10.82 35.67
N ASN A 600 12.73 11.57 36.76
CA ASN A 600 12.25 10.94 38.00
C ASN A 600 10.84 10.38 37.83
N TYR A 601 9.97 11.12 37.15
CA TYR A 601 8.62 10.64 36.89
C TYR A 601 8.63 9.39 36.02
N ILE A 602 9.49 9.35 35.00
CA ILE A 602 9.58 8.18 34.15
C ILE A 602 10.05 6.96 34.94
N GLU A 603 11.07 7.15 35.77
CA GLU A 603 11.56 6.04 36.58
C GLU A 603 10.53 5.58 37.61
N HIS A 604 9.71 6.48 38.13
CA HIS A 604 8.68 6.10 39.08
C HIS A 604 7.42 5.57 38.42
N GLU A 605 7.24 5.78 37.12
CA GLU A 605 6.07 5.27 36.41
C GLU A 605 6.34 3.99 35.65
N LYS A 606 7.60 3.70 35.31
CA LYS A 606 7.89 2.41 34.68
C LYS A 606 7.61 1.25 35.62
N LEU A 607 7.50 1.51 36.92
CA LEU A 607 7.17 0.49 37.91
C LEU A 607 5.68 0.31 38.10
N LYS A 608 4.86 1.09 37.40
CA LYS A 608 3.41 0.94 37.44
C LYS A 608 2.81 0.39 36.16
N PHE A 609 3.61 0.24 35.10
CA PHE A 609 3.15 -0.26 33.82
C PHE A 609 3.70 -1.66 33.58
N SER A 610 2.85 -2.52 33.01
CA SER A 610 3.30 -3.87 32.68
C SER A 610 4.37 -3.82 31.61
N GLU A 611 5.14 -4.91 31.52
CA GLU A 611 6.26 -4.93 30.59
C GLU A 611 5.79 -4.78 29.16
N SER A 612 4.61 -5.33 28.83
CA SER A 612 4.09 -5.21 27.47
C SER A 612 3.91 -3.75 27.07
N ASP A 613 3.45 -2.91 27.99
CA ASP A 613 3.29 -1.49 27.69
C ASP A 613 4.63 -0.84 27.36
N LYS A 614 5.66 -1.13 28.15
CA LYS A 614 6.97 -0.54 27.92
C LYS A 614 7.77 -1.36 26.92
N SER A 615 7.25 -1.51 25.71
CA SER A 615 7.84 -2.40 24.72
C SER A 615 8.42 -1.68 23.51
N ARG A 616 7.77 -0.62 23.03
CA ARG A 616 8.30 0.25 21.98
C ARG A 616 8.26 -0.43 20.62
N ARG A 617 7.91 -1.72 20.58
CA ARG A 617 7.76 -2.44 19.32
C ARG A 617 6.55 -3.35 19.40
N VAL A 618 5.91 -3.56 18.26
CA VAL A 618 4.67 -4.33 18.22
C VAL A 618 4.94 -5.80 18.55
N LEU A 619 5.93 -6.39 17.89
CA LEU A 619 6.25 -7.79 18.13
C LEU A 619 6.68 -8.00 19.58
N GLU A 620 7.49 -7.09 20.11
CA GLU A 620 7.85 -7.13 21.52
C GLU A 620 6.65 -6.82 22.41
N TYR A 621 5.71 -6.00 21.92
CA TYR A 621 4.51 -5.71 22.70
C TYR A 621 3.69 -6.96 22.93
N TYR A 622 3.57 -7.80 21.91
CA TYR A 622 2.72 -8.98 22.02
C TYR A 622 3.46 -10.18 22.59
N LEU A 623 4.74 -10.35 22.23
CA LEU A 623 5.51 -11.47 22.77
C LEU A 623 5.65 -11.39 24.28
N ARG A 624 5.66 -10.18 24.82
CA ARG A 624 5.84 -9.96 26.25
C ARG A 624 4.52 -9.80 26.99
N ASP A 625 3.40 -10.02 26.32
CA ASP A 625 2.09 -9.88 26.93
C ASP A 625 1.75 -11.18 27.63
N ASN A 626 1.95 -11.23 28.94
CA ASN A 626 1.73 -12.42 29.74
C ASN A 626 0.29 -12.56 30.20
N LYS A 627 -0.56 -11.59 29.87
CA LYS A 627 -1.99 -11.67 30.17
C LYS A 627 -2.80 -11.67 28.89
N PHE A 628 -2.22 -12.18 27.81
CA PHE A 628 -2.89 -12.19 26.52
C PHE A 628 -4.09 -13.13 26.55
N ASN A 629 -5.15 -12.72 25.87
CA ASN A 629 -6.34 -13.53 25.69
C ASN A 629 -6.70 -13.55 24.21
N GLU A 630 -7.32 -14.63 23.77
CA GLU A 630 -7.70 -14.74 22.37
C GLU A 630 -8.88 -13.85 22.03
N CYS A 631 -9.66 -13.43 23.02
CA CYS A 631 -10.87 -12.64 22.80
C CYS A 631 -10.82 -11.35 23.60
N ASP A 632 -9.63 -10.78 23.77
CA ASP A 632 -9.52 -9.45 24.36
C ASP A 632 -9.95 -8.36 23.39
N LEU A 633 -9.64 -8.52 22.11
CA LEU A 633 -10.02 -7.50 21.14
C LEU A 633 -11.53 -7.40 21.01
N TYR A 634 -12.21 -8.54 20.93
CA TYR A 634 -13.67 -8.54 20.83
C TYR A 634 -14.29 -7.96 22.09
N ASN A 635 -13.77 -8.32 23.26
CA ASN A 635 -14.29 -7.77 24.50
C ASN A 635 -14.05 -6.27 24.60
N CYS A 636 -12.93 -5.78 24.06
CA CYS A 636 -12.68 -4.35 24.02
C CYS A 636 -13.67 -3.63 23.11
N VAL A 637 -13.90 -4.18 21.92
CA VAL A 637 -14.80 -3.54 20.96
C VAL A 637 -16.23 -3.52 21.51
N VAL A 638 -16.68 -4.65 22.07
CA VAL A 638 -18.05 -4.73 22.56
C VAL A 638 -18.26 -3.76 23.72
N ASN A 639 -17.34 -3.71 24.67
CA ASN A 639 -17.47 -2.86 25.83
C ASN A 639 -17.02 -1.43 25.58
N GLN A 640 -16.42 -1.15 24.41
CA GLN A 640 -15.89 0.16 24.08
C GLN A 640 -14.93 0.66 25.15
N SER A 641 -13.88 -0.13 25.38
CA SER A 641 -12.86 0.26 26.34
C SER A 641 -11.86 1.25 25.76
N TYR A 642 -11.92 1.53 24.45
CA TYR A 642 -11.04 2.51 23.84
C TYR A 642 -11.58 3.93 23.93
N LEU A 643 -12.77 4.12 24.48
CA LEU A 643 -13.37 5.44 24.64
C LEU A 643 -13.00 6.03 26.00
N ASN A 644 -12.59 7.30 25.99
CA ASN A 644 -12.23 8.02 27.21
C ASN A 644 -11.10 7.29 27.96
N ASN A 645 -10.13 6.79 27.20
CA ASN A 645 -9.05 6.01 27.77
C ASN A 645 -7.88 6.92 28.10
N PRO A 646 -7.38 6.92 29.34
CA PRO A 646 -6.31 7.85 29.70
C PRO A 646 -4.99 7.59 29.00
N ASN A 647 -4.79 6.41 28.43
CA ASN A 647 -3.49 6.05 27.85
C ASN A 647 -3.40 6.35 26.37
N HIS A 648 -4.44 6.92 25.77
CA HIS A 648 -4.42 7.17 24.34
C HIS A 648 -3.53 8.36 24.03
N VAL A 649 -2.70 8.22 23.01
CA VAL A 649 -1.83 9.29 22.54
C VAL A 649 -1.51 9.03 21.09
N VAL A 650 -1.18 10.09 20.36
CA VAL A 650 -0.80 9.99 18.96
C VAL A 650 0.62 10.54 18.82
N SER A 651 1.48 9.75 18.20
CA SER A 651 2.89 10.04 18.06
C SER A 651 3.22 10.15 16.58
N LEU A 652 3.80 11.28 16.19
CA LEU A 652 4.16 11.51 14.80
C LEU A 652 5.67 11.33 14.61
N THR A 653 6.05 10.46 13.69
CA THR A 653 7.44 10.22 13.35
C THR A 653 7.55 10.19 11.83
N GLY A 654 8.74 9.87 11.34
CA GLY A 654 8.99 9.81 9.91
C GLY A 654 8.31 8.65 9.21
N MET A 664 3.88 11.87 6.80
CA MET A 664 4.09 11.62 8.23
C MET A 664 3.54 10.27 8.64
N PHE A 665 4.23 9.61 9.57
CA PHE A 665 3.83 8.30 10.05
C PHE A 665 3.37 8.45 11.49
N ALA A 666 2.08 8.27 11.73
CA ALA A 666 1.53 8.40 13.07
C ALA A 666 1.25 7.03 13.67
N MET A 667 1.32 6.96 14.99
CA MET A 667 1.08 5.71 15.68
C MET A 667 0.46 5.98 17.04
N GLN A 668 -0.13 4.94 17.62
CA GLN A 668 -0.85 5.04 18.88
C GLN A 668 -0.58 3.80 19.71
N PRO A 669 -0.73 3.89 21.04
CA PRO A 669 -0.17 2.87 21.93
C PRO A 669 -1.03 1.61 22.00
N GLY A 670 -0.52 0.53 21.43
CA GLY A 670 -1.05 -0.78 21.72
C GLY A 670 -2.44 -1.08 21.21
N MET A 671 -3.42 -1.12 22.13
CA MET A 671 -4.75 -1.58 21.77
C MET A 671 -5.43 -0.63 20.80
N PHE A 672 -5.22 0.68 20.96
CA PHE A 672 -5.80 1.61 19.99
C PHE A 672 -5.28 1.34 18.60
N ARG A 673 -4.13 0.67 18.47
CA ARG A 673 -3.68 0.24 17.16
C ARG A 673 -4.50 -0.92 16.63
N GLN A 674 -4.72 -1.95 17.45
CA GLN A 674 -5.38 -3.15 16.94
C GLN A 674 -6.82 -2.85 16.53
N VAL A 675 -7.53 -2.05 17.33
CA VAL A 675 -8.83 -1.55 16.93
C VAL A 675 -8.73 -0.83 15.60
N GLN A 676 -7.72 0.03 15.46
CA GLN A 676 -7.51 0.74 14.20
C GLN A 676 -7.41 -0.22 13.04
N ILE A 677 -6.85 -1.40 13.27
CA ILE A 677 -6.81 -2.41 12.21
C ILE A 677 -8.14 -3.15 12.11
N LEU A 678 -8.70 -3.53 13.26
CA LEU A 678 -9.90 -4.37 13.24
C LEU A 678 -11.01 -3.72 12.44
N ALA A 679 -11.34 -2.47 12.77
CA ALA A 679 -12.34 -1.74 11.99
C ALA A 679 -11.98 -1.77 10.52
N GLU A 680 -10.74 -1.37 10.19
CA GLU A 680 -10.30 -1.42 8.81
C GLU A 680 -10.52 -2.79 8.22
N LYS A 681 -10.10 -3.83 8.96
CA LYS A 681 -10.24 -5.20 8.48
C LYS A 681 -11.68 -5.48 8.07
N MET A 682 -12.64 -5.09 8.91
CA MET A 682 -14.03 -5.39 8.60
C MET A 682 -14.46 -4.69 7.32
N ILE A 683 -14.07 -3.43 7.16
CA ILE A 683 -14.43 -2.71 5.95
C ILE A 683 -13.83 -3.41 4.73
N ALA A 684 -12.70 -4.07 4.91
CA ALA A 684 -12.06 -4.75 3.80
C ALA A 684 -12.81 -6.02 3.38
N GLU A 685 -13.59 -6.61 4.27
CA GLU A 685 -14.31 -7.85 3.93
C GLU A 685 -15.77 -7.60 3.61
N ASN A 686 -16.49 -6.93 4.50
CA ASN A 686 -17.94 -6.90 4.46
C ASN A 686 -18.51 -5.72 3.71
N ILE A 687 -17.75 -4.66 3.47
CA ILE A 687 -18.30 -3.44 2.90
C ILE A 687 -17.68 -3.04 1.57
N LEU A 688 -16.43 -3.40 1.27
CA LEU A 688 -15.90 -3.08 -0.05
C LEU A 688 -16.55 -3.86 -1.17
N GLN A 689 -17.29 -4.93 -0.87
CA GLN A 689 -18.01 -5.63 -1.92
C GLN A 689 -19.12 -4.76 -2.51
N PHE A 690 -19.67 -3.85 -1.70
CA PHE A 690 -20.69 -2.91 -2.16
C PHE A 690 -20.11 -1.74 -2.94
N PHE A 691 -18.79 -1.56 -2.91
CA PHE A 691 -18.12 -0.43 -3.57
C PHE A 691 -17.03 -1.00 -4.46
N PRO A 692 -17.39 -1.58 -5.61
CA PRO A 692 -16.40 -2.29 -6.43
C PRO A 692 -15.34 -1.39 -7.04
N GLU A 693 -15.56 -0.08 -7.05
CA GLU A 693 -14.66 0.87 -7.69
C GLU A 693 -13.64 1.47 -6.73
N SER A 694 -13.54 0.92 -5.52
CA SER A 694 -12.60 1.41 -4.52
C SER A 694 -11.26 0.69 -4.55
N LEU A 695 -11.00 -0.08 -5.60
CA LEU A 695 -9.75 -0.82 -5.70
C LEU A 695 -8.93 -0.36 -6.90
N ASN A 725 -25.75 17.13 -32.74
CA ASN A 725 -26.98 16.86 -32.01
C ASN A 725 -26.94 15.48 -31.36
N ASN A 726 -27.53 15.38 -30.17
CA ASN A 726 -27.55 14.14 -29.41
C ASN A 726 -26.15 13.59 -29.22
N TYR A 727 -25.22 14.47 -28.82
CA TYR A 727 -23.82 14.13 -28.72
C TYR A 727 -23.44 13.80 -27.29
N ILE A 728 -22.68 12.72 -27.12
CA ILE A 728 -22.16 12.32 -25.82
C ILE A 728 -20.87 13.11 -25.60
N SER A 729 -20.76 13.77 -24.45
CA SER A 729 -19.60 14.56 -24.09
C SER A 729 -18.95 13.96 -22.85
N LYS A 730 -17.65 13.75 -22.91
CA LYS A 730 -16.94 13.05 -21.85
C LYS A 730 -15.73 13.87 -21.41
N CYS A 731 -15.53 13.92 -20.10
CA CYS A 731 -14.37 14.57 -19.50
C CYS A 731 -13.86 13.69 -18.37
N SER A 732 -12.72 14.06 -17.80
CA SER A 732 -12.14 13.35 -16.67
C SER A 732 -11.55 14.37 -15.72
N ILE A 733 -11.71 14.12 -14.43
CA ILE A 733 -11.24 15.02 -13.38
C ILE A 733 -10.41 14.22 -12.41
N ILE A 734 -9.15 14.61 -12.23
CA ILE A 734 -8.23 13.94 -11.33
C ILE A 734 -8.05 14.81 -10.10
N THR A 735 -8.28 14.22 -8.93
CA THR A 735 -8.27 14.94 -7.66
C THR A 735 -7.28 14.28 -6.71
N ASP A 736 -6.46 15.10 -6.07
CA ASP A 736 -5.50 14.62 -5.06
C ASP A 736 -6.28 14.52 -3.76
N LEU A 737 -6.46 13.29 -3.28
CA LEU A 737 -7.24 13.04 -2.07
C LEU A 737 -6.38 12.89 -0.83
N SER A 738 -5.10 13.23 -0.91
CA SER A 738 -4.19 13.06 0.23
C SER A 738 -4.51 14.04 1.35
N LYS A 739 -5.51 14.90 1.15
CA LYS A 739 -5.95 15.85 2.16
C LYS A 739 -7.29 15.52 2.78
N PHE A 740 -7.84 14.33 2.51
CA PHE A 740 -9.09 13.91 3.15
C PHE A 740 -8.97 13.85 4.66
N ASN A 741 -7.85 13.36 5.17
CA ASN A 741 -7.73 13.16 6.62
C ASN A 741 -7.96 14.46 7.39
N GLN A 742 -7.51 15.59 6.85
CA GLN A 742 -7.73 16.86 7.53
C GLN A 742 -9.18 17.32 7.41
N ALA A 743 -9.78 17.13 6.24
CA ALA A 743 -11.09 17.71 5.97
C ALA A 743 -12.20 17.03 6.76
N PHE A 744 -12.17 15.70 6.82
CA PHE A 744 -13.28 14.96 7.41
C PHE A 744 -13.37 15.22 8.90
N ARG A 745 -14.57 15.58 9.36
CA ARG A 745 -14.86 15.71 10.78
C ARG A 745 -15.80 14.58 11.18
N TYR A 746 -16.21 14.58 12.44
CA TYR A 746 -17.16 13.57 12.90
C TYR A 746 -18.47 13.69 12.15
N GLU A 747 -18.97 14.91 11.95
CA GLU A 747 -20.28 15.10 11.37
C GLU A 747 -20.37 14.60 9.93
N THR A 748 -19.25 14.36 9.27
CA THR A 748 -19.26 13.79 7.93
C THR A 748 -18.94 12.31 7.89
N SER A 749 -17.94 11.84 8.64
CA SER A 749 -17.60 10.43 8.61
C SER A 749 -18.63 9.58 9.37
N CYS A 750 -19.16 10.12 10.47
CA CYS A 750 -20.06 9.35 11.31
C CYS A 750 -21.35 8.97 10.60
N ILE A 751 -21.85 9.81 9.69
CA ILE A 751 -23.13 9.53 9.06
C ILE A 751 -23.08 8.25 8.23
N CYS A 752 -21.89 7.78 7.89
CA CYS A 752 -21.73 6.50 7.19
C CYS A 752 -21.11 5.42 8.08
N SER A 753 -20.16 5.79 8.93
CA SER A 753 -19.62 4.82 9.86
C SER A 753 -20.68 4.30 10.82
N ASP A 754 -21.71 5.09 11.12
CA ASP A 754 -22.79 4.60 11.96
C ASP A 754 -23.60 3.53 11.26
N VAL A 755 -23.83 3.69 9.95
CA VAL A 755 -24.47 2.62 9.19
C VAL A 755 -23.61 1.37 9.22
N LEU A 756 -22.29 1.53 9.13
CA LEU A 756 -21.41 0.37 9.21
C LEU A 756 -21.49 -0.32 10.57
N ASP A 757 -21.47 0.45 11.66
CA ASP A 757 -21.64 -0.13 12.99
C ASP A 757 -22.98 -0.83 13.12
N GLU A 758 -24.04 -0.24 12.57
CA GLU A 758 -25.36 -0.86 12.62
C GLU A 758 -25.36 -2.19 11.87
N LEU A 759 -24.71 -2.23 10.70
CA LEU A 759 -24.61 -3.49 9.97
C LEU A 759 -23.85 -4.53 10.77
N HIS A 760 -22.74 -4.13 11.41
CA HIS A 760 -21.94 -5.09 12.18
C HIS A 760 -22.45 -5.28 13.60
N GLY A 761 -23.43 -4.49 14.04
CA GLY A 761 -24.02 -4.67 15.35
C GLY A 761 -23.25 -4.07 16.50
N VAL A 762 -22.08 -3.50 16.25
CA VAL A 762 -21.28 -2.88 17.29
C VAL A 762 -21.68 -1.42 17.43
N GLN A 763 -21.29 -0.81 18.54
CA GLN A 763 -21.53 0.61 18.78
C GLN A 763 -20.20 1.34 18.72
N SER A 764 -20.03 2.16 17.68
CA SER A 764 -18.85 3.01 17.52
C SER A 764 -17.56 2.18 17.44
N LEU A 765 -17.48 1.34 16.42
CA LEU A 765 -16.22 0.69 16.08
C LEU A 765 -15.59 1.26 14.82
N PHE A 766 -16.40 1.68 13.85
CA PHE A 766 -15.90 2.29 12.64
C PHE A 766 -15.86 3.81 12.72
N SER A 767 -16.27 4.37 13.85
CA SER A 767 -16.24 5.81 14.08
C SER A 767 -15.33 6.15 15.24
N TRP A 768 -14.54 5.16 15.70
CA TRP A 768 -13.71 5.34 16.89
C TRP A 768 -12.86 6.59 16.79
N LEU A 769 -12.27 6.84 15.62
CA LEU A 769 -11.30 7.89 15.39
C LEU A 769 -11.82 9.22 15.90
N HIS A 770 -12.90 9.71 15.32
CA HIS A 770 -13.41 11.02 15.67
C HIS A 770 -14.02 11.06 17.06
N LEU A 771 -14.25 9.92 17.71
CA LEU A 771 -14.68 9.96 19.10
C LEU A 771 -13.55 9.79 20.08
N THR A 772 -12.33 9.55 19.60
CA THR A 772 -11.18 9.32 20.46
C THR A 772 -10.05 10.31 20.24
N ILE A 773 -9.74 10.62 18.99
CA ILE A 773 -8.61 11.52 18.70
C ILE A 773 -8.78 12.91 19.32
N PRO A 774 -9.96 13.54 19.29
CA PRO A 774 -10.05 14.90 19.85
C PRO A 774 -9.54 15.04 21.26
N HIS A 775 -9.69 14.02 22.09
CA HIS A 775 -9.32 14.12 23.50
C HIS A 775 -7.86 13.77 23.77
N VAL A 776 -7.10 13.39 22.75
CA VAL A 776 -5.72 12.98 22.96
C VAL A 776 -4.79 14.14 22.63
N THR A 777 -3.53 14.02 23.04
CA THR A 777 -2.52 15.05 22.84
C THR A 777 -1.57 14.59 21.74
N ILE A 778 -1.74 15.14 20.54
CA ILE A 778 -0.87 14.78 19.43
C ILE A 778 0.51 15.36 19.68
N ILE A 779 1.54 14.52 19.58
CA ILE A 779 2.90 14.93 19.86
C ILE A 779 3.82 14.37 18.80
N CYS A 780 4.80 15.17 18.38
CA CYS A 780 5.87 14.70 17.52
C CYS A 780 6.93 14.07 18.42
N THR A 781 7.02 12.74 18.38
CA THR A 781 7.90 12.00 19.29
C THR A 781 9.17 11.55 18.58
N TYR A 782 9.71 12.35 17.68
CA TYR A 782 11.01 12.04 17.14
C TYR A 782 12.07 12.13 18.24
N ARG A 783 13.16 11.39 18.06
CA ARG A 783 14.17 11.31 19.11
C ARG A 783 14.78 12.68 19.39
N HIS A 784 15.08 13.46 18.35
CA HIS A 784 15.79 14.71 18.49
C HIS A 784 14.86 15.93 18.42
N ALA A 785 13.57 15.75 18.67
CA ALA A 785 12.60 16.85 18.63
C ALA A 785 11.73 16.80 19.87
N PRO A 786 12.30 17.09 21.03
CA PRO A 786 11.53 17.06 22.27
C PRO A 786 10.72 18.33 22.44
N PRO A 787 9.62 18.29 23.18
CA PRO A 787 8.90 19.52 23.53
C PRO A 787 9.55 20.21 24.72
N TYR A 788 9.16 21.47 24.90
CA TYR A 788 9.57 22.22 26.09
C TYR A 788 8.57 21.93 27.19
N ILE A 789 8.96 21.08 28.13
CA ILE A 789 8.09 20.68 29.23
C ILE A 789 8.28 21.66 30.37
N GLY A 790 7.18 22.21 30.88
CA GLY A 790 7.26 23.24 31.89
C GLY A 790 7.70 22.71 33.23
N ASP A 791 7.97 23.65 34.14
CA ASP A 791 8.38 23.30 35.48
C ASP A 791 7.29 22.52 36.20
N HIS A 792 7.67 21.40 36.81
CA HIS A 792 6.75 20.50 37.51
C HIS A 792 5.62 20.01 36.63
N ILE A 793 5.87 19.79 35.35
CA ILE A 793 4.88 19.24 34.43
C ILE A 793 5.33 17.82 34.06
N VAL A 794 4.48 16.85 34.36
CA VAL A 794 4.77 15.45 34.05
C VAL A 794 3.74 14.84 33.12
N ASP A 795 2.56 15.45 32.96
CA ASP A 795 1.48 14.90 32.17
C ASP A 795 1.50 15.52 30.78
N LEU A 796 1.37 14.68 29.75
CA LEU A 796 1.38 15.18 28.38
C LEU A 796 0.15 16.01 28.06
N ASN A 797 -0.97 15.78 28.75
CA ASN A 797 -2.18 16.55 28.49
C ASN A 797 -2.11 17.95 29.07
N ASN A 798 -1.22 18.19 30.04
CA ASN A 798 -1.05 19.51 30.63
C ASN A 798 0.14 20.27 30.07
N VAL A 799 0.87 19.68 29.11
CA VAL A 799 1.97 20.39 28.49
C VAL A 799 1.42 21.54 27.66
N ASP A 800 2.05 22.70 27.77
CA ASP A 800 1.64 23.87 27.01
C ASP A 800 1.79 23.61 25.52
N GLU A 801 0.75 23.95 24.75
CA GLU A 801 0.78 23.78 23.31
C GLU A 801 1.89 24.62 22.70
N GLN A 802 2.53 24.08 21.67
CA GLN A 802 3.72 24.70 21.10
C GLN A 802 3.95 24.09 19.73
N SER A 803 5.02 24.54 19.08
CA SER A 803 5.47 23.89 17.87
C SER A 803 6.03 22.51 18.23
N GLY A 804 5.43 21.46 17.68
CA GLY A 804 5.78 20.12 18.07
C GLY A 804 4.86 19.47 19.06
N LEU A 805 3.75 20.11 19.42
CA LEU A 805 2.78 19.54 20.34
C LEU A 805 1.47 20.31 20.29
N TYR A 806 0.37 19.65 19.94
CA TYR A 806 -0.92 20.34 19.96
C TYR A 806 -2.03 19.34 20.28
N ARG A 807 -3.17 19.89 20.69
CA ARG A 807 -4.33 19.12 21.11
C ARG A 807 -5.55 19.51 20.28
N TYR A 808 -6.68 18.90 20.61
CA TYR A 808 -7.98 19.21 19.99
C TYR A 808 -7.91 19.11 18.48
N HIS A 809 -7.38 17.98 18.00
CA HIS A 809 -7.23 17.70 16.58
C HIS A 809 -8.53 17.07 16.08
N MET A 810 -9.44 17.94 15.64
CA MET A 810 -10.71 17.49 15.09
C MET A 810 -10.51 17.14 13.62
N GLY A 811 -10.49 15.86 13.31
CA GLY A 811 -10.21 15.42 11.96
C GLY A 811 -9.56 14.06 11.97
N GLY A 812 -9.19 13.56 10.80
CA GLY A 812 -8.61 12.24 10.67
C GLY A 812 -7.10 12.30 10.54
N ILE A 813 -6.45 11.22 10.95
CA ILE A 813 -5.01 11.08 10.78
C ILE A 813 -4.76 10.25 9.54
N GLU A 814 -3.83 10.71 8.71
CA GLU A 814 -3.57 10.05 7.43
C GLU A 814 -3.21 8.59 7.63
N GLY A 815 -3.85 7.73 6.83
CA GLY A 815 -3.64 6.30 6.88
C GLY A 815 -4.70 5.55 7.67
N TRP A 816 -5.16 6.11 8.78
CA TRP A 816 -6.19 5.46 9.58
C TRP A 816 -7.55 5.73 8.96
N CYS A 817 -8.39 4.69 8.92
CA CYS A 817 -9.73 4.79 8.34
C CYS A 817 -9.69 5.25 6.88
N GLN A 818 -8.64 4.86 6.15
CA GLN A 818 -8.53 5.24 4.74
C GLN A 818 -9.64 4.60 3.92
N LYS A 819 -9.97 3.34 4.21
CA LYS A 819 -11.03 2.66 3.46
C LYS A 819 -12.37 3.34 3.68
N LEU A 820 -12.66 3.76 4.91
CA LEU A 820 -13.92 4.44 5.19
C LEU A 820 -14.03 5.73 4.39
N TRP A 821 -12.95 6.50 4.32
CA TRP A 821 -12.99 7.75 3.58
C TRP A 821 -13.08 7.51 2.07
N THR A 822 -12.44 6.46 1.56
CA THR A 822 -12.61 6.12 0.15
C THR A 822 -14.05 5.74 -0.16
N ILE A 823 -14.66 4.96 0.72
CA ILE A 823 -16.07 4.59 0.57
C ILE A 823 -16.95 5.85 0.58
N GLU A 824 -16.68 6.75 1.51
CA GLU A 824 -17.43 7.99 1.61
C GLU A 824 -17.26 8.86 0.37
N ALA A 825 -16.06 8.91 -0.19
CA ALA A 825 -15.84 9.64 -1.42
C ALA A 825 -16.62 9.04 -2.58
N ILE A 826 -16.66 7.71 -2.66
CA ILE A 826 -17.44 7.07 -3.73
C ILE A 826 -18.93 7.40 -3.57
N SER A 827 -19.42 7.38 -2.33
CA SER A 827 -20.81 7.75 -2.09
C SER A 827 -21.07 9.19 -2.53
N LEU A 828 -20.15 10.10 -2.20
CA LEU A 828 -20.29 11.48 -2.64
C LEU A 828 -20.32 11.59 -4.15
N LEU A 829 -19.46 10.84 -4.84
CA LEU A 829 -19.43 10.91 -6.30
C LEU A 829 -20.75 10.43 -6.89
N ASP A 830 -21.35 9.39 -6.28
CA ASP A 830 -22.68 8.97 -6.71
C ASP A 830 -23.71 10.09 -6.51
N LEU A 831 -23.65 10.75 -5.35
CA LEU A 831 -24.59 11.84 -5.08
C LEU A 831 -24.41 12.99 -6.08
N ILE A 832 -23.17 13.32 -6.41
CA ILE A 832 -22.89 14.35 -7.40
C ILE A 832 -23.42 13.94 -8.77
N SER A 833 -23.22 12.67 -9.15
CA SER A 833 -23.77 12.19 -10.41
C SER A 833 -25.29 12.34 -10.44
N LEU A 834 -25.95 12.09 -9.31
CA LEU A 834 -27.39 12.32 -9.23
C LEU A 834 -27.71 13.80 -9.40
N LYS A 835 -26.92 14.68 -8.77
CA LYS A 835 -27.19 16.12 -8.82
C LYS A 835 -26.76 16.75 -10.13
N GLY A 836 -25.94 16.09 -10.93
CA GLY A 836 -25.43 16.68 -12.15
C GLY A 836 -26.01 16.09 -13.41
N LYS A 837 -26.85 15.07 -13.27
CA LYS A 837 -27.52 14.41 -14.39
C LYS A 837 -26.52 13.93 -15.43
N PHE A 838 -25.40 13.36 -14.97
CA PHE A 838 -24.41 12.76 -15.85
C PHE A 838 -23.99 11.40 -15.32
N SER A 839 -23.69 10.49 -16.24
CA SER A 839 -23.13 9.20 -15.86
C SER A 839 -21.69 9.36 -15.40
N ILE A 840 -21.30 8.57 -14.41
CA ILE A 840 -20.04 8.77 -13.71
C ILE A 840 -19.32 7.43 -13.56
N THR A 841 -17.99 7.51 -13.41
CA THR A 841 -17.17 6.32 -13.20
C THR A 841 -15.99 6.72 -12.32
N ALA A 842 -15.88 6.12 -11.15
CA ALA A 842 -14.86 6.52 -10.19
C ALA A 842 -13.75 5.47 -10.10
N LEU A 843 -12.53 5.95 -9.89
CA LEU A 843 -11.39 5.08 -9.62
C LEU A 843 -10.53 5.75 -8.57
N ILE A 844 -10.60 5.27 -7.33
CA ILE A 844 -9.85 5.84 -6.21
C ILE A 844 -8.68 4.90 -5.92
N ASN A 845 -7.51 5.25 -6.44
CA ASN A 845 -6.29 4.45 -6.25
C ASN A 845 -5.49 5.07 -5.11
N GLY A 846 -5.96 4.87 -3.89
CA GLY A 846 -5.23 5.33 -2.72
C GLY A 846 -5.52 6.77 -2.35
N ASP A 847 -4.60 7.68 -2.67
CA ASP A 847 -4.71 9.08 -2.31
C ASP A 847 -4.96 9.98 -3.51
N ASN A 848 -5.27 9.40 -4.67
CA ASN A 848 -5.65 10.20 -5.83
C ASN A 848 -6.76 9.47 -6.57
N GLN A 849 -7.76 10.23 -7.02
CA GLN A 849 -8.92 9.64 -7.67
C GLN A 849 -9.11 10.22 -9.06
N SER A 850 -9.69 9.40 -9.93
CA SER A 850 -10.04 9.80 -11.28
C SER A 850 -11.54 9.62 -11.47
N ILE A 851 -12.21 10.67 -11.93
CA ILE A 851 -13.65 10.67 -12.14
C ILE A 851 -13.90 10.88 -13.62
N ASP A 852 -14.48 9.89 -14.28
CA ASP A 852 -14.84 9.96 -15.69
C ASP A 852 -16.30 10.32 -15.79
N ILE A 853 -16.61 11.42 -16.47
CA ILE A 853 -17.94 11.99 -16.51
C ILE A 853 -18.43 12.00 -17.96
N SER A 854 -19.65 11.51 -18.17
CA SER A 854 -20.26 11.51 -19.49
C SER A 854 -21.66 12.11 -19.39
N LYS A 855 -22.01 12.93 -20.38
CA LYS A 855 -23.33 13.55 -20.41
C LYS A 855 -23.85 13.60 -21.84
N PRO A 856 -25.11 13.24 -22.07
CA PRO A 856 -25.71 13.45 -23.39
C PRO A 856 -26.25 14.87 -23.52
N ILE A 857 -25.84 15.60 -24.56
CA ILE A 857 -26.22 16.98 -24.74
C ILE A 857 -26.77 17.18 -26.14
N ARG A 858 -27.59 18.22 -26.28
CA ARG A 858 -28.02 18.70 -27.59
C ARG A 858 -26.96 19.67 -28.10
N LEU A 859 -26.18 19.23 -29.09
CA LEU A 859 -25.07 20.03 -29.56
C LEU A 859 -25.56 21.33 -30.19
N MET A 860 -24.89 22.42 -29.86
CA MET A 860 -25.23 23.72 -30.43
C MET A 860 -24.80 23.78 -31.89
N GLU A 861 -25.28 24.80 -32.59
CA GLU A 861 -24.92 25.03 -33.97
C GLU A 861 -23.58 25.77 -34.04
N GLY A 862 -22.64 25.20 -34.79
CA GLY A 862 -21.30 25.74 -34.88
C GLY A 862 -20.36 25.26 -33.81
N GLN A 863 -20.90 24.86 -32.65
CA GLN A 863 -20.07 24.32 -31.58
C GLN A 863 -19.42 23.01 -32.02
N THR A 864 -18.22 22.77 -31.52
CA THR A 864 -17.46 21.56 -31.83
C THR A 864 -17.42 20.65 -30.62
N HIS A 865 -16.80 19.48 -30.80
CA HIS A 865 -16.70 18.51 -29.72
C HIS A 865 -15.82 19.02 -28.59
N ALA A 866 -14.71 19.67 -28.93
CA ALA A 866 -13.78 20.14 -27.90
C ALA A 866 -14.44 21.17 -26.99
N GLN A 867 -15.20 22.10 -27.56
CA GLN A 867 -15.85 23.11 -26.74
C GLN A 867 -16.89 22.48 -25.81
N ALA A 868 -17.65 21.51 -26.32
CA ALA A 868 -18.65 20.85 -25.50
C ALA A 868 -17.98 20.09 -24.35
N ASP A 869 -16.89 19.39 -24.64
CA ASP A 869 -16.19 18.64 -23.60
C ASP A 869 -15.62 19.59 -22.56
N TYR A 870 -15.03 20.70 -22.99
CA TYR A 870 -14.48 21.67 -22.04
C TYR A 870 -15.56 22.29 -21.19
N LEU A 871 -16.71 22.62 -21.78
CA LEU A 871 -17.81 23.19 -21.01
C LEU A 871 -18.33 22.20 -19.98
N LEU A 872 -18.46 20.93 -20.38
CA LEU A 872 -18.88 19.90 -19.43
C LEU A 872 -17.88 19.78 -18.29
N ALA A 873 -16.59 19.81 -18.61
CA ALA A 873 -15.57 19.72 -17.57
C ALA A 873 -15.68 20.89 -16.61
N LEU A 874 -15.88 22.10 -17.12
CA LEU A 874 -15.99 23.27 -16.24
C LEU A 874 -17.21 23.19 -15.36
N ASN A 875 -18.36 22.78 -15.91
CA ASN A 875 -19.58 22.69 -15.11
C ASN A 875 -19.45 21.61 -14.03
N SER A 876 -18.90 20.45 -14.38
CA SER A 876 -18.70 19.41 -13.39
C SER A 876 -17.69 19.83 -12.33
N LEU A 877 -16.66 20.57 -12.74
CA LEU A 877 -15.71 21.12 -11.78
C LEU A 877 -16.41 22.00 -10.76
N LYS A 878 -17.24 22.93 -11.24
CA LYS A 878 -17.98 23.80 -10.34
C LYS A 878 -18.88 23.01 -9.42
N LEU A 879 -19.58 22.01 -9.96
CA LEU A 879 -20.53 21.24 -9.17
C LEU A 879 -19.84 20.45 -8.07
N LEU A 880 -18.76 19.75 -8.40
CA LEU A 880 -18.09 18.97 -7.38
C LEU A 880 -17.32 19.85 -6.40
N TYR A 881 -16.85 21.02 -6.84
CA TYR A 881 -16.32 21.98 -5.89
C TYR A 881 -17.38 22.40 -4.89
N LYS A 882 -18.59 22.69 -5.40
CA LYS A 882 -19.69 23.08 -4.52
C LYS A 882 -20.04 21.98 -3.53
N GLU A 883 -20.08 20.72 -3.99
CA GLU A 883 -20.44 19.63 -3.09
C GLU A 883 -19.35 19.34 -2.06
N TYR A 884 -18.09 19.27 -2.51
CA TYR A 884 -16.99 19.05 -1.59
C TYR A 884 -16.92 20.15 -0.55
N ALA A 885 -17.16 21.40 -0.96
CA ALA A 885 -17.32 22.47 0.02
C ALA A 885 -18.53 22.21 0.89
N GLY A 886 -19.56 21.56 0.35
CA GLY A 886 -20.73 21.21 1.13
C GLY A 886 -20.40 20.31 2.31
N ILE A 887 -19.45 19.39 2.14
CA ILE A 887 -18.99 18.61 3.28
C ILE A 887 -17.81 19.27 3.98
N GLY A 888 -17.51 20.53 3.66
CA GLY A 888 -16.41 21.20 4.30
C GLY A 888 -15.03 20.84 3.79
N HIS A 889 -14.93 20.24 2.61
CA HIS A 889 -13.63 19.97 1.99
C HIS A 889 -13.42 21.01 0.91
N LYS A 890 -12.80 22.12 1.29
CA LYS A 890 -12.54 23.21 0.35
C LYS A 890 -11.45 22.78 -0.61
N LEU A 891 -11.85 22.33 -1.80
CA LEU A 891 -10.91 21.88 -2.80
C LEU A 891 -10.05 23.05 -3.29
N LYS A 892 -8.79 22.75 -3.61
CA LYS A 892 -7.86 23.73 -4.12
C LYS A 892 -7.57 23.43 -5.59
N GLY A 893 -7.45 24.49 -6.40
CA GLY A 893 -7.17 24.31 -7.81
C GLY A 893 -5.84 23.67 -8.10
N THR A 894 -4.90 23.71 -7.14
CA THR A 894 -3.62 23.06 -7.35
C THR A 894 -3.74 21.55 -7.37
N GLU A 895 -4.73 21.00 -6.67
CA GLU A 895 -4.87 19.55 -6.58
C GLU A 895 -5.64 18.99 -7.76
N THR A 896 -6.82 19.54 -8.04
CA THR A 896 -7.73 19.00 -9.03
C THR A 896 -7.42 19.56 -10.40
N TYR A 897 -7.40 18.68 -11.41
CA TYR A 897 -7.24 19.14 -12.78
C TYR A 897 -8.15 18.30 -13.68
N ILE A 898 -8.32 18.77 -14.91
CA ILE A 898 -9.27 18.16 -15.86
C ILE A 898 -8.53 17.77 -17.13
N SER A 899 -8.92 16.62 -17.68
CA SER A 899 -8.37 16.10 -18.92
C SER A 899 -9.54 15.64 -19.79
N ARG A 900 -9.30 15.63 -21.10
CA ARG A 900 -10.38 15.22 -22.01
C ARG A 900 -10.67 13.74 -21.86
N ASP A 901 -9.67 12.91 -22.16
CA ASP A 901 -9.83 11.44 -22.14
C ASP A 901 -8.68 10.64 -21.55
N MET A 902 -7.52 11.23 -21.27
CA MET A 902 -6.39 10.45 -20.77
C MET A 902 -6.56 10.08 -19.31
N GLN A 903 -6.22 8.84 -18.98
CA GLN A 903 -6.19 8.35 -17.62
C GLN A 903 -4.75 8.02 -17.24
N PHE A 904 -4.29 8.55 -16.12
CA PHE A 904 -2.93 8.36 -15.64
C PHE A 904 -2.95 7.68 -14.28
N MET A 905 -3.77 6.64 -14.15
CA MET A 905 -3.80 5.87 -12.92
C MET A 905 -2.62 4.91 -12.87
N SER A 906 -2.39 4.35 -11.68
CA SER A 906 -1.27 3.43 -11.44
C SER A 906 0.08 4.08 -11.75
N LYS A 907 0.13 5.41 -11.67
CA LYS A 907 1.35 6.18 -11.92
C LYS A 907 1.96 5.86 -13.29
N THR A 908 1.12 5.50 -14.25
CA THR A 908 1.57 5.16 -15.60
C THR A 908 0.83 6.01 -16.62
N ILE A 909 1.47 6.21 -17.76
CA ILE A 909 0.94 7.07 -18.83
C ILE A 909 0.39 6.18 -19.93
N GLN A 910 -0.83 6.46 -20.36
CA GLN A 910 -1.50 5.69 -21.41
C GLN A 910 -2.08 6.65 -22.43
N HIS A 911 -1.64 6.52 -23.68
CA HIS A 911 -2.09 7.39 -24.76
C HIS A 911 -2.64 6.51 -25.88
N ASN A 912 -3.95 6.62 -26.12
CA ASN A 912 -4.61 5.91 -27.23
C ASN A 912 -4.30 4.42 -27.20
N GLY A 913 -4.34 3.85 -26.00
CA GLY A 913 -4.11 2.41 -25.89
C GLY A 913 -2.67 1.99 -25.98
N VAL A 914 -1.72 2.91 -25.79
CA VAL A 914 -0.30 2.60 -25.76
C VAL A 914 0.24 3.00 -24.40
N TYR A 915 0.98 2.11 -23.77
CA TYR A 915 1.54 2.36 -22.45
C TYR A 915 2.95 2.88 -22.56
N TYR A 916 3.22 3.97 -21.84
CA TYR A 916 4.55 4.56 -21.79
C TYR A 916 5.09 4.42 -20.37
N PRO A 917 6.04 3.53 -20.13
CA PRO A 917 6.41 3.21 -18.75
C PRO A 917 7.58 4.04 -18.24
N ALA A 918 7.57 4.30 -16.93
CA ALA A 918 8.72 4.88 -16.26
C ALA A 918 9.55 3.76 -15.65
N SER A 919 10.12 2.94 -16.54
CA SER A 919 10.89 1.78 -16.10
C SER A 919 12.15 2.21 -15.36
N ILE A 920 12.85 3.21 -15.88
CA ILE A 920 14.11 3.64 -15.29
C ILE A 920 13.91 4.08 -13.85
N LYS A 921 12.74 4.62 -13.53
CA LYS A 921 12.48 5.07 -12.17
C LYS A 921 12.59 3.95 -11.14
N LYS A 922 12.44 2.70 -11.56
CA LYS A 922 12.46 1.59 -10.60
C LYS A 922 13.81 0.90 -10.49
N VAL A 923 14.66 1.01 -11.50
CA VAL A 923 15.96 0.34 -11.50
C VAL A 923 17.05 1.31 -11.06
N LEU A 924 16.65 2.41 -10.43
CA LEU A 924 17.64 3.39 -9.97
C LEU A 924 18.52 2.82 -8.87
N ARG A 925 17.92 2.12 -7.91
CA ARG A 925 18.61 1.67 -6.71
C ARG A 925 19.20 0.28 -6.86
N VAL A 926 19.59 -0.11 -8.07
CA VAL A 926 20.18 -1.44 -8.31
C VAL A 926 21.64 -1.34 -7.91
N GLY A 927 21.92 -1.65 -6.65
CA GLY A 927 23.27 -1.72 -6.15
C GLY A 927 23.58 -3.11 -5.65
N PRO A 928 24.76 -3.31 -5.09
CA PRO A 928 25.15 -4.66 -4.64
C PRO A 928 24.25 -5.27 -3.57
N TRP A 929 24.16 -4.66 -2.39
CA TRP A 929 23.45 -5.27 -1.26
C TRP A 929 22.07 -4.64 -1.08
N ILE A 930 21.20 -4.81 -2.06
CA ILE A 930 19.90 -4.15 -2.04
C ILE A 930 18.83 -5.11 -1.55
N ASN A 931 17.96 -4.62 -0.68
CA ASN A 931 16.77 -5.34 -0.19
C ASN A 931 17.17 -6.69 0.41
N THR A 932 17.95 -6.60 1.48
CA THR A 932 18.50 -7.80 2.10
C THR A 932 18.65 -7.57 3.59
N ILE A 933 18.80 -8.67 4.32
CA ILE A 933 19.03 -8.67 5.76
C ILE A 933 20.39 -9.29 6.02
N LEU A 934 21.21 -8.60 6.82
CA LEU A 934 22.57 -9.05 7.12
C LEU A 934 23.41 -9.18 5.84
N ASP A 935 23.13 -8.32 4.87
CA ASP A 935 23.87 -8.27 3.61
C ASP A 935 23.93 -9.64 2.95
N ASP A 936 22.78 -10.33 2.92
CA ASP A 936 22.71 -11.65 2.31
C ASP A 936 23.05 -11.56 0.83
N PHE A 937 23.63 -12.64 0.32
CA PHE A 937 24.12 -12.72 -1.05
C PHE A 937 23.06 -13.21 -2.03
N LYS A 938 22.42 -14.33 -1.70
CA LYS A 938 21.36 -14.85 -2.55
C LYS A 938 20.20 -13.87 -2.65
N VAL A 939 19.81 -13.27 -1.52
CA VAL A 939 18.68 -12.34 -1.52
C VAL A 939 19.02 -11.09 -2.31
N SER A 940 20.25 -10.59 -2.18
CA SER A 940 20.65 -9.42 -2.96
C SER A 940 20.65 -9.72 -4.46
N LEU A 941 21.13 -10.91 -4.85
CA LEU A 941 21.04 -11.29 -6.26
C LEU A 941 19.60 -11.41 -6.74
N GLU A 942 18.72 -11.96 -5.90
CA GLU A 942 17.31 -12.05 -6.25
C GLU A 942 16.73 -10.67 -6.48
N SER A 943 17.02 -9.73 -5.58
CA SER A 943 16.50 -8.37 -5.71
C SER A 943 17.06 -7.70 -6.95
N ILE A 944 18.35 -7.90 -7.24
CA ILE A 944 18.94 -7.29 -8.43
C ILE A 944 18.24 -7.81 -9.68
N GLY A 945 18.04 -9.12 -9.77
CA GLY A 945 17.35 -9.67 -10.93
C GLY A 945 15.92 -9.18 -11.05
N SER A 946 15.19 -9.16 -9.93
CA SER A 946 13.80 -8.70 -9.96
C SER A 946 13.71 -7.25 -10.41
N LEU A 947 14.56 -6.39 -9.86
CA LEU A 947 14.50 -4.98 -10.20
C LEU A 947 14.90 -4.77 -11.66
N THR A 948 16.01 -5.33 -12.08
CA THR A 948 16.44 -5.12 -13.45
C THR A 948 15.56 -5.83 -14.44
N GLN A 949 14.62 -6.67 -14.03
CA GLN A 949 13.65 -7.24 -14.95
C GLN A 949 12.58 -6.24 -15.38
N GLU A 950 12.46 -5.09 -14.71
CA GLU A 950 11.49 -4.08 -15.11
C GLU A 950 11.86 -3.41 -16.42
N LEU A 951 13.14 -3.37 -16.79
CA LEU A 951 13.55 -2.91 -18.10
C LEU A 951 13.17 -3.89 -19.20
N GLU A 952 12.78 -5.11 -18.83
CA GLU A 952 12.29 -6.13 -19.74
C GLU A 952 10.77 -6.14 -19.83
N TYR A 953 10.09 -6.21 -18.68
CA TYR A 953 8.65 -6.36 -18.67
C TYR A 953 7.96 -5.07 -19.08
N ARG A 954 8.42 -3.94 -18.55
CA ARG A 954 7.80 -2.65 -18.83
C ARG A 954 8.54 -1.92 -19.96
N GLY A 955 9.85 -1.74 -19.81
CA GLY A 955 10.63 -1.02 -20.81
C GLY A 955 10.73 -1.71 -22.15
N GLU A 956 10.39 -3.00 -22.23
CA GLU A 956 10.38 -3.76 -23.48
C GLU A 956 11.76 -3.79 -24.14
N SER A 957 12.73 -4.33 -23.40
CA SER A 957 14.07 -4.53 -23.94
C SER A 957 14.71 -5.69 -23.21
N LEU A 958 14.89 -6.80 -23.93
CA LEU A 958 15.57 -7.96 -23.36
C LEU A 958 17.05 -7.66 -23.12
N LEU A 959 17.73 -7.14 -24.14
CA LEU A 959 19.18 -7.03 -24.07
C LEU A 959 19.61 -5.95 -23.10
N CYS A 960 18.89 -4.83 -23.05
CA CYS A 960 19.25 -3.75 -22.13
C CYS A 960 19.16 -4.22 -20.68
N SER A 961 18.05 -4.85 -20.32
CA SER A 961 17.91 -5.36 -18.96
C SER A 961 18.94 -6.45 -18.68
N LEU A 962 19.21 -7.31 -19.65
CA LEU A 962 20.21 -8.35 -19.48
C LEU A 962 21.58 -7.75 -19.16
N ILE A 963 22.00 -6.75 -19.93
CA ILE A 963 23.33 -6.18 -19.75
C ILE A 963 23.40 -5.38 -18.46
N PHE A 964 22.35 -4.65 -18.11
CA PHE A 964 22.33 -3.93 -16.84
C PHE A 964 22.43 -4.89 -15.66
N ARG A 965 21.65 -5.96 -15.70
CA ARG A 965 21.70 -6.96 -14.64
C ARG A 965 23.07 -7.60 -14.57
N ASN A 966 23.70 -7.88 -15.71
CA ASN A 966 25.01 -8.51 -15.68
C ASN A 966 26.08 -7.55 -15.17
N VAL A 967 25.98 -6.27 -15.52
CA VAL A 967 26.91 -5.28 -14.96
C VAL A 967 26.84 -5.31 -13.44
N TRP A 968 25.63 -5.23 -12.90
CA TRP A 968 25.54 -5.15 -11.45
C TRP A 968 25.75 -6.48 -10.74
N LEU A 969 25.47 -7.60 -11.41
CA LEU A 969 25.80 -8.90 -10.84
C LEU A 969 27.31 -9.12 -10.78
N TYR A 970 28.02 -8.76 -11.85
CA TYR A 970 29.47 -8.83 -11.81
C TYR A 970 30.04 -7.91 -10.74
N ASN A 971 29.47 -6.71 -10.60
CA ASN A 971 29.92 -5.82 -9.54
C ASN A 971 29.68 -6.42 -8.17
N GLN A 972 28.55 -7.10 -7.98
CA GLN A 972 28.24 -7.67 -6.67
C GLN A 972 29.10 -8.88 -6.35
N ILE A 973 29.40 -9.71 -7.36
CA ILE A 973 30.05 -10.99 -7.12
C ILE A 973 31.56 -10.88 -7.23
N ALA A 974 32.05 -10.36 -8.36
CA ALA A 974 33.49 -10.34 -8.59
C ALA A 974 34.18 -9.30 -7.71
N LEU A 975 33.56 -8.14 -7.54
CA LEU A 975 34.22 -7.01 -6.89
C LEU A 975 33.79 -6.80 -5.44
N GLN A 976 32.49 -6.66 -5.19
CA GLN A 976 32.02 -6.29 -3.87
C GLN A 976 31.90 -7.47 -2.91
N LEU A 977 32.16 -8.69 -3.36
CA LEU A 977 32.02 -9.83 -2.46
C LEU A 977 33.15 -9.90 -1.45
N LYS A 978 34.38 -9.60 -1.88
CA LYS A 978 35.52 -9.61 -0.98
C LYS A 978 35.53 -8.41 -0.03
N ASN A 979 34.48 -7.60 -0.01
CA ASN A 979 34.38 -6.47 0.89
C ASN A 979 33.15 -6.61 1.79
N HIS A 980 32.80 -7.84 2.15
CA HIS A 980 31.65 -8.08 3.01
C HIS A 980 31.91 -7.52 4.41
N ALA A 981 30.82 -7.15 5.09
CA ALA A 981 30.96 -6.54 6.40
C ALA A 981 31.33 -7.57 7.46
N LEU A 982 30.72 -8.75 7.42
CA LEU A 982 30.81 -9.71 8.51
C LEU A 982 31.76 -10.88 8.21
N CYS A 983 31.99 -11.19 6.94
CA CYS A 983 32.79 -12.35 6.53
C CYS A 983 33.76 -11.91 5.43
N ASN A 984 34.53 -10.87 5.71
CA ASN A 984 35.13 -9.98 4.71
C ASN A 984 35.50 -10.63 3.40
N ASN A 985 36.19 -11.77 3.42
CA ASN A 985 36.47 -12.44 2.15
C ASN A 985 36.26 -13.94 2.24
N LYS A 986 35.53 -14.41 3.25
CA LYS A 986 35.17 -15.82 3.30
C LYS A 986 34.36 -16.22 2.08
N LEU A 987 33.37 -15.40 1.73
CA LEU A 987 32.54 -15.68 0.57
C LEU A 987 33.35 -15.62 -0.72
N TYR A 988 34.33 -14.71 -0.82
CA TYR A 988 35.13 -14.67 -2.03
C TYR A 988 36.01 -15.91 -2.15
N LEU A 989 36.56 -16.39 -1.04
CA LEU A 989 37.34 -17.62 -1.10
C LEU A 989 36.46 -18.80 -1.49
N ASP A 990 35.23 -18.85 -0.96
CA ASP A 990 34.31 -19.91 -1.35
C ASP A 990 33.95 -19.82 -2.83
N ILE A 991 33.72 -18.61 -3.34
CA ILE A 991 33.38 -18.46 -4.74
C ILE A 991 34.57 -18.84 -5.63
N LEU A 992 35.79 -18.60 -5.14
CA LEU A 992 36.96 -19.05 -5.89
C LEU A 992 37.11 -20.56 -5.87
N LYS A 993 36.76 -21.20 -4.75
CA LYS A 993 36.69 -22.66 -4.72
C LYS A 993 35.70 -23.17 -5.75
N VAL A 994 34.52 -22.54 -5.81
CA VAL A 994 33.50 -22.96 -6.77
C VAL A 994 33.99 -22.77 -8.20
N LEU A 995 34.69 -21.67 -8.46
CA LEU A 995 35.20 -21.43 -9.81
C LEU A 995 36.27 -22.45 -10.20
N LYS A 996 37.16 -22.79 -9.28
CA LYS A 996 38.15 -23.83 -9.57
C LYS A 996 37.47 -25.17 -9.80
N HIS A 997 36.44 -25.48 -9.01
CA HIS A 997 35.70 -26.72 -9.18
C HIS A 997 35.03 -26.77 -10.56
N LEU A 998 34.43 -25.66 -10.98
CA LEU A 998 33.78 -25.63 -12.28
C LEU A 998 34.78 -25.65 -13.43
N LYS A 999 35.97 -25.10 -13.23
CA LYS A 999 37.01 -25.22 -14.25
C LYS A 999 37.46 -26.67 -14.40
N THR A 1000 37.68 -27.36 -13.28
CA THR A 1000 38.07 -28.76 -13.33
C THR A 1000 36.96 -29.63 -13.91
N PHE A 1001 35.71 -29.35 -13.54
CA PHE A 1001 34.59 -30.19 -13.95
C PHE A 1001 34.30 -30.04 -15.43
N PHE A 1002 33.98 -28.84 -15.87
CA PHE A 1002 33.55 -28.61 -17.24
C PHE A 1002 34.72 -28.44 -18.21
N ASN A 1003 35.95 -28.59 -17.74
CA ASN A 1003 37.15 -28.47 -18.59
C ASN A 1003 37.20 -27.10 -19.26
N LEU A 1004 37.18 -26.07 -18.44
CA LEU A 1004 37.16 -24.68 -18.89
C LEU A 1004 38.58 -24.15 -19.01
N ASP A 1005 38.73 -23.12 -19.85
CA ASP A 1005 40.06 -22.59 -20.17
C ASP A 1005 40.72 -21.97 -18.95
N ASN A 1006 39.97 -21.21 -18.16
CA ASN A 1006 40.54 -20.51 -17.01
C ASN A 1006 39.41 -20.13 -16.07
N ILE A 1007 39.73 -19.31 -15.06
CA ILE A 1007 38.74 -18.91 -14.07
C ILE A 1007 37.83 -17.78 -14.57
N ASP A 1008 38.27 -17.01 -15.58
CA ASP A 1008 37.36 -16.05 -16.20
C ASP A 1008 36.17 -16.75 -16.81
N THR A 1009 36.43 -17.80 -17.59
CA THR A 1009 35.34 -18.57 -18.18
C THR A 1009 34.52 -19.29 -17.11
N ALA A 1010 35.17 -19.72 -16.02
CA ALA A 1010 34.43 -20.33 -14.92
C ALA A 1010 33.46 -19.35 -14.30
N LEU A 1011 33.87 -18.08 -14.12
CA LEU A 1011 32.96 -17.08 -13.59
C LEU A 1011 31.85 -16.76 -14.58
N THR A 1012 32.19 -16.70 -15.87
CA THR A 1012 31.16 -16.45 -16.88
C THR A 1012 30.10 -17.54 -16.87
N LEU A 1013 30.52 -18.80 -16.76
CA LEU A 1013 29.58 -19.92 -16.70
C LEU A 1013 28.82 -19.96 -15.38
N TYR A 1014 29.49 -19.65 -14.27
CA TYR A 1014 28.81 -19.64 -12.97
C TYR A 1014 27.72 -18.59 -12.96
N MET A 1015 27.97 -17.43 -13.56
CA MET A 1015 26.99 -16.36 -13.62
C MET A 1015 25.75 -16.73 -14.41
N ASN A 1016 25.80 -17.77 -15.24
CA ASN A 1016 24.67 -18.19 -16.06
C ASN A 1016 24.11 -19.53 -15.64
N LEU A 1017 24.37 -19.96 -14.41
CA LEU A 1017 23.77 -21.20 -13.95
C LEU A 1017 22.63 -20.91 -12.99
N PRO A 1018 21.56 -21.69 -13.01
CA PRO A 1018 20.41 -21.39 -12.17
C PRO A 1018 20.76 -21.40 -10.69
N MET A 1019 20.08 -20.54 -9.93
CA MET A 1019 20.30 -20.48 -8.49
C MET A 1019 19.75 -21.71 -7.78
N LEU A 1020 18.98 -22.55 -8.46
CA LEU A 1020 18.56 -23.82 -7.89
C LEU A 1020 19.77 -24.74 -7.67
N PHE A 1021 20.67 -24.80 -8.65
CA PHE A 1021 21.88 -25.62 -8.55
C PHE A 1021 23.06 -24.78 -8.09
N GLY A 1022 23.33 -23.70 -8.80
CA GLY A 1022 24.51 -22.87 -8.65
C GLY A 1022 24.18 -21.64 -7.83
N GLY A 1023 23.83 -20.54 -8.50
CA GLY A 1023 23.57 -19.31 -7.80
C GLY A 1023 24.01 -18.09 -8.57
N GLY A 1024 24.46 -18.28 -9.80
CA GLY A 1024 24.81 -17.14 -10.62
C GLY A 1024 23.61 -16.40 -11.15
N ASP A 1025 22.86 -17.03 -12.04
CA ASP A 1025 21.77 -16.36 -12.74
C ASP A 1025 20.49 -16.38 -11.93
N PRO A 1026 19.98 -15.22 -11.50
CA PRO A 1026 18.74 -15.21 -10.73
C PRO A 1026 17.49 -15.18 -11.61
N ASN A 1027 17.63 -14.87 -12.90
CA ASN A 1027 16.50 -14.79 -13.82
C ASN A 1027 16.66 -15.88 -14.86
N LEU A 1028 15.84 -16.92 -14.76
CA LEU A 1028 15.89 -18.02 -15.71
C LEU A 1028 15.38 -17.56 -17.08
N LEU A 1029 15.73 -18.32 -18.11
CA LEU A 1029 15.37 -17.93 -19.47
C LEU A 1029 13.87 -17.90 -19.67
N TYR A 1030 13.12 -18.77 -18.98
CA TYR A 1030 11.67 -18.78 -19.15
C TYR A 1030 11.06 -17.45 -18.75
N ARG A 1031 11.70 -16.73 -17.83
CA ARG A 1031 11.17 -15.43 -17.40
C ARG A 1031 11.22 -14.40 -18.52
N SER A 1032 12.04 -14.62 -19.54
CA SER A 1032 12.08 -13.73 -20.69
C SER A 1032 10.95 -13.97 -21.67
N PHE A 1033 10.15 -15.02 -21.47
CA PHE A 1033 9.09 -15.38 -22.40
C PHE A 1033 7.73 -15.59 -21.74
N TYR A 1034 7.67 -15.88 -20.44
CA TYR A 1034 6.40 -15.89 -19.73
C TYR A 1034 6.69 -15.75 -18.24
N ARG A 1035 5.80 -15.05 -17.54
CA ARG A 1035 6.08 -14.68 -16.16
C ARG A 1035 6.07 -15.89 -15.24
N ARG A 1036 4.94 -16.58 -15.16
CA ARG A 1036 4.75 -17.64 -14.17
C ARG A 1036 4.94 -19.01 -14.81
N THR A 1037 5.46 -19.94 -14.00
CA THR A 1037 5.58 -21.33 -14.39
C THR A 1037 5.22 -22.19 -13.17
N PRO A 1038 4.67 -23.39 -13.39
CA PRO A 1038 4.31 -24.25 -12.27
C PRO A 1038 5.37 -25.26 -11.87
N ASP A 1039 6.50 -25.32 -12.58
CA ASP A 1039 7.57 -26.28 -12.31
C ASP A 1039 8.91 -25.56 -12.46
N PHE A 1040 9.50 -25.19 -11.32
CA PHE A 1040 10.78 -24.48 -11.37
C PHE A 1040 11.93 -25.39 -11.75
N LEU A 1041 11.87 -26.67 -11.35
CA LEU A 1041 12.98 -27.58 -11.63
C LEU A 1041 13.17 -27.80 -13.12
N THR A 1042 12.07 -28.00 -13.85
CA THR A 1042 12.17 -28.23 -15.29
C THR A 1042 12.71 -26.99 -16.00
N GLU A 1043 12.25 -25.80 -15.60
CA GLU A 1043 12.75 -24.57 -16.19
C GLU A 1043 14.24 -24.40 -15.90
N ALA A 1044 14.66 -24.72 -14.67
CA ALA A 1044 16.08 -24.63 -14.34
C ALA A 1044 16.91 -25.60 -15.17
N ILE A 1045 16.42 -26.83 -15.35
CA ILE A 1045 17.19 -27.81 -16.11
C ILE A 1045 17.27 -27.43 -17.58
N VAL A 1046 16.18 -26.89 -18.13
CA VAL A 1046 16.20 -26.46 -19.52
C VAL A 1046 17.12 -25.25 -19.68
N HIS A 1047 17.11 -24.34 -18.70
CA HIS A 1047 18.03 -23.21 -18.72
C HIS A 1047 19.47 -23.69 -18.71
N SER A 1048 19.76 -24.68 -17.87
CA SER A 1048 21.12 -25.24 -17.81
C SER A 1048 21.50 -25.89 -19.14
N VAL A 1049 20.57 -26.60 -19.76
CA VAL A 1049 20.83 -27.23 -21.05
C VAL A 1049 21.17 -26.17 -22.09
N PHE A 1050 20.36 -25.11 -22.15
CA PHE A 1050 20.60 -24.05 -23.12
C PHE A 1050 21.92 -23.33 -22.85
N ILE A 1051 22.23 -23.09 -21.59
CA ILE A 1051 23.47 -22.40 -21.23
C ILE A 1051 24.68 -23.24 -21.61
N LEU A 1052 24.67 -24.52 -21.24
CA LEU A 1052 25.78 -25.40 -21.55
C LEU A 1052 25.90 -25.68 -23.05
N SER A 1053 24.84 -25.46 -23.81
CA SER A 1053 24.96 -25.52 -25.26
C SER A 1053 25.91 -24.46 -25.80
N TYR A 1054 26.15 -23.39 -25.03
CA TYR A 1054 27.13 -22.38 -25.44
C TYR A 1054 28.53 -22.99 -25.52
N TYR A 1055 28.88 -23.82 -24.54
CA TYR A 1055 30.21 -24.42 -24.48
C TYR A 1055 30.31 -25.72 -25.25
N THR A 1056 29.22 -26.50 -25.32
CA THR A 1056 29.25 -27.79 -25.98
C THR A 1056 29.01 -27.72 -27.48
N ASN A 1057 28.73 -26.54 -28.03
CA ASN A 1057 28.46 -26.36 -29.46
C ASN A 1057 27.31 -27.25 -29.93
N HIS A 1058 26.26 -27.34 -29.11
CA HIS A 1058 25.09 -28.13 -29.44
C HIS A 1058 24.03 -27.27 -30.11
N ASP A 1059 23.45 -27.79 -31.18
CA ASP A 1059 22.35 -27.10 -31.85
C ASP A 1059 21.06 -27.25 -31.07
N LEU A 1060 20.35 -26.15 -30.88
CA LEU A 1060 19.12 -26.14 -30.09
C LEU A 1060 17.86 -26.23 -30.93
N LYS A 1061 17.96 -26.21 -32.25
CA LYS A 1061 16.81 -26.37 -33.12
C LYS A 1061 16.53 -27.83 -33.46
N ASP A 1062 17.36 -28.75 -32.98
CA ASP A 1062 17.24 -30.17 -33.28
C ASP A 1062 17.00 -30.96 -32.00
N LYS A 1063 17.01 -32.28 -32.12
CA LYS A 1063 16.78 -33.17 -31.00
C LYS A 1063 18.01 -33.25 -30.10
N LEU A 1064 17.84 -33.89 -28.95
CA LEU A 1064 18.96 -34.18 -28.06
C LEU A 1064 19.64 -35.48 -28.48
N GLN A 1065 20.95 -35.42 -28.68
CA GLN A 1065 21.72 -36.58 -29.09
C GLN A 1065 23.08 -36.56 -28.41
N ASP A 1066 23.72 -37.71 -28.39
CA ASP A 1066 25.04 -37.86 -27.79
C ASP A 1066 26.10 -37.49 -28.84
N LEU A 1067 26.85 -36.44 -28.58
CA LEU A 1067 27.95 -36.02 -29.43
C LEU A 1067 29.26 -36.07 -28.65
N SER A 1068 30.33 -35.60 -29.29
CA SER A 1068 31.66 -35.74 -28.72
C SER A 1068 31.80 -34.99 -27.40
N ASP A 1069 31.28 -33.77 -27.32
CA ASP A 1069 31.37 -32.96 -26.12
C ASP A 1069 30.28 -33.41 -25.14
N ASP A 1070 30.69 -33.99 -24.02
CA ASP A 1070 29.76 -34.59 -23.06
C ASP A 1070 29.68 -33.78 -21.77
N ARG A 1071 29.89 -32.47 -21.84
CA ARG A 1071 29.70 -31.64 -20.66
C ARG A 1071 28.25 -31.67 -20.19
N LEU A 1072 27.31 -31.57 -21.13
CA LEU A 1072 25.90 -31.67 -20.79
C LEU A 1072 25.55 -33.06 -20.26
N ASN A 1073 26.14 -34.10 -20.85
CA ASN A 1073 25.91 -35.45 -20.36
C ASN A 1073 26.39 -35.61 -18.91
N LYS A 1074 27.58 -35.09 -18.61
CA LYS A 1074 28.10 -35.15 -17.26
C LYS A 1074 27.23 -34.35 -16.30
N PHE A 1075 26.76 -33.17 -16.73
CA PHE A 1075 25.89 -32.38 -15.88
C PHE A 1075 24.60 -33.11 -15.57
N LEU A 1076 23.95 -33.69 -16.59
CA LEU A 1076 22.71 -34.40 -16.37
C LEU A 1076 22.91 -35.63 -15.51
N THR A 1077 24.02 -36.36 -15.73
CA THR A 1077 24.31 -37.52 -14.90
C THR A 1077 24.50 -37.14 -13.45
N CYS A 1078 25.25 -36.07 -13.19
CA CYS A 1078 25.40 -35.59 -11.82
C CYS A 1078 24.09 -35.09 -11.25
N ILE A 1079 23.17 -34.64 -12.10
CA ILE A 1079 21.85 -34.22 -11.63
C ILE A 1079 21.04 -35.42 -11.17
N ILE A 1080 21.02 -36.48 -11.97
CA ILE A 1080 20.10 -37.59 -11.70
C ILE A 1080 20.69 -38.65 -10.77
N THR A 1081 22.01 -38.84 -10.76
CA THR A 1081 22.65 -39.81 -9.89
C THR A 1081 23.20 -39.08 -8.66
N PHE A 1082 22.56 -39.32 -7.51
CA PHE A 1082 23.01 -38.74 -6.26
C PHE A 1082 22.51 -39.61 -5.12
N ASP A 1083 23.23 -39.56 -4.00
CA ASP A 1083 22.83 -40.32 -2.83
C ASP A 1083 21.59 -39.69 -2.21
N LYS A 1084 20.52 -40.47 -2.07
CA LYS A 1084 19.26 -39.96 -1.58
C LYS A 1084 19.24 -39.97 -0.06
N ASN A 1085 18.91 -38.83 0.54
CA ASN A 1085 18.83 -38.69 2.00
C ASN A 1085 17.53 -38.01 2.38
N PRO A 1086 16.39 -38.68 2.18
CA PRO A 1086 15.11 -38.06 2.52
C PRO A 1086 14.97 -37.87 4.02
N ASN A 1087 14.28 -36.80 4.39
CA ASN A 1087 14.02 -36.49 5.79
C ASN A 1087 12.92 -35.45 5.85
N ALA A 1088 11.86 -35.76 6.59
CA ALA A 1088 10.71 -34.87 6.72
C ALA A 1088 10.18 -34.47 5.36
N GLU A 1089 9.92 -35.48 4.52
CA GLU A 1089 9.46 -35.23 3.16
C GLU A 1089 8.12 -34.51 3.12
N PHE A 1090 7.20 -34.92 3.98
CA PHE A 1090 5.82 -34.46 3.83
C PHE A 1090 5.59 -33.07 4.39
N VAL A 1091 6.21 -32.71 5.51
CA VAL A 1091 6.09 -31.32 5.98
C VAL A 1091 6.79 -30.37 5.02
N THR A 1092 7.94 -30.79 4.47
CA THR A 1092 8.63 -29.96 3.50
C THR A 1092 7.82 -29.79 2.23
N LEU A 1093 7.14 -30.83 1.78
CA LEU A 1093 6.28 -30.70 0.61
C LEU A 1093 5.03 -29.89 0.91
N MET A 1094 4.54 -29.94 2.15
CA MET A 1094 3.45 -29.06 2.54
C MET A 1094 3.88 -27.61 2.52
N ARG A 1095 5.09 -27.31 2.98
CA ARG A 1095 5.56 -25.93 3.03
C ARG A 1095 5.97 -25.40 1.66
N ASP A 1096 6.77 -26.15 0.91
CA ASP A 1096 7.14 -25.80 -0.45
C ASP A 1096 6.86 -27.01 -1.33
N PRO A 1097 5.71 -27.05 -1.99
CA PRO A 1097 5.38 -28.20 -2.84
C PRO A 1097 6.30 -28.38 -4.02
N GLN A 1098 7.15 -27.40 -4.29
CA GLN A 1098 8.14 -27.49 -5.34
C GLN A 1098 9.52 -27.87 -4.82
N ALA A 1099 9.63 -28.19 -3.53
CA ALA A 1099 10.92 -28.51 -2.93
C ALA A 1099 11.48 -29.80 -3.50
N LEU A 1100 12.81 -29.89 -3.53
CA LEU A 1100 13.48 -31.09 -4.04
C LEU A 1100 13.80 -32.07 -2.92
N GLY A 1101 14.62 -31.66 -1.96
CA GLY A 1101 15.01 -32.54 -0.88
C GLY A 1101 16.29 -33.29 -1.14
N SER A 1102 16.66 -34.14 -0.17
CA SER A 1102 17.94 -34.83 -0.15
C SER A 1102 19.11 -33.87 -0.19
N GLU A 1103 18.92 -32.68 0.38
CA GLU A 1103 19.94 -31.63 0.39
C GLU A 1103 20.43 -31.31 -1.02
N ARG A 1104 19.51 -31.33 -1.99
CA ARG A 1104 19.81 -31.02 -3.37
C ARG A 1104 19.39 -29.61 -3.75
N GLN A 1105 18.96 -28.80 -2.78
CA GLN A 1105 18.48 -27.46 -3.05
C GLN A 1105 19.07 -26.51 -2.02
N ALA A 1106 19.17 -25.24 -2.40
CA ALA A 1106 19.72 -24.23 -1.51
C ALA A 1106 18.72 -23.90 -0.42
N LYS A 1107 19.15 -24.02 0.83
CA LYS A 1107 18.28 -23.71 1.95
C LYS A 1107 18.01 -22.21 2.02
N ILE A 1108 16.80 -21.85 2.41
CA ILE A 1108 16.36 -20.47 2.43
C ILE A 1108 16.48 -19.92 3.85
N THR A 1109 16.33 -18.61 3.98
CA THR A 1109 16.54 -17.94 5.26
C THR A 1109 15.53 -18.41 6.31
N SER A 1110 14.27 -18.62 5.92
CA SER A 1110 13.27 -19.07 6.87
C SER A 1110 13.53 -20.49 7.35
N GLU A 1111 14.09 -21.34 6.49
CA GLU A 1111 14.42 -22.70 6.91
C GLU A 1111 15.53 -22.72 7.95
N ILE A 1112 16.55 -21.87 7.78
CA ILE A 1112 17.69 -21.88 8.67
C ILE A 1112 17.31 -21.36 10.05
N ASN A 1113 16.56 -20.26 10.10
CA ASN A 1113 16.28 -19.58 11.35
C ASN A 1113 15.02 -20.11 12.06
N ARG A 1114 14.34 -21.09 11.48
CA ARG A 1114 13.11 -21.58 12.08
C ARG A 1114 13.37 -22.16 13.47
N LEU A 1115 14.44 -22.97 13.60
CA LEU A 1115 14.76 -23.54 14.90
C LEU A 1115 15.15 -22.46 15.90
N ALA A 1116 15.94 -21.48 15.47
CA ALA A 1116 16.32 -20.39 16.35
C ALA A 1116 15.10 -19.58 16.77
N VAL A 1117 14.18 -19.32 15.83
CA VAL A 1117 12.97 -18.59 16.16
C VAL A 1117 12.15 -19.35 17.19
N THR A 1118 12.02 -20.67 17.02
CA THR A 1118 11.26 -21.44 17.99
C THR A 1118 11.92 -21.44 19.36
N GLU A 1119 13.26 -21.55 19.41
CA GLU A 1119 13.94 -21.49 20.70
C GLU A 1119 13.80 -20.13 21.36
N VAL A 1120 13.74 -19.06 20.57
CA VAL A 1120 13.51 -17.73 21.13
C VAL A 1120 12.08 -17.60 21.64
N LEU A 1121 11.11 -18.09 20.86
CA LEU A 1121 9.70 -17.91 21.20
C LEU A 1121 9.27 -18.79 22.36
N SER A 1122 9.95 -19.92 22.56
CA SER A 1122 9.55 -20.83 23.63
C SER A 1122 9.67 -20.21 25.00
N THR A 1123 10.55 -19.22 25.17
CA THR A 1123 10.76 -18.56 26.45
C THR A 1123 9.98 -17.25 26.58
N ALA A 1124 9.14 -16.91 25.59
CA ALA A 1124 8.40 -15.67 25.64
C ALA A 1124 7.39 -15.71 26.79
N PRO A 1125 7.15 -14.56 27.43
CA PRO A 1125 6.16 -14.54 28.54
C PRO A 1125 4.76 -14.88 28.10
N ASN A 1126 4.43 -14.71 26.81
CA ASN A 1126 3.08 -14.99 26.32
C ASN A 1126 2.88 -16.49 26.22
N LYS A 1127 1.85 -17.00 26.90
CA LYS A 1127 1.59 -18.43 26.88
C LYS A 1127 1.17 -18.90 25.50
N ILE A 1128 0.47 -18.05 24.74
CA ILE A 1128 -0.01 -18.46 23.42
C ILE A 1128 1.16 -18.76 22.49
N PHE A 1129 2.20 -17.93 22.51
CA PHE A 1129 3.36 -18.15 21.66
C PHE A 1129 4.32 -19.19 22.24
N SER A 1130 4.55 -19.15 23.55
CA SER A 1130 5.46 -20.10 24.16
C SER A 1130 4.93 -21.53 24.03
N LYS A 1131 3.64 -21.72 24.26
CA LYS A 1131 3.06 -23.06 24.16
C LYS A 1131 3.16 -23.60 22.74
N SER A 1132 2.88 -22.75 21.74
CA SER A 1132 2.98 -23.19 20.36
C SER A 1132 4.42 -23.39 19.92
N ALA A 1133 5.38 -22.72 20.55
CA ALA A 1133 6.78 -22.94 20.22
C ALA A 1133 7.36 -24.17 20.91
N GLN A 1134 6.85 -24.53 22.08
CA GLN A 1134 7.34 -25.73 22.77
C GLN A 1134 6.95 -26.99 22.01
N HIS A 1135 5.75 -27.02 21.44
CA HIS A 1135 5.25 -28.18 20.72
C HIS A 1135 5.58 -28.11 19.23
N TYR A 1136 6.39 -27.14 18.80
CA TYR A 1136 6.58 -26.92 17.38
C TYR A 1136 7.23 -28.12 16.70
N THR A 1137 8.33 -28.62 17.27
CA THR A 1137 9.02 -29.75 16.65
C THR A 1137 8.18 -31.02 16.67
N THR A 1138 7.53 -31.30 17.81
CA THR A 1138 6.68 -32.49 17.89
C THR A 1138 5.49 -32.39 16.95
N THR A 1139 4.90 -31.20 16.84
CA THR A 1139 3.82 -31.01 15.87
C THR A 1139 4.32 -31.18 14.45
N GLU A 1140 5.55 -30.76 14.17
CA GLU A 1140 6.10 -30.99 12.83
C GLU A 1140 6.24 -32.49 12.55
N ILE A 1141 6.72 -33.25 13.53
CA ILE A 1141 6.85 -34.70 13.35
C ILE A 1141 5.48 -35.33 13.14
N ASP A 1142 4.49 -34.92 13.92
CA ASP A 1142 3.14 -35.46 13.74
C ASP A 1142 2.57 -35.10 12.38
N LEU A 1143 2.79 -33.86 11.94
CA LEU A 1143 2.31 -33.42 10.63
C LEU A 1143 2.98 -34.20 9.51
N ASN A 1144 4.23 -34.61 9.70
CA ASN A 1144 4.86 -35.49 8.73
C ASN A 1144 4.22 -36.88 8.74
N ASP A 1145 3.69 -37.31 9.89
CA ASP A 1145 3.14 -38.65 10.03
C ASP A 1145 1.68 -38.76 9.61
N ILE A 1146 1.02 -37.66 9.27
CA ILE A 1146 -0.40 -37.72 8.96
C ILE A 1146 -0.64 -38.43 7.64
N MET A 1147 0.01 -37.96 6.57
CA MET A 1147 -0.29 -38.39 5.22
C MET A 1147 0.85 -39.15 4.57
N GLN A 1148 1.60 -39.91 5.36
CA GLN A 1148 2.71 -40.68 4.81
C GLN A 1148 2.26 -41.95 4.11
N ASN A 1149 1.02 -42.38 4.33
CA ASN A 1149 0.56 -43.67 3.83
C ASN A 1149 -0.12 -43.59 2.47
N ILE A 1150 -0.49 -42.39 2.02
CA ILE A 1150 -1.10 -42.26 0.70
C ILE A 1150 -0.03 -42.41 -0.37
N GLU A 1151 -0.23 -43.34 -1.29
CA GLU A 1151 0.83 -43.70 -2.22
C GLU A 1151 1.08 -42.61 -3.27
N PRO A 1152 0.10 -42.23 -4.12
CA PRO A 1152 0.41 -41.25 -5.16
C PRO A 1152 0.46 -39.84 -4.58
N THR A 1153 1.62 -39.47 -4.04
CA THR A 1153 1.73 -38.22 -3.29
C THR A 1153 1.43 -37.03 -4.18
N TYR A 1154 0.45 -36.22 -3.75
CA TYR A 1154 0.12 -34.98 -4.42
C TYR A 1154 0.57 -33.82 -3.54
N PRO A 1155 1.68 -33.15 -3.85
CA PRO A 1155 2.17 -32.10 -2.96
C PRO A 1155 1.19 -30.95 -2.77
N HIS A 1156 0.42 -30.61 -3.80
CA HIS A 1156 -0.54 -29.52 -3.66
C HIS A 1156 -1.71 -29.92 -2.77
N GLY A 1157 -2.14 -31.18 -2.86
CA GLY A 1157 -3.10 -31.67 -1.90
C GLY A 1157 -2.56 -31.66 -0.48
N LEU A 1158 -1.27 -31.96 -0.32
CA LEU A 1158 -0.64 -31.83 0.99
C LEU A 1158 -0.67 -30.38 1.44
N ARG A 1159 -0.48 -29.43 0.52
CA ARG A 1159 -0.60 -28.03 0.87
C ARG A 1159 -2.01 -27.70 1.35
N VAL A 1160 -3.03 -28.23 0.68
CA VAL A 1160 -4.41 -28.01 1.11
C VAL A 1160 -4.61 -28.55 2.52
N VAL A 1161 -4.08 -29.74 2.79
CA VAL A 1161 -4.14 -30.30 4.14
C VAL A 1161 -3.42 -29.39 5.12
N TYR A 1162 -2.33 -28.76 4.68
CA TYR A 1162 -1.55 -27.89 5.55
C TYR A 1162 -2.35 -26.65 5.94
N GLU A 1163 -2.93 -25.95 4.96
CA GLU A 1163 -3.63 -24.70 5.24
C GLU A 1163 -4.89 -24.90 6.05
N SER A 1164 -5.45 -26.11 6.04
CA SER A 1164 -6.69 -26.39 6.77
C SER A 1164 -6.45 -26.75 8.22
N LEU A 1165 -5.20 -26.75 8.66
CA LEU A 1165 -4.81 -27.06 10.03
C LEU A 1165 -4.26 -25.81 10.71
N PRO A 1166 -4.36 -25.71 12.03
CA PRO A 1166 -3.89 -24.50 12.72
C PRO A 1166 -2.38 -24.31 12.69
N PHE A 1167 -1.62 -25.32 12.25
CA PHE A 1167 -0.18 -25.15 12.15
C PHE A 1167 0.23 -24.14 11.09
N TYR A 1168 -0.65 -23.87 10.12
CA TYR A 1168 -0.33 -22.89 9.09
C TYR A 1168 -0.14 -21.50 9.68
N LYS A 1169 -1.01 -21.10 10.60
CA LYS A 1169 -0.90 -19.79 11.23
C LYS A 1169 0.38 -19.66 12.06
N ALA A 1170 0.70 -20.70 12.83
CA ALA A 1170 1.94 -20.69 13.61
C ALA A 1170 3.15 -20.62 12.69
N GLU A 1171 3.12 -21.37 11.60
CA GLU A 1171 4.23 -21.32 10.65
C GLU A 1171 4.38 -19.94 10.03
N LYS A 1172 3.25 -19.30 9.70
CA LYS A 1172 3.33 -17.97 9.10
C LYS A 1172 3.87 -16.95 10.10
N ILE A 1173 3.46 -17.03 11.36
CA ILE A 1173 4.00 -16.12 12.37
C ILE A 1173 5.50 -16.36 12.55
N VAL A 1174 5.92 -17.62 12.60
CA VAL A 1174 7.33 -17.93 12.79
C VAL A 1174 8.15 -17.47 11.58
N ASN A 1175 7.60 -17.63 10.38
CA ASN A 1175 8.31 -17.16 9.19
C ASN A 1175 8.41 -15.65 9.14
N LEU A 1176 7.38 -14.95 9.61
CA LEU A 1176 7.45 -13.49 9.70
C LEU A 1176 8.54 -13.07 10.68
N ILE A 1177 8.61 -13.73 11.84
CA ILE A 1177 9.62 -13.39 12.82
C ILE A 1177 11.02 -13.74 12.33
N SER A 1178 11.18 -14.81 11.56
CA SER A 1178 12.49 -15.23 11.09
C SER A 1178 13.07 -14.32 10.02
N GLY A 1179 12.28 -13.40 9.47
CA GLY A 1179 12.79 -12.49 8.47
C GLY A 1179 13.52 -11.28 9.02
N THR A 1180 13.47 -11.06 10.32
CA THR A 1180 14.10 -9.91 10.93
C THR A 1180 15.60 -10.16 11.13
N LYS A 1181 16.31 -9.10 11.49
CA LYS A 1181 17.69 -9.20 11.90
C LYS A 1181 17.75 -9.33 13.43
N SER A 1182 18.78 -10.04 13.90
CA SER A 1182 19.02 -10.21 15.33
C SER A 1182 17.81 -10.86 16.01
N ILE A 1183 17.57 -12.11 15.63
CA ILE A 1183 16.48 -12.88 16.22
C ILE A 1183 16.69 -13.04 17.72
N THR A 1184 17.91 -13.39 18.12
CA THR A 1184 18.18 -13.69 19.52
C THR A 1184 17.86 -12.49 20.42
N ASN A 1185 18.20 -11.29 19.98
CA ASN A 1185 17.98 -10.09 20.77
C ASN A 1185 16.57 -9.54 20.63
N ILE A 1186 15.64 -10.31 20.06
CA ILE A 1186 14.27 -9.82 19.89
C ILE A 1186 13.67 -9.40 21.21
N LEU A 1187 13.92 -10.17 22.26
CA LEU A 1187 13.44 -9.83 23.60
C LEU A 1187 14.50 -9.17 24.46
N GLU A 1188 15.65 -8.80 23.89
CA GLU A 1188 16.75 -8.24 24.67
C GLU A 1188 16.80 -6.73 24.64
N LYS A 1189 15.87 -6.08 23.92
CA LYS A 1189 15.78 -4.62 23.87
C LYS A 1189 17.06 -3.97 23.37
N THR A 1190 17.70 -4.60 22.38
CA THR A 1190 18.87 -4.05 21.72
C THR A 1190 18.62 -4.02 20.22
N SER A 1191 19.35 -3.14 19.54
CA SER A 1191 19.33 -3.05 18.09
C SER A 1191 20.56 -3.69 17.46
N ALA A 1192 21.30 -4.48 18.23
CA ALA A 1192 22.53 -5.10 17.76
C ALA A 1192 22.28 -6.54 17.32
N ILE A 1193 23.07 -6.98 16.36
CA ILE A 1193 22.96 -8.34 15.83
C ILE A 1193 23.84 -9.24 16.69
N ASP A 1194 23.24 -10.26 17.28
CA ASP A 1194 24.00 -11.20 18.10
C ASP A 1194 25.00 -11.95 17.24
N LEU A 1195 26.12 -12.32 17.85
CA LEU A 1195 27.15 -13.05 17.11
C LEU A 1195 26.66 -14.43 16.67
N THR A 1196 25.72 -15.01 17.42
CA THR A 1196 25.17 -16.31 17.02
C THR A 1196 24.48 -16.20 15.67
N ASP A 1197 23.63 -15.18 15.50
CA ASP A 1197 22.95 -14.98 14.23
C ASP A 1197 23.93 -14.65 13.12
N ILE A 1198 24.97 -13.88 13.43
CA ILE A 1198 25.98 -13.53 12.45
C ILE A 1198 26.66 -14.78 11.92
N ASP A 1199 27.09 -15.66 12.83
CA ASP A 1199 27.75 -16.90 12.45
C ASP A 1199 26.81 -17.81 11.68
N ARG A 1200 25.55 -17.90 12.12
CA ARG A 1200 24.58 -18.75 11.43
C ARG A 1200 24.36 -18.28 10.00
N ALA A 1201 24.19 -16.98 9.81
CA ALA A 1201 23.99 -16.44 8.46
C ALA A 1201 25.24 -16.65 7.61
N THR A 1202 26.42 -16.49 8.21
CA THR A 1202 27.66 -16.70 7.45
C THR A 1202 27.76 -18.14 6.97
N GLU A 1203 27.49 -19.10 7.86
CA GLU A 1203 27.53 -20.49 7.46
C GLU A 1203 26.48 -20.80 6.40
N MET A 1204 25.29 -20.21 6.54
CA MET A 1204 24.25 -20.39 5.53
C MET A 1204 24.74 -19.92 4.16
N MET A 1205 25.33 -18.74 4.10
CA MET A 1205 25.81 -18.21 2.83
C MET A 1205 26.92 -19.08 2.25
N ARG A 1206 27.84 -19.56 3.09
CA ARG A 1206 28.93 -20.39 2.59
C ARG A 1206 28.41 -21.73 2.06
N LYS A 1207 27.47 -22.35 2.78
CA LYS A 1207 26.88 -23.60 2.31
C LYS A 1207 26.16 -23.39 0.99
N ASN A 1208 25.41 -22.29 0.87
CA ASN A 1208 24.71 -22.01 -0.38
C ASN A 1208 25.68 -21.80 -1.53
N ILE A 1209 26.80 -21.12 -1.26
CA ILE A 1209 27.78 -20.88 -2.31
C ILE A 1209 28.41 -22.18 -2.78
N THR A 1210 28.76 -23.06 -1.84
CA THR A 1210 29.41 -24.33 -2.17
C THR A 1210 28.42 -25.42 -2.57
N LEU A 1211 27.12 -25.11 -2.58
CA LEU A 1211 26.13 -26.05 -3.10
C LEU A 1211 26.46 -26.46 -4.53
N LEU A 1212 27.08 -25.59 -5.32
CA LEU A 1212 27.41 -25.96 -6.69
C LEU A 1212 28.51 -27.01 -6.77
N ILE A 1213 29.47 -27.00 -5.85
CA ILE A 1213 30.47 -28.08 -5.83
C ILE A 1213 29.91 -29.34 -5.19
N ARG A 1214 28.89 -29.21 -4.34
CA ARG A 1214 28.26 -30.42 -3.80
C ARG A 1214 27.35 -31.08 -4.85
N ILE A 1215 26.70 -30.29 -5.69
CA ILE A 1215 25.75 -30.80 -6.66
C ILE A 1215 26.46 -31.59 -7.76
N LEU A 1216 27.63 -31.15 -8.18
CA LEU A 1216 28.34 -31.74 -9.31
C LEU A 1216 29.72 -32.24 -8.88
N PRO A 1217 29.79 -33.40 -8.24
CA PRO A 1217 31.09 -33.94 -7.83
C PRO A 1217 31.94 -34.28 -9.05
N LEU A 1218 33.25 -34.18 -8.88
CA LEU A 1218 34.17 -34.40 -10.00
C LEU A 1218 34.14 -35.83 -10.52
N ASP A 1219 33.73 -36.78 -9.70
CA ASP A 1219 33.78 -38.20 -10.05
C ASP A 1219 32.40 -38.76 -10.43
N CYS A 1220 31.54 -37.93 -11.00
CA CYS A 1220 30.23 -38.37 -11.43
C CYS A 1220 29.88 -37.80 -12.80
N GLU A 1226 28.96 -45.13 -15.90
CA GLU A 1226 27.62 -44.87 -16.40
C GLU A 1226 27.43 -43.40 -16.74
N ILE A 1227 27.00 -43.13 -17.98
CA ILE A 1227 26.75 -41.78 -18.44
C ILE A 1227 25.38 -41.75 -19.10
N LEU A 1228 24.56 -40.77 -18.72
CA LEU A 1228 23.23 -40.62 -19.29
C LEU A 1228 23.32 -40.43 -20.80
N SER A 1229 22.42 -41.07 -21.52
CA SER A 1229 22.39 -41.02 -22.98
C SER A 1229 21.24 -40.14 -23.44
N MET A 1230 21.54 -39.19 -24.32
CA MET A 1230 20.54 -38.22 -24.77
C MET A 1230 19.59 -38.77 -25.83
N GLU A 1231 19.83 -39.97 -26.33
CA GLU A 1231 18.94 -40.55 -27.33
C GLU A 1231 17.57 -40.81 -26.70
N ASN A 1232 16.53 -40.18 -27.26
CA ASN A 1232 15.17 -40.28 -26.75
C ASN A 1232 15.09 -39.89 -25.28
N LEU A 1233 15.51 -38.65 -25.01
CA LEU A 1233 15.50 -38.09 -23.67
C LEU A 1233 14.44 -37.01 -23.58
N SER A 1234 13.54 -37.14 -22.61
CA SER A 1234 12.55 -36.11 -22.31
C SER A 1234 12.89 -35.51 -20.95
N ILE A 1235 13.12 -34.20 -20.94
CA ILE A 1235 13.51 -33.52 -19.71
C ILE A 1235 12.38 -33.50 -18.69
N THR A 1236 11.13 -33.66 -19.14
CA THR A 1236 10.03 -33.76 -18.19
C THR A 1236 10.13 -35.02 -17.34
N GLU A 1237 10.39 -36.16 -17.98
CA GLU A 1237 10.60 -37.39 -17.24
C GLU A 1237 11.84 -37.31 -16.36
N LEU A 1238 12.90 -36.66 -16.87
CA LEU A 1238 14.12 -36.51 -16.08
C LEU A 1238 13.86 -35.69 -14.82
N SER A 1239 13.13 -34.58 -14.95
CA SER A 1239 12.82 -33.77 -13.79
C SER A 1239 11.90 -34.50 -12.83
N LYS A 1240 10.94 -35.26 -13.35
CA LYS A 1240 10.07 -36.05 -12.49
C LYS A 1240 10.87 -37.07 -11.71
N TYR A 1241 11.81 -37.75 -12.37
CA TYR A 1241 12.65 -38.73 -11.70
C TYR A 1241 13.54 -38.08 -10.65
N VAL A 1242 14.09 -36.91 -10.96
CA VAL A 1242 14.92 -36.20 -9.98
C VAL A 1242 14.09 -35.82 -8.75
N ARG A 1243 12.89 -35.29 -8.97
CA ARG A 1243 12.05 -34.89 -7.85
C ARG A 1243 11.62 -36.09 -7.01
N GLU A 1244 11.29 -37.22 -7.65
CA GLU A 1244 10.90 -38.40 -6.91
C GLU A 1244 12.08 -38.99 -6.14
N ARG A 1245 13.24 -39.10 -6.79
CA ARG A 1245 14.40 -39.69 -6.16
C ARG A 1245 14.88 -38.85 -4.99
N SER A 1246 14.76 -37.52 -5.09
CA SER A 1246 15.22 -36.66 -4.01
C SER A 1246 14.50 -36.96 -2.71
N TRP A 1247 13.18 -37.15 -2.77
CA TRP A 1247 12.43 -37.56 -1.60
C TRP A 1247 12.31 -39.08 -1.48
N SER A 1248 12.79 -39.83 -2.47
CA SER A 1248 12.64 -41.28 -2.51
C SER A 1248 11.18 -41.69 -2.40
N LEU A 1249 10.30 -40.90 -3.02
CA LEU A 1249 8.90 -41.24 -3.10
C LEU A 1249 8.63 -41.99 -4.38
N SER A 1250 7.79 -43.02 -4.30
CA SER A 1250 7.54 -43.87 -5.46
C SER A 1250 6.90 -43.09 -6.59
N ASN A 1251 5.90 -42.26 -6.27
CA ASN A 1251 5.19 -41.49 -7.28
C ASN A 1251 4.79 -40.14 -6.70
N ILE A 1252 5.16 -39.08 -7.41
CA ILE A 1252 4.74 -37.71 -7.09
C ILE A 1252 4.07 -37.15 -8.33
N VAL A 1253 2.84 -36.66 -8.17
CA VAL A 1253 2.04 -36.23 -9.31
C VAL A 1253 1.57 -34.80 -9.07
N GLY A 1254 1.29 -34.10 -10.17
CA GLY A 1254 0.67 -32.80 -10.09
C GLY A 1254 1.59 -31.64 -9.86
N VAL A 1255 2.91 -31.84 -9.91
CA VAL A 1255 3.87 -30.75 -9.75
C VAL A 1255 4.86 -30.68 -10.90
N THR A 1256 4.82 -31.62 -11.84
CA THR A 1256 5.75 -31.65 -12.96
C THR A 1256 5.03 -31.22 -14.22
N SER A 1257 5.55 -30.17 -14.87
CA SER A 1257 5.01 -29.66 -16.12
C SER A 1257 6.16 -29.35 -17.04
N PRO A 1258 6.05 -29.63 -18.33
CA PRO A 1258 7.17 -29.38 -19.24
C PRO A 1258 7.43 -27.89 -19.38
N SER A 1259 8.67 -27.57 -19.78
CA SER A 1259 9.05 -26.19 -20.07
C SER A 1259 8.57 -25.85 -21.48
N ILE A 1260 7.76 -24.79 -21.59
CA ILE A 1260 7.20 -24.42 -22.87
C ILE A 1260 8.29 -23.98 -23.83
N MET A 1261 9.32 -23.30 -23.32
CA MET A 1261 10.39 -22.81 -24.16
C MET A 1261 11.18 -23.94 -24.81
N TYR A 1262 11.24 -25.10 -24.16
CA TYR A 1262 11.92 -26.25 -24.75
C TYR A 1262 10.95 -27.11 -25.57
N THR A 1263 9.70 -27.25 -25.11
CA THR A 1263 8.76 -28.12 -25.78
C THR A 1263 8.49 -27.67 -27.21
N MET A 1264 8.31 -26.36 -27.41
CA MET A 1264 7.83 -25.83 -28.68
C MET A 1264 9.00 -25.35 -29.53
N ASP A 1265 9.30 -26.10 -30.58
CA ASP A 1265 10.19 -25.59 -31.61
C ASP A 1265 9.49 -24.47 -32.37
N ILE A 1266 10.26 -23.54 -32.90
CA ILE A 1266 9.74 -22.30 -33.47
C ILE A 1266 10.01 -22.32 -34.97
N LYS A 1267 8.96 -22.12 -35.77
CA LYS A 1267 9.07 -22.06 -37.22
C LYS A 1267 8.49 -20.75 -37.72
N TYR A 1268 9.09 -20.20 -38.77
CA TYR A 1268 8.68 -18.91 -39.31
C TYR A 1268 8.12 -18.99 -40.72
N THR A 1269 8.01 -20.18 -41.30
CA THR A 1269 7.50 -20.34 -42.65
C THR A 1269 6.12 -20.98 -42.60
N THR A 1270 5.58 -21.27 -43.79
CA THR A 1270 4.24 -21.83 -43.88
C THR A 1270 4.18 -23.24 -43.28
N SER A 1271 3.13 -23.50 -42.51
CA SER A 1271 2.95 -24.79 -41.83
C SER A 1271 2.46 -25.80 -42.85
N THR A 1272 3.39 -26.57 -43.42
CA THR A 1272 3.02 -27.58 -44.40
C THR A 1272 2.47 -28.85 -43.76
N ILE A 1273 2.53 -28.97 -42.44
CA ILE A 1273 2.09 -30.17 -41.73
C ILE A 1273 0.86 -29.92 -40.87
N SER A 1274 0.38 -28.68 -40.78
CA SER A 1274 -0.80 -28.34 -39.98
C SER A 1274 -0.62 -28.76 -38.52
N SER A 1275 0.53 -28.43 -37.93
CA SER A 1275 0.82 -28.74 -36.55
C SER A 1275 1.42 -27.54 -35.85
N GLY A 1276 1.00 -27.30 -34.62
CA GLY A 1276 1.56 -26.25 -33.80
C GLY A 1276 0.67 -25.02 -33.74
N ILE A 1277 0.86 -24.24 -32.67
CA ILE A 1277 0.11 -23.00 -32.48
C ILE A 1277 0.59 -21.96 -33.48
N ILE A 1278 -0.35 -21.21 -34.07
CA ILE A 1278 -0.02 -20.19 -35.06
C ILE A 1278 -0.27 -18.83 -34.44
N ILE A 1279 0.79 -18.03 -34.33
CA ILE A 1279 0.69 -16.66 -33.85
C ILE A 1279 0.96 -15.73 -35.03
N GLU A 1280 -0.02 -14.87 -35.35
CA GLU A 1280 0.03 -14.00 -36.51
C GLU A 1280 -0.03 -12.54 -36.07
N LYS A 1281 0.56 -11.68 -36.89
CA LYS A 1281 0.60 -10.25 -36.65
C LYS A 1281 -0.53 -9.58 -37.42
N TYR A 1282 -1.51 -9.05 -36.69
CA TYR A 1282 -2.63 -8.37 -37.33
C TYR A 1282 -2.31 -6.92 -37.69
N ASN A 1283 -1.36 -6.30 -36.98
CA ASN A 1283 -0.90 -4.96 -37.31
C ASN A 1283 -0.24 -4.96 -38.69
N VAL A 1284 -0.30 -3.83 -39.39
CA VAL A 1284 0.29 -3.74 -40.72
C VAL A 1284 1.71 -3.17 -40.70
N ASN A 1285 2.11 -2.51 -39.62
CA ASN A 1285 3.45 -1.93 -39.53
C ASN A 1285 4.49 -3.01 -39.28
N SER A 1286 5.70 -2.79 -39.81
CA SER A 1286 6.78 -3.74 -39.58
C SER A 1286 7.19 -3.78 -38.12
N LEU A 1287 7.11 -2.65 -37.42
CA LEU A 1287 7.46 -2.57 -36.01
C LEU A 1287 6.18 -2.37 -35.21
N THR A 1288 5.97 -3.22 -34.21
CA THR A 1288 4.73 -3.23 -33.44
C THR A 1288 4.95 -2.83 -31.98
N ARG A 1289 6.09 -2.21 -31.67
CA ARG A 1289 6.35 -1.74 -30.32
C ARG A 1289 5.75 -0.35 -30.13
N GLY A 1290 4.99 -0.19 -29.05
CA GLY A 1290 4.31 1.07 -28.81
C GLY A 1290 3.10 1.30 -29.68
N GLU A 1291 2.49 0.24 -30.21
CA GLU A 1291 1.30 0.34 -31.04
C GLU A 1291 0.27 -0.65 -30.53
N ARG A 1292 -1.00 -0.24 -30.55
CA ARG A 1292 -2.10 -1.09 -30.12
C ARG A 1292 -2.83 -1.62 -31.35
N GLY A 1293 -3.10 -2.93 -31.34
CA GLY A 1293 -3.78 -3.57 -32.43
C GLY A 1293 -5.25 -3.78 -32.16
N PRO A 1294 -5.90 -4.58 -33.01
CA PRO A 1294 -7.35 -4.79 -32.88
C PRO A 1294 -7.74 -5.79 -31.79
N THR A 1295 -6.94 -6.83 -31.61
CA THR A 1295 -7.38 -7.97 -30.81
C THR A 1295 -7.46 -7.62 -29.34
N LYS A 1296 -8.17 -8.46 -28.59
CA LYS A 1296 -8.32 -8.28 -27.17
C LYS A 1296 -7.01 -8.56 -26.44
N PRO A 1297 -6.78 -7.90 -25.31
CA PRO A 1297 -5.53 -8.13 -24.58
C PRO A 1297 -5.47 -9.51 -23.95
N TRP A 1298 -4.25 -10.03 -23.82
CA TRP A 1298 -3.99 -11.34 -23.23
C TRP A 1298 -3.57 -11.14 -21.78
N VAL A 1299 -4.50 -11.34 -20.86
CA VAL A 1299 -4.26 -11.13 -19.43
C VAL A 1299 -3.57 -12.37 -18.89
N GLY A 1300 -3.61 -13.44 -19.67
CA GLY A 1300 -3.13 -14.74 -19.25
C GLY A 1300 -4.25 -15.74 -19.17
N SER A 1301 -5.38 -15.32 -18.61
CA SER A 1301 -6.63 -16.06 -18.68
C SER A 1301 -6.53 -17.46 -18.10
N SER A 1302 -6.28 -17.56 -16.79
CA SER A 1302 -6.28 -18.86 -16.14
C SER A 1302 -7.70 -19.41 -16.06
N THR A 1303 -7.83 -20.71 -16.30
CA THR A 1303 -9.13 -21.37 -16.27
C THR A 1303 -9.42 -21.85 -14.84
N GLN A 1304 -10.50 -21.33 -14.26
CA GLN A 1304 -10.82 -21.59 -12.87
C GLN A 1304 -11.67 -22.86 -12.74
N GLU A 1305 -11.93 -23.25 -11.50
CA GLU A 1305 -12.71 -24.45 -11.19
C GLU A 1305 -14.20 -24.14 -11.17
N LYS A 1306 -14.99 -25.18 -11.42
CA LYS A 1306 -16.45 -25.08 -11.44
C LYS A 1306 -17.01 -25.69 -10.17
N LYS A 1307 -17.84 -24.93 -9.46
CA LYS A 1307 -18.39 -25.40 -8.20
C LYS A 1307 -19.80 -24.84 -8.01
N THR A 1308 -20.71 -25.70 -7.56
CA THR A 1308 -22.07 -25.28 -7.25
C THR A 1308 -22.12 -24.91 -5.77
N MET A 1309 -22.15 -23.62 -5.50
CA MET A 1309 -22.17 -23.16 -4.12
C MET A 1309 -23.55 -23.41 -3.52
N PRO A 1310 -23.64 -24.15 -2.42
CA PRO A 1310 -24.95 -24.36 -1.79
C PRO A 1310 -25.52 -23.07 -1.25
N VAL A 1311 -26.85 -23.00 -1.21
CA VAL A 1311 -27.56 -21.78 -0.85
C VAL A 1311 -27.80 -21.75 0.65
N TYR A 1312 -27.33 -20.68 1.30
CA TYR A 1312 -27.55 -20.43 2.71
C TYR A 1312 -27.16 -19.00 3.01
N ASN A 1313 -27.42 -18.56 4.25
CA ASN A 1313 -27.11 -17.20 4.67
C ASN A 1313 -25.60 -17.09 4.88
N ARG A 1314 -24.91 -16.76 3.79
CA ARG A 1314 -23.45 -16.75 3.79
C ARG A 1314 -22.88 -15.67 4.69
N GLN A 1315 -23.64 -14.60 4.95
CA GLN A 1315 -23.17 -13.53 5.81
C GLN A 1315 -23.10 -13.91 7.27
N VAL A 1316 -23.62 -15.09 7.64
CA VAL A 1316 -23.53 -15.56 9.02
C VAL A 1316 -22.13 -16.12 9.33
N LEU A 1317 -21.36 -16.45 8.31
CA LEU A 1317 -20.01 -16.97 8.49
C LEU A 1317 -18.99 -15.86 8.24
N THR A 1318 -17.99 -15.77 9.10
CA THR A 1318 -16.92 -14.81 8.90
C THR A 1318 -16.03 -15.23 7.72
N LYS A 1319 -15.04 -14.41 7.40
CA LYS A 1319 -14.14 -14.72 6.30
C LYS A 1319 -13.33 -15.98 6.60
N LYS A 1320 -12.85 -16.12 7.83
CA LYS A 1320 -12.06 -17.30 8.18
C LYS A 1320 -12.87 -18.57 8.05
N GLN A 1321 -14.12 -18.54 8.48
CA GLN A 1321 -14.97 -19.73 8.39
C GLN A 1321 -15.27 -20.09 6.94
N ARG A 1322 -15.51 -19.08 6.09
CA ARG A 1322 -15.74 -19.35 4.67
C ARG A 1322 -14.48 -19.93 4.03
N ASP A 1323 -13.31 -19.40 4.38
CA ASP A 1323 -12.07 -19.94 3.83
C ASP A 1323 -11.85 -21.38 4.28
N GLN A 1324 -12.14 -21.68 5.55
CA GLN A 1324 -12.00 -23.04 6.04
C GLN A 1324 -12.96 -23.99 5.34
N ILE A 1325 -14.19 -23.55 5.12
CA ILE A 1325 -15.16 -24.37 4.42
C ILE A 1325 -14.70 -24.63 2.99
N ASP A 1326 -14.15 -23.60 2.33
CA ASP A 1326 -13.63 -23.80 0.98
C ASP A 1326 -12.47 -24.79 0.97
N LEU A 1327 -11.59 -24.71 1.96
CA LEU A 1327 -10.46 -25.63 2.02
C LEU A 1327 -10.93 -27.07 2.25
N LEU A 1328 -11.88 -27.25 3.15
CA LEU A 1328 -12.42 -28.60 3.41
C LEU A 1328 -13.14 -29.15 2.19
N ALA A 1329 -13.87 -28.29 1.46
CA ALA A 1329 -14.50 -28.74 0.23
C ALA A 1329 -13.47 -29.13 -0.82
N LYS A 1330 -12.37 -28.37 -0.91
CA LYS A 1330 -11.29 -28.75 -1.81
C LYS A 1330 -10.72 -30.11 -1.44
N LEU A 1331 -10.58 -30.37 -0.13
CA LEU A 1331 -10.12 -31.67 0.31
C LEU A 1331 -11.10 -32.77 -0.09
N ASP A 1332 -12.39 -32.53 0.12
CA ASP A 1332 -13.40 -33.52 -0.24
C ASP A 1332 -13.40 -33.79 -1.74
N TRP A 1333 -13.05 -32.78 -2.53
CA TRP A 1333 -12.96 -32.96 -3.98
C TRP A 1333 -11.71 -33.75 -4.36
N VAL A 1334 -10.58 -33.45 -3.73
CA VAL A 1334 -9.32 -34.07 -4.12
C VAL A 1334 -9.11 -35.41 -3.43
N TYR A 1335 -9.60 -35.57 -2.21
CA TYR A 1335 -9.38 -36.78 -1.43
C TYR A 1335 -10.63 -37.63 -1.33
N ALA A 1336 -11.39 -37.70 -2.42
CA ALA A 1336 -12.59 -38.53 -2.45
C ALA A 1336 -12.26 -40.01 -2.52
N SER A 1337 -11.00 -40.36 -2.81
CA SER A 1337 -10.60 -41.76 -2.94
C SER A 1337 -9.96 -42.30 -1.66
N ILE A 1338 -9.87 -41.51 -0.60
CA ILE A 1338 -9.24 -41.96 0.63
C ILE A 1338 -10.06 -43.06 1.27
N ASP A 1339 -9.38 -44.11 1.72
CA ASP A 1339 -10.07 -45.28 2.26
C ASP A 1339 -10.78 -44.99 3.57
N ASN A 1340 -10.29 -44.04 4.37
CA ASN A 1340 -10.97 -43.68 5.61
C ASN A 1340 -11.39 -42.20 5.57
N LYS A 1341 -12.00 -41.80 4.45
CA LYS A 1341 -12.42 -40.41 4.30
C LYS A 1341 -13.42 -40.01 5.37
N ASP A 1342 -14.34 -40.91 5.72
CA ASP A 1342 -15.40 -40.55 6.66
C ASP A 1342 -14.83 -40.12 8.00
N GLU A 1343 -13.98 -40.96 8.60
CA GLU A 1343 -13.39 -40.62 9.89
C GLU A 1343 -12.49 -39.40 9.78
N PHE A 1344 -11.71 -39.32 8.70
CA PHE A 1344 -10.78 -38.22 8.51
C PHE A 1344 -11.50 -36.87 8.45
N MET A 1345 -12.56 -36.79 7.66
CA MET A 1345 -13.29 -35.54 7.55
C MET A 1345 -14.16 -35.28 8.76
N GLU A 1346 -14.67 -36.33 9.43
CA GLU A 1346 -15.37 -36.10 10.68
C GLU A 1346 -14.44 -35.45 11.70
N GLU A 1347 -13.20 -35.95 11.79
CA GLU A 1347 -12.23 -35.36 12.71
C GLU A 1347 -11.91 -33.93 12.30
N LEU A 1348 -11.68 -33.69 11.01
CA LEU A 1348 -11.35 -32.34 10.56
C LEU A 1348 -12.46 -31.35 10.87
N SER A 1349 -13.71 -31.71 10.55
CA SER A 1349 -14.82 -30.80 10.75
C SER A 1349 -15.14 -30.61 12.23
N ILE A 1350 -15.02 -31.67 13.04
CA ILE A 1350 -15.26 -31.53 14.47
C ILE A 1350 -14.19 -30.64 15.11
N GLY A 1351 -12.94 -30.81 14.69
CA GLY A 1351 -11.86 -30.02 15.25
C GLY A 1351 -11.87 -28.58 14.83
N THR A 1352 -11.79 -28.31 13.53
CA THR A 1352 -11.67 -26.93 13.06
C THR A 1352 -13.01 -26.21 13.10
N LEU A 1353 -13.99 -26.70 12.33
CA LEU A 1353 -15.26 -26.00 12.21
C LEU A 1353 -16.20 -26.25 13.38
N GLY A 1354 -15.95 -27.28 14.19
CA GLY A 1354 -16.83 -27.55 15.31
C GLY A 1354 -18.14 -28.22 14.95
N LEU A 1355 -18.29 -28.68 13.71
CA LEU A 1355 -19.50 -29.34 13.25
C LEU A 1355 -19.20 -30.77 12.83
N THR A 1356 -20.25 -31.59 12.80
CA THR A 1356 -20.11 -32.94 12.26
C THR A 1356 -19.94 -32.89 10.75
N TYR A 1357 -19.47 -34.00 10.18
CA TYR A 1357 -19.17 -34.02 8.75
C TYR A 1357 -20.40 -33.79 7.92
N GLU A 1358 -21.53 -34.41 8.27
CA GLU A 1358 -22.74 -34.24 7.49
C GLU A 1358 -23.34 -32.85 7.63
N LYS A 1359 -23.21 -32.23 8.81
CA LYS A 1359 -23.69 -30.86 8.97
C LYS A 1359 -22.86 -29.89 8.13
N ALA A 1360 -21.54 -30.10 8.10
CA ALA A 1360 -20.68 -29.21 7.33
C ALA A 1360 -20.80 -29.47 5.84
N LYS A 1361 -21.14 -30.70 5.46
CA LYS A 1361 -21.24 -31.04 4.04
C LYS A 1361 -22.33 -30.25 3.34
N LYS A 1362 -23.32 -29.76 4.07
CA LYS A 1362 -24.35 -28.92 3.48
C LYS A 1362 -23.78 -27.59 2.97
N LEU A 1363 -22.59 -27.20 3.43
CA LEU A 1363 -21.99 -25.93 3.07
C LEU A 1363 -20.84 -26.08 2.09
N PHE A 1364 -20.35 -27.28 1.86
CA PHE A 1364 -19.20 -27.47 0.99
C PHE A 1364 -19.60 -27.20 -0.44
N PRO A 1365 -18.87 -26.35 -1.16
CA PRO A 1365 -19.07 -26.26 -2.61
C PRO A 1365 -18.85 -27.62 -3.27
N GLN A 1366 -19.71 -27.93 -4.23
CA GLN A 1366 -19.65 -29.20 -4.95
C GLN A 1366 -18.93 -28.96 -6.28
N TYR A 1367 -17.72 -29.47 -6.39
CA TYR A 1367 -16.88 -29.21 -7.56
C TYR A 1367 -17.29 -30.15 -8.68
N LEU A 1368 -18.00 -29.61 -9.67
CA LEU A 1368 -18.47 -30.42 -10.79
C LEU A 1368 -17.31 -30.98 -11.60
N SER A 1369 -16.17 -30.29 -11.59
CA SER A 1369 -15.02 -30.72 -12.38
C SER A 1369 -14.48 -32.06 -11.86
N VAL A 1370 -14.02 -32.88 -12.79
CA VAL A 1370 -13.51 -34.20 -12.44
C VAL A 1370 -12.03 -34.13 -12.06
N ASN A 1371 -11.25 -33.37 -12.82
CA ASN A 1371 -9.80 -33.34 -12.67
C ASN A 1371 -9.42 -32.25 -11.68
N TYR A 1372 -8.79 -32.64 -10.57
CA TYR A 1372 -8.28 -31.70 -9.59
C TYR A 1372 -6.81 -31.39 -9.77
N LEU A 1373 -6.12 -32.07 -10.68
CA LEU A 1373 -4.70 -31.87 -10.85
C LEU A 1373 -4.36 -30.65 -11.69
N HIS A 1374 -5.35 -29.99 -12.28
CA HIS A 1374 -5.10 -28.73 -12.95
C HIS A 1374 -6.19 -27.70 -12.67
N ARG A 1375 -7.18 -28.00 -11.84
CA ARG A 1375 -8.22 -27.06 -11.48
C ARG A 1375 -8.20 -26.69 -10.00
N LEU A 1376 -7.40 -27.36 -9.19
CA LEU A 1376 -7.25 -26.96 -7.79
C LEU A 1376 -6.62 -25.58 -7.72
N THR A 1377 -7.02 -24.81 -6.73
CA THR A 1377 -6.54 -23.44 -6.55
C THR A 1377 -5.99 -23.28 -5.14
N VAL A 1378 -4.66 -23.31 -5.02
CA VAL A 1378 -3.98 -23.00 -3.77
C VAL A 1378 -2.91 -21.95 -4.06
N SER A 1379 -2.30 -21.46 -2.97
CA SER A 1379 -1.29 -20.41 -3.10
C SER A 1379 -0.04 -20.90 -3.80
N SER A 1380 0.15 -22.21 -3.94
CA SER A 1380 1.34 -22.76 -4.56
C SER A 1380 1.22 -22.86 -6.08
N ARG A 1381 0.12 -22.40 -6.65
CA ARG A 1381 -0.06 -22.48 -8.09
C ARG A 1381 -0.25 -21.09 -8.69
N PRO A 1382 0.25 -20.86 -9.90
CA PRO A 1382 0.12 -19.53 -10.52
C PRO A 1382 -1.33 -19.23 -10.86
N CYS A 1383 -1.84 -18.14 -10.28
CA CYS A 1383 -3.20 -17.70 -10.55
C CYS A 1383 -3.38 -17.10 -11.93
N GLU A 1384 -2.31 -16.59 -12.53
CA GLU A 1384 -2.35 -16.08 -13.90
C GLU A 1384 -1.07 -16.51 -14.60
N PHE A 1385 -1.12 -16.57 -15.92
CA PHE A 1385 0.03 -16.95 -16.74
C PHE A 1385 0.25 -15.92 -17.83
N PRO A 1386 0.66 -14.70 -17.48
CA PRO A 1386 0.81 -13.65 -18.48
C PRO A 1386 2.11 -13.82 -19.25
N ALA A 1387 2.22 -13.04 -20.33
CA ALA A 1387 3.42 -13.03 -21.13
C ALA A 1387 4.44 -12.06 -20.53
N SER A 1388 5.64 -12.04 -21.10
CA SER A 1388 6.66 -11.06 -20.68
C SER A 1388 6.60 -9.82 -21.56
N ILE A 1389 5.40 -9.28 -21.76
CA ILE A 1389 5.22 -8.03 -22.50
C ILE A 1389 4.07 -7.27 -21.87
N PRO A 1390 4.04 -5.95 -22.06
CA PRO A 1390 2.91 -5.17 -21.55
C PRO A 1390 1.62 -5.61 -22.21
N ALA A 1391 0.52 -5.50 -21.46
CA ALA A 1391 -0.76 -6.05 -21.89
C ALA A 1391 -1.16 -5.50 -23.26
N TYR A 1392 -1.04 -4.19 -23.44
CA TYR A 1392 -1.43 -3.58 -24.71
C TYR A 1392 -0.74 -4.25 -25.89
N ARG A 1393 0.52 -4.65 -25.71
CA ARG A 1393 1.28 -5.23 -26.80
C ARG A 1393 0.64 -6.52 -27.31
N THR A 1394 0.04 -7.28 -26.40
CA THR A 1394 -0.58 -8.54 -26.80
C THR A 1394 -1.70 -8.32 -27.80
N THR A 1395 -2.27 -7.11 -27.85
CA THR A 1395 -3.34 -6.82 -28.79
C THR A 1395 -2.85 -6.84 -30.24
N ASN A 1396 -1.55 -6.72 -30.47
CA ASN A 1396 -1.06 -6.68 -31.85
C ASN A 1396 -1.10 -8.04 -32.53
N TYR A 1397 -1.28 -9.12 -31.77
CA TYR A 1397 -1.10 -10.48 -32.27
C TYR A 1397 -2.34 -11.32 -32.02
N HIS A 1398 -2.53 -12.32 -32.88
CA HIS A 1398 -3.65 -13.24 -32.79
C HIS A 1398 -3.13 -14.67 -32.75
N PHE A 1399 -3.65 -15.47 -31.82
CA PHE A 1399 -3.20 -16.84 -31.61
C PHE A 1399 -4.30 -17.82 -32.04
N ASP A 1400 -3.89 -18.88 -32.73
CA ASP A 1400 -4.80 -19.92 -33.19
C ASP A 1400 -4.21 -21.26 -32.78
N THR A 1401 -4.95 -22.01 -31.97
CA THR A 1401 -4.50 -23.28 -31.42
C THR A 1401 -5.44 -24.40 -31.82
N SER A 1402 -5.91 -24.38 -33.06
CA SER A 1402 -6.79 -25.42 -33.56
C SER A 1402 -6.03 -26.68 -33.96
N PRO A 1403 -4.97 -26.59 -34.78
CA PRO A 1403 -4.29 -27.83 -35.20
C PRO A 1403 -3.67 -28.60 -34.05
N ILE A 1404 -3.01 -27.91 -33.13
CA ILE A 1404 -2.42 -28.60 -31.98
C ILE A 1404 -3.50 -29.16 -31.09
N ASN A 1405 -4.62 -28.47 -30.92
CA ASN A 1405 -5.70 -29.01 -30.12
C ASN A 1405 -6.25 -30.28 -30.74
N ARG A 1406 -6.44 -30.29 -32.06
CA ARG A 1406 -6.95 -31.50 -32.70
C ARG A 1406 -5.97 -32.65 -32.58
N ILE A 1407 -4.67 -32.39 -32.75
CA ILE A 1407 -3.67 -33.46 -32.63
C ILE A 1407 -3.63 -33.99 -31.20
N LEU A 1408 -3.64 -33.10 -30.21
CA LEU A 1408 -3.55 -33.54 -28.83
C LEU A 1408 -4.80 -34.27 -28.38
N THR A 1409 -5.99 -33.85 -28.83
CA THR A 1409 -7.20 -34.56 -28.47
C THR A 1409 -7.39 -35.84 -29.27
N GLU A 1410 -6.70 -35.98 -30.41
CA GLU A 1410 -6.66 -37.28 -31.08
C GLU A 1410 -5.73 -38.23 -30.33
N LYS A 1411 -4.58 -37.73 -29.89
CA LYS A 1411 -3.59 -38.59 -29.25
C LYS A 1411 -4.02 -38.98 -27.84
N TYR A 1412 -4.63 -38.06 -27.10
CA TYR A 1412 -4.99 -38.33 -25.71
C TYR A 1412 -6.48 -38.52 -25.49
N GLY A 1413 -7.32 -38.12 -26.45
CA GLY A 1413 -8.74 -38.38 -26.36
C GLY A 1413 -9.44 -37.72 -25.19
N ASP A 1414 -9.46 -36.38 -25.18
CA ASP A 1414 -10.15 -35.61 -24.16
C ASP A 1414 -9.63 -36.03 -22.78
N GLU A 1415 -8.38 -35.71 -22.52
CA GLU A 1415 -7.76 -35.95 -21.22
C GLU A 1415 -6.71 -34.89 -20.96
N ASP A 1416 -6.72 -34.33 -19.76
CA ASP A 1416 -5.84 -33.22 -19.45
C ASP A 1416 -4.38 -33.65 -19.52
N ILE A 1417 -3.55 -32.79 -20.10
CA ILE A 1417 -2.14 -33.03 -20.17
C ILE A 1417 -1.43 -32.08 -19.23
N ASP A 1418 -0.11 -32.22 -19.11
CA ASP A 1418 0.66 -31.47 -18.13
C ASP A 1418 1.22 -30.15 -18.65
N ILE A 1419 1.06 -29.86 -19.93
CA ILE A 1419 1.56 -28.62 -20.51
C ILE A 1419 0.48 -27.55 -20.39
N VAL A 1420 0.87 -26.35 -19.98
CA VAL A 1420 -0.08 -25.29 -19.68
C VAL A 1420 -0.39 -24.54 -20.97
N PHE A 1421 -1.68 -24.50 -21.33
CA PHE A 1421 -2.10 -23.83 -22.55
C PHE A 1421 -1.78 -22.34 -22.52
N GLN A 1422 -2.12 -21.69 -21.40
CA GLN A 1422 -1.89 -20.25 -21.27
C GLN A 1422 -0.42 -19.92 -21.45
N ASN A 1423 0.46 -20.75 -20.88
CA ASN A 1423 1.89 -20.51 -21.03
C ASN A 1423 2.34 -20.70 -22.47
N CYS A 1424 1.70 -21.61 -23.21
CA CYS A 1424 2.03 -21.75 -24.63
C CYS A 1424 1.69 -20.47 -25.39
N ILE A 1425 0.50 -19.91 -25.13
CA ILE A 1425 0.09 -18.67 -25.79
C ILE A 1425 1.03 -17.54 -25.42
N SER A 1426 1.33 -17.41 -24.11
CA SER A 1426 2.21 -16.35 -23.64
C SER A 1426 3.59 -16.46 -24.24
N PHE A 1427 4.12 -17.68 -24.33
CA PHE A 1427 5.43 -17.90 -24.94
C PHE A 1427 5.41 -17.47 -26.40
N GLY A 1428 4.35 -17.79 -27.12
CA GLY A 1428 4.26 -17.37 -28.51
C GLY A 1428 4.28 -15.86 -28.66
N LEU A 1429 3.46 -15.17 -27.88
CA LEU A 1429 3.41 -13.71 -27.96
C LEU A 1429 4.76 -13.09 -27.61
N SER A 1430 5.33 -13.53 -26.49
CA SER A 1430 6.58 -12.95 -26.03
C SER A 1430 7.71 -13.22 -27.01
N LEU A 1431 7.75 -14.39 -27.64
CA LEU A 1431 8.83 -14.62 -28.57
C LEU A 1431 8.62 -13.85 -29.86
N MET A 1432 7.37 -13.58 -30.24
CA MET A 1432 7.17 -12.64 -31.35
C MET A 1432 7.78 -11.28 -31.02
N SER A 1433 7.52 -10.79 -29.81
CA SER A 1433 8.14 -9.54 -29.37
C SER A 1433 9.67 -9.62 -29.41
N VAL A 1434 10.23 -10.72 -28.92
CA VAL A 1434 11.68 -10.85 -28.83
C VAL A 1434 12.32 -10.97 -30.21
N VAL A 1435 11.67 -11.67 -31.15
CA VAL A 1435 12.20 -11.74 -32.50
C VAL A 1435 12.14 -10.37 -33.16
N GLU A 1436 11.10 -9.59 -32.87
CA GLU A 1436 11.10 -8.20 -33.34
C GLU A 1436 12.28 -7.43 -32.77
N GLN A 1437 12.56 -7.61 -31.48
CA GLN A 1437 13.67 -6.91 -30.84
C GLN A 1437 15.00 -7.25 -31.49
N PHE A 1438 15.25 -8.54 -31.69
CA PHE A 1438 16.56 -8.99 -32.17
C PHE A 1438 16.69 -8.98 -33.68
N THR A 1439 15.60 -8.72 -34.41
CA THR A 1439 15.62 -8.79 -35.87
C THR A 1439 15.33 -7.46 -36.54
N ASN A 1440 14.69 -6.53 -35.85
CA ASN A 1440 14.22 -5.23 -36.34
C ASN A 1440 13.00 -5.38 -37.25
N VAL A 1441 12.52 -6.60 -37.50
CA VAL A 1441 11.34 -6.83 -38.32
C VAL A 1441 10.47 -7.83 -37.56
N CYS A 1442 9.28 -7.39 -37.13
CA CYS A 1442 8.37 -8.29 -36.44
C CYS A 1442 7.95 -9.42 -37.38
N PRO A 1443 7.95 -10.66 -36.93
CA PRO A 1443 7.62 -11.77 -37.85
C PRO A 1443 6.18 -11.68 -38.32
N ASN A 1444 5.98 -12.08 -39.57
CA ASN A 1444 4.62 -12.15 -40.11
C ASN A 1444 3.81 -13.21 -39.37
N ARG A 1445 4.42 -14.35 -39.08
CA ARG A 1445 3.72 -15.46 -38.44
C ARG A 1445 4.74 -16.43 -37.89
N ILE A 1446 4.44 -16.99 -36.72
CA ILE A 1446 5.24 -18.05 -36.11
C ILE A 1446 4.34 -19.25 -35.85
N ILE A 1447 4.96 -20.42 -35.83
CA ILE A 1447 4.30 -21.67 -35.48
C ILE A 1447 5.12 -22.37 -34.41
N LEU A 1448 4.46 -22.73 -33.32
CA LEU A 1448 5.06 -23.49 -32.23
C LEU A 1448 4.71 -24.95 -32.42
N ILE A 1449 5.69 -25.75 -32.82
CA ILE A 1449 5.52 -27.18 -33.02
C ILE A 1449 5.97 -27.88 -31.74
N PRO A 1450 5.06 -28.55 -31.02
CA PRO A 1450 5.46 -29.16 -29.74
C PRO A 1450 6.30 -30.39 -29.95
N LYS A 1451 7.05 -30.74 -28.90
CA LYS A 1451 7.72 -32.03 -28.80
C LYS A 1451 6.79 -32.99 -28.06
N LEU A 1452 6.34 -34.03 -28.76
CA LEU A 1452 5.29 -34.88 -28.21
C LEU A 1452 5.77 -35.66 -26.99
N ASN A 1453 7.02 -36.15 -27.01
CA ASN A 1453 7.52 -36.94 -25.90
C ASN A 1453 7.64 -36.12 -24.62
N GLU A 1454 7.69 -34.80 -24.72
CA GLU A 1454 7.75 -33.95 -23.54
C GLU A 1454 6.40 -33.78 -22.87
N ILE A 1455 5.31 -34.12 -23.56
CA ILE A 1455 3.95 -33.91 -23.06
C ILE A 1455 3.43 -35.26 -22.59
N HIS A 1456 2.96 -35.32 -21.35
CA HIS A 1456 2.49 -36.55 -20.75
C HIS A 1456 1.08 -36.38 -20.23
N LEU A 1457 0.30 -37.46 -20.29
CA LEU A 1457 -1.07 -37.44 -19.86
C LEU A 1457 -1.16 -37.23 -18.35
N MET A 1458 -2.27 -36.65 -17.90
CA MET A 1458 -2.47 -36.38 -16.48
C MET A 1458 -3.92 -36.70 -16.14
N LYS A 1459 -4.13 -37.74 -15.33
CA LYS A 1459 -5.44 -38.06 -14.79
C LYS A 1459 -5.42 -37.97 -13.27
N PRO A 1460 -6.54 -37.59 -12.67
CA PRO A 1460 -6.63 -37.62 -11.20
C PRO A 1460 -6.59 -39.04 -10.70
N PRO A 1461 -5.55 -39.41 -9.96
CA PRO A 1461 -5.40 -40.80 -9.52
C PRO A 1461 -6.25 -41.10 -8.28
N ILE A 1462 -6.32 -42.39 -7.96
CA ILE A 1462 -7.03 -42.87 -6.78
C ILE A 1462 -6.04 -42.95 -5.63
N PHE A 1463 -6.30 -42.22 -4.57
CA PHE A 1463 -5.36 -42.10 -3.45
C PHE A 1463 -5.51 -43.31 -2.54
N THR A 1464 -4.86 -44.40 -2.91
CA THR A 1464 -4.87 -45.59 -2.07
C THR A 1464 -4.07 -45.34 -0.81
N GLY A 1465 -4.60 -45.76 0.33
CA GLY A 1465 -3.96 -45.56 1.61
C GLY A 1465 -4.91 -44.94 2.61
N ASP A 1466 -4.44 -44.87 3.85
CA ASP A 1466 -5.21 -44.33 4.96
C ASP A 1466 -4.58 -43.04 5.44
N VAL A 1467 -5.35 -42.27 6.20
CA VAL A 1467 -4.88 -41.03 6.81
C VAL A 1467 -4.78 -41.25 8.31
N ASP A 1468 -3.65 -40.88 8.90
CA ASP A 1468 -3.42 -41.12 10.32
C ASP A 1468 -4.32 -40.19 11.13
N ILE A 1469 -5.41 -40.73 11.65
CA ILE A 1469 -6.39 -39.90 12.35
C ILE A 1469 -5.85 -39.42 13.69
N HIS A 1470 -5.15 -40.29 14.41
CA HIS A 1470 -4.61 -39.89 15.71
C HIS A 1470 -3.57 -38.79 15.55
N LYS A 1471 -2.69 -38.91 14.55
CA LYS A 1471 -1.70 -37.87 14.30
C LYS A 1471 -2.37 -36.55 13.91
N LEU A 1472 -3.43 -36.62 13.11
CA LEU A 1472 -4.16 -35.42 12.73
C LEU A 1472 -4.80 -34.77 13.95
N LYS A 1473 -5.38 -35.58 14.85
CA LYS A 1473 -5.95 -35.04 16.07
C LYS A 1473 -4.87 -34.41 16.94
N GLN A 1474 -3.69 -35.02 16.99
CA GLN A 1474 -2.59 -34.43 17.75
C GLN A 1474 -2.16 -33.10 17.14
N VAL A 1475 -2.09 -33.01 15.82
CA VAL A 1475 -1.72 -31.76 15.17
C VAL A 1475 -2.74 -30.68 15.46
N ILE A 1476 -4.02 -31.02 15.42
CA ILE A 1476 -5.07 -30.05 15.73
C ILE A 1476 -4.97 -29.60 17.19
N GLN A 1477 -4.77 -30.55 18.11
CA GLN A 1477 -4.79 -30.22 19.53
C GLN A 1477 -3.56 -29.41 19.95
N LYS A 1478 -2.38 -29.79 19.44
CA LYS A 1478 -1.15 -29.17 19.91
C LYS A 1478 -1.12 -27.67 19.60
N GLN A 1479 -1.56 -27.29 18.41
CA GLN A 1479 -1.65 -25.90 17.99
C GLN A 1479 -3.09 -25.41 18.01
N HIS A 1480 -3.87 -25.84 19.00
CA HIS A 1480 -5.30 -25.50 19.03
C HIS A 1480 -5.51 -24.00 19.18
N MET A 1481 -4.54 -23.30 19.76
CA MET A 1481 -4.72 -21.87 20.02
C MET A 1481 -4.84 -21.05 18.75
N PHE A 1482 -4.46 -21.60 17.59
CA PHE A 1482 -4.61 -20.91 16.31
C PHE A 1482 -5.79 -21.42 15.51
N LEU A 1483 -6.64 -22.24 16.11
CA LEU A 1483 -7.78 -22.79 15.39
C LEU A 1483 -8.74 -21.67 15.02
N PRO A 1484 -9.32 -21.71 13.81
CA PRO A 1484 -10.29 -20.68 13.42
C PRO A 1484 -11.54 -20.74 14.30
N ASP A 1485 -12.38 -19.72 14.13
CA ASP A 1485 -13.58 -19.62 14.95
C ASP A 1485 -14.50 -20.82 14.73
N LYS A 1486 -14.98 -21.40 15.82
CA LYS A 1486 -15.92 -22.50 15.73
C LYS A 1486 -17.29 -21.98 15.31
N ILE A 1487 -18.02 -22.83 14.59
CA ILE A 1487 -19.38 -22.51 14.16
C ILE A 1487 -20.32 -22.93 15.28
N SER A 1488 -20.80 -21.96 16.05
CA SER A 1488 -21.64 -22.26 17.20
C SER A 1488 -23.01 -22.80 16.75
N LEU A 1489 -23.74 -23.35 17.71
CA LEU A 1489 -25.05 -23.91 17.40
C LEU A 1489 -26.01 -22.83 16.91
N THR A 1490 -26.01 -21.68 17.57
CA THR A 1490 -26.87 -20.58 17.14
C THR A 1490 -26.46 -20.07 15.76
N GLN A 1491 -25.16 -20.00 15.50
CA GLN A 1491 -24.69 -19.56 14.20
C GLN A 1491 -25.14 -20.52 13.10
N TYR A 1492 -25.04 -21.83 13.36
CA TYR A 1492 -25.53 -22.81 12.40
C TYR A 1492 -27.04 -22.70 12.21
N VAL A 1493 -27.76 -22.43 13.29
CA VAL A 1493 -29.22 -22.29 13.20
C VAL A 1493 -29.59 -21.13 12.31
N GLU A 1494 -28.99 -19.95 12.56
CA GLU A 1494 -29.23 -18.79 11.73
C GLU A 1494 -28.72 -18.99 10.31
N LEU A 1495 -27.78 -19.91 10.11
CA LEU A 1495 -27.21 -20.14 8.78
C LEU A 1495 -28.20 -20.83 7.86
N PHE A 1496 -29.15 -21.59 8.40
CA PHE A 1496 -30.05 -22.42 7.61
C PHE A 1496 -29.25 -23.40 6.77
N ASN B 128 -67.37 17.69 1.64
CA ASN B 128 -66.05 17.24 2.06
C ASN B 128 -65.06 18.39 2.10
N ASP B 129 -65.56 19.59 2.37
CA ASP B 129 -64.70 20.77 2.42
C ASP B 129 -63.89 20.82 3.71
N ASN B 130 -64.48 20.39 4.83
CA ASN B 130 -63.76 20.45 6.10
C ASN B 130 -62.59 19.48 6.13
N ILE B 131 -62.73 18.30 5.53
CA ILE B 131 -61.61 17.37 5.44
C ILE B 131 -60.48 17.99 4.62
N THR B 132 -60.82 18.64 3.51
CA THR B 132 -59.82 19.32 2.69
C THR B 132 -59.14 20.43 3.47
N ALA B 133 -59.90 21.19 4.27
CA ALA B 133 -59.31 22.26 5.06
C ALA B 133 -58.35 21.69 6.12
N ARG B 134 -58.75 20.60 6.78
CA ARG B 134 -57.86 19.97 7.75
C ARG B 134 -56.59 19.47 7.09
N LEU B 135 -56.72 18.84 5.92
CA LEU B 135 -55.54 18.36 5.20
C LEU B 135 -54.65 19.51 4.76
N ASP B 136 -55.24 20.64 4.37
CA ASP B 136 -54.45 21.80 3.99
C ASP B 136 -53.72 22.41 5.18
N ARG B 137 -54.36 22.43 6.36
CA ARG B 137 -53.68 22.91 7.56
C ARG B 137 -52.49 22.01 7.91
N ILE B 138 -52.70 20.69 7.83
CA ILE B 138 -51.62 19.75 8.09
C ILE B 138 -50.51 19.93 7.06
N ASP B 139 -50.87 20.14 5.79
CA ASP B 139 -49.87 20.36 4.75
C ASP B 139 -49.08 21.64 5.01
N GLU B 140 -49.74 22.70 5.47
CA GLU B 140 -49.03 23.93 5.79
C GLU B 140 -48.06 23.73 6.94
N LYS B 141 -48.48 23.00 7.98
CA LYS B 141 -47.56 22.72 9.08
C LYS B 141 -46.36 21.90 8.62
N LEU B 142 -46.61 20.89 7.78
CA LEU B 142 -45.51 20.09 7.24
C LEU B 142 -44.58 20.95 6.39
N SER B 143 -45.14 21.85 5.58
CA SER B 143 -44.32 22.74 4.76
C SER B 143 -43.46 23.64 5.63
N GLU B 144 -44.02 24.17 6.72
CA GLU B 144 -43.24 25.01 7.62
C GLU B 144 -42.11 24.21 8.25
N ILE B 145 -42.38 22.99 8.70
CA ILE B 145 -41.33 22.18 9.32
C ILE B 145 -40.23 21.88 8.31
N LEU B 146 -40.61 21.48 7.09
CA LEU B 146 -39.61 21.14 6.09
C LEU B 146 -38.81 22.37 5.66
N GLY B 147 -39.48 23.52 5.53
CA GLY B 147 -38.77 24.73 5.19
C GLY B 147 -37.79 25.18 6.25
N MET B 148 -38.14 24.96 7.52
CA MET B 148 -37.18 25.27 8.57
C MET B 148 -36.01 24.28 8.58
N LEU B 149 -36.30 22.99 8.42
CA LEU B 149 -35.25 21.97 8.47
C LEU B 149 -34.28 22.10 7.31
N HIS B 150 -34.79 22.34 6.10
CA HIS B 150 -33.93 22.36 4.92
C HIS B 150 -32.90 23.48 4.97
N THR B 151 -33.12 24.49 5.80
CA THR B 151 -32.20 25.61 5.93
C THR B 151 -31.37 25.53 7.21
N LEU B 152 -31.31 24.37 7.85
CA LEU B 152 -30.59 24.21 9.11
C LEU B 152 -29.11 23.99 8.83
N VAL B 153 -28.27 24.76 9.52
CA VAL B 153 -26.82 24.69 9.36
C VAL B 153 -26.23 24.04 10.61
N VAL B 154 -25.41 23.02 10.40
CA VAL B 154 -24.75 22.28 11.47
C VAL B 154 -23.30 22.74 11.54
N ALA B 155 -22.86 23.10 12.75
CA ALA B 155 -21.47 23.49 12.97
C ALA B 155 -20.70 22.33 13.57
N SER B 156 -19.46 22.15 13.11
CA SER B 156 -18.63 21.05 13.59
C SER B 156 -18.33 21.23 15.08
N ALA B 157 -17.97 20.11 15.71
CA ALA B 157 -17.70 20.08 17.15
C ALA B 157 -16.25 20.42 17.46
N GLY B 158 -15.79 21.56 16.95
CA GLY B 158 -14.39 21.95 17.08
C GLY B 158 -14.01 22.33 18.50
N PRO B 159 -12.77 22.80 18.67
CA PRO B 159 -12.31 23.21 19.99
C PRO B 159 -13.01 24.46 20.47
N THR B 160 -13.06 24.60 21.79
CA THR B 160 -13.71 25.74 22.41
C THR B 160 -12.76 26.95 22.40
N SER B 161 -13.24 28.07 22.91
CA SER B 161 -12.40 29.25 23.04
C SER B 161 -11.32 29.01 24.08
N ALA B 162 -10.16 29.65 23.88
CA ALA B 162 -8.96 29.49 24.69
C ALA B 162 -8.37 28.09 24.60
N ARG B 163 -8.95 27.22 23.76
CA ARG B 163 -8.44 25.87 23.51
C ARG B 163 -8.22 25.10 24.81
N ASP B 164 -9.22 25.17 25.70
CA ASP B 164 -9.24 24.37 26.92
C ASP B 164 -10.64 23.75 27.01
N GLY B 165 -10.81 22.61 26.35
CA GLY B 165 -12.09 21.94 26.28
C GLY B 165 -12.54 21.76 24.84
N ILE B 166 -13.60 20.98 24.69
CA ILE B 166 -14.17 20.64 23.39
C ILE B 166 -15.64 21.01 23.40
N ARG B 167 -16.10 21.62 22.31
CA ARG B 167 -17.47 22.11 22.20
C ARG B 167 -18.37 21.08 21.55
N ASP B 168 -19.68 21.29 21.70
CA ASP B 168 -20.68 20.40 21.15
C ASP B 168 -20.95 20.76 19.68
N ALA B 169 -21.64 19.85 18.99
CA ALA B 169 -22.00 20.04 17.58
C ALA B 169 -23.26 20.87 17.52
N MET B 170 -23.10 22.18 17.73
CA MET B 170 -24.24 23.08 17.76
C MET B 170 -24.86 23.22 16.37
N ILE B 171 -26.16 23.55 16.36
CA ILE B 171 -26.90 23.73 15.13
C ILE B 171 -27.64 25.06 15.20
N GLY B 172 -28.04 25.56 14.04
CA GLY B 172 -28.80 26.79 14.00
C GLY B 172 -29.42 27.00 12.64
N LEU B 173 -30.04 28.16 12.47
CA LEU B 173 -30.54 28.51 11.16
C LEU B 173 -29.41 29.06 10.30
N ARG B 174 -29.68 29.16 8.99
CA ARG B 174 -28.64 29.57 8.05
C ARG B 174 -28.14 30.98 8.34
N GLU B 175 -29.06 31.93 8.44
CA GLU B 175 -28.67 33.32 8.69
C GLU B 175 -28.08 33.49 10.08
N GLU B 176 -28.62 32.78 11.08
CA GLU B 176 -28.09 32.89 12.43
C GLU B 176 -26.64 32.40 12.49
N MET B 177 -26.35 31.29 11.83
CA MET B 177 -24.98 30.79 11.81
C MET B 177 -24.07 31.68 10.97
N ILE B 178 -24.60 32.28 9.91
CA ILE B 178 -23.80 33.23 9.13
C ILE B 178 -23.40 34.41 10.00
N GLU B 179 -24.35 34.94 10.78
CA GLU B 179 -24.03 36.04 11.69
C GLU B 179 -23.09 35.60 12.80
N LYS B 180 -23.23 34.36 13.26
CA LYS B 180 -22.29 33.83 14.25
C LYS B 180 -20.87 33.80 13.69
N ILE B 181 -20.73 33.41 12.43
CA ILE B 181 -19.43 33.51 11.76
C ILE B 181 -18.99 34.96 11.67
N ARG B 182 -19.93 35.88 11.41
CA ARG B 182 -19.60 37.30 11.36
C ARG B 182 -19.09 37.81 12.69
N THR B 183 -19.66 37.33 13.80
CA THR B 183 -19.23 37.72 15.13
C THR B 183 -18.09 36.86 15.67
N GLU B 184 -17.34 36.19 14.77
CA GLU B 184 -16.26 35.26 15.10
C GLU B 184 -16.58 34.39 16.31
N ALA B 185 -17.85 33.99 16.46
CA ALA B 185 -18.24 33.16 17.59
C ALA B 185 -17.81 31.71 17.44
N LEU B 186 -17.50 31.28 16.21
CA LEU B 186 -17.00 29.93 15.94
C LEU B 186 -15.70 30.07 15.17
N MET B 187 -14.59 29.71 15.82
CA MET B 187 -13.28 29.96 15.24
C MET B 187 -13.07 29.16 13.97
N THR B 188 -12.71 29.86 12.89
CA THR B 188 -12.41 29.24 11.60
C THR B 188 -11.22 29.95 10.99
N ASN B 189 -10.53 29.23 10.10
CA ASN B 189 -9.41 29.80 9.37
C ASN B 189 -9.85 30.64 8.18
N ASP B 190 -11.14 30.60 7.83
CA ASP B 190 -11.66 31.33 6.69
C ASP B 190 -13.08 31.76 7.00
N ARG B 191 -13.44 32.97 6.59
CA ARG B 191 -14.76 33.52 6.87
C ARG B 191 -15.59 33.71 5.60
N LEU B 192 -15.11 34.50 4.64
CA LEU B 192 -15.92 34.88 3.49
C LEU B 192 -16.27 33.67 2.63
N GLU B 193 -15.39 32.68 2.57
CA GLU B 193 -15.70 31.44 1.86
C GLU B 193 -16.91 30.74 2.48
N ALA B 194 -16.91 30.62 3.80
CA ALA B 194 -18.02 29.97 4.49
C ALA B 194 -19.30 30.76 4.32
N MET B 195 -19.23 32.09 4.41
CA MET B 195 -20.42 32.92 4.23
C MET B 195 -20.97 32.77 2.82
N ALA B 196 -20.12 32.85 1.81
CA ALA B 196 -20.58 32.73 0.44
C ALA B 196 -21.16 31.34 0.18
N ARG B 197 -20.56 30.31 0.76
CA ARG B 197 -21.11 28.96 0.61
C ARG B 197 -22.48 28.83 1.24
N LEU B 198 -22.63 29.33 2.47
CA LEU B 198 -23.92 29.24 3.14
C LEU B 198 -24.97 30.09 2.44
N ARG B 199 -24.60 31.28 1.99
CA ARG B 199 -25.50 32.14 1.24
C ARG B 199 -25.70 31.67 -0.20
N ASN B 200 -25.09 30.55 -0.60
CA ASN B 200 -25.13 30.05 -1.96
C ASN B 200 -24.58 31.07 -2.96
N GLU B 201 -23.59 31.86 -2.52
CA GLU B 201 -22.97 32.88 -3.35
C GLU B 201 -21.68 32.34 -3.97
N GLU B 202 -21.15 33.11 -4.92
CA GLU B 202 -19.88 32.80 -5.57
C GLU B 202 -18.84 33.79 -5.06
N SER B 203 -18.02 33.34 -4.12
CA SER B 203 -16.96 34.19 -3.61
C SER B 203 -15.86 34.34 -4.65
N GLU B 204 -14.94 35.28 -4.39
CA GLU B 204 -13.85 35.54 -5.32
C GLU B 204 -12.96 34.31 -5.49
N LYS B 205 -12.69 33.59 -4.40
CA LYS B 205 -11.80 32.43 -4.48
C LYS B 205 -12.39 31.36 -5.38
N MET B 206 -13.69 31.06 -5.22
CA MET B 206 -14.34 30.11 -6.12
C MET B 206 -14.35 30.61 -7.55
N ALA B 207 -14.60 31.92 -7.73
CA ALA B 207 -14.71 32.48 -9.06
C ALA B 207 -13.39 32.36 -9.82
N LYS B 208 -12.28 32.61 -9.15
CA LYS B 208 -10.98 32.55 -9.82
C LYS B 208 -10.39 31.15 -9.85
N ASP B 209 -10.80 30.25 -8.95
CA ASP B 209 -10.27 28.89 -8.97
C ASP B 209 -10.68 28.14 -10.23
N THR B 210 -11.94 28.27 -10.64
CA THR B 210 -12.47 27.54 -11.79
C THR B 210 -13.12 28.53 -12.75
N SER B 211 -12.32 29.08 -13.65
CA SER B 211 -12.78 30.02 -14.66
C SER B 211 -12.53 29.44 -16.04
N ASP B 212 -12.94 30.20 -17.07
CA ASP B 212 -12.67 29.77 -18.44
C ASP B 212 -11.18 29.72 -18.72
N GLU B 213 -10.42 30.61 -18.10
CA GLU B 213 -8.97 30.60 -18.19
C GLU B 213 -8.38 30.80 -16.80
N VAL B 214 -7.16 30.32 -16.61
CA VAL B 214 -6.44 30.49 -15.36
C VAL B 214 -5.45 31.64 -15.53
N SER B 215 -5.59 32.67 -14.69
CA SER B 215 -4.74 33.84 -14.77
C SER B 215 -3.33 33.51 -14.30
N LEU B 216 -2.34 34.11 -14.96
CA LEU B 216 -0.95 33.88 -14.60
C LEU B 216 -0.54 34.83 -13.47
N ASN B 217 -0.01 34.27 -12.39
CA ASN B 217 0.61 35.07 -11.34
C ASN B 217 1.78 35.83 -11.95
N PRO B 218 2.06 37.06 -11.51
CA PRO B 218 3.13 37.85 -12.16
C PRO B 218 4.46 37.13 -12.25
N THR B 219 4.85 36.39 -11.21
CA THR B 219 6.09 35.63 -11.28
C THR B 219 6.01 34.56 -12.35
N SER B 220 4.87 33.88 -12.45
CA SER B 220 4.69 32.92 -13.54
C SER B 220 4.64 33.61 -14.88
N GLU B 221 4.14 34.85 -14.93
CA GLU B 221 4.22 35.62 -16.17
C GLU B 221 5.66 35.80 -16.60
N LYS B 222 6.52 36.27 -15.68
CA LYS B 222 7.93 36.47 -16.01
C LYS B 222 8.59 35.16 -16.42
N LEU B 223 8.29 34.09 -15.69
CA LEU B 223 8.81 32.78 -16.06
C LEU B 223 8.33 32.36 -17.44
N ASN B 224 7.13 32.79 -17.83
CA ASN B 224 6.62 32.43 -19.14
C ASN B 224 7.32 33.18 -20.28
N ASN B 225 7.56 34.48 -20.11
CA ASN B 225 8.38 35.15 -21.13
C ASN B 225 9.78 34.58 -21.17
N LEU B 226 10.33 34.20 -20.02
CA LEU B 226 11.68 33.63 -20.02
C LEU B 226 11.70 32.28 -20.71
N LEU B 227 10.68 31.45 -20.49
CA LEU B 227 10.65 30.12 -21.09
C LEU B 227 10.45 30.19 -22.59
N GLU B 228 9.49 31.00 -23.05
CA GLU B 228 9.30 31.18 -24.47
C GLU B 228 10.41 32.05 -25.05
N GLY B 229 10.58 31.97 -26.37
CA GLY B 229 11.67 32.68 -27.01
C GLY B 229 13.03 32.21 -26.57
N ASN B 230 13.22 30.89 -26.50
CA ASN B 230 14.50 30.31 -26.10
C ASN B 230 15.56 30.65 -27.13
N ASP B 231 16.48 31.54 -26.76
CA ASP B 231 17.50 32.01 -27.71
C ASP B 231 18.89 32.12 -27.08
N SER B 232 19.13 31.43 -25.96
CA SER B 232 20.42 31.46 -25.27
C SER B 232 20.85 32.88 -24.91
N ASP B 233 19.89 33.67 -24.42
CA ASP B 233 20.16 35.06 -24.06
C ASP B 233 19.63 35.41 -22.67
N ASN B 234 19.55 34.41 -21.78
CA ASN B 234 19.03 34.64 -20.43
C ASN B 234 20.07 35.23 -19.48
N ASP B 235 21.34 35.29 -19.89
CA ASP B 235 22.41 35.89 -19.10
C ASP B 235 22.55 35.21 -17.73
N LEU B 236 22.92 33.94 -17.79
CA LEU B 236 23.09 33.11 -16.60
C LEU B 236 24.57 32.87 -16.34
N SER B 237 24.98 33.07 -15.09
CA SER B 237 26.38 32.92 -14.67
C SER B 237 26.40 31.99 -13.46
N LEU B 238 26.70 30.71 -13.72
CA LEU B 238 26.64 29.70 -12.65
C LEU B 238 27.82 29.83 -11.69
N GLU B 239 29.00 30.16 -12.20
CA GLU B 239 30.21 30.14 -11.39
C GLU B 239 30.23 31.26 -10.34
N ASP B 240 29.35 32.24 -10.44
CA ASP B 240 29.25 33.27 -9.41
C ASP B 240 28.34 32.88 -8.26
N PHE B 241 27.69 31.72 -8.34
CA PHE B 241 26.77 31.27 -7.31
C PHE B 241 27.50 30.98 -5.99
N ASN C 130 -58.78 12.03 -4.55
CA ASN C 130 -57.48 12.69 -4.36
C ASN C 130 -57.10 12.71 -2.88
N ILE C 131 -57.97 12.18 -2.03
CA ILE C 131 -57.66 12.12 -0.61
C ILE C 131 -56.45 11.21 -0.37
N THR C 132 -56.42 10.07 -1.05
CA THR C 132 -55.27 9.17 -0.92
C THR C 132 -54.00 9.83 -1.47
N ALA C 133 -54.11 10.62 -2.53
CA ALA C 133 -52.95 11.33 -3.05
C ALA C 133 -52.42 12.34 -2.02
N ARG C 134 -53.33 13.08 -1.37
CA ARG C 134 -52.90 14.01 -0.33
C ARG C 134 -52.25 13.27 0.83
N LEU C 135 -52.82 12.13 1.22
CA LEU C 135 -52.23 11.34 2.30
C LEU C 135 -50.84 10.84 1.91
N ASP C 136 -50.66 10.43 0.66
CA ASP C 136 -49.35 9.96 0.22
C ASP C 136 -48.33 11.09 0.19
N ARG C 137 -48.73 12.27 -0.27
CA ARG C 137 -47.82 13.41 -0.26
C ARG C 137 -47.43 13.78 1.17
N ILE C 138 -48.40 13.78 2.08
CA ILE C 138 -48.10 14.07 3.48
C ILE C 138 -47.17 13.02 4.05
N ASP C 139 -47.38 11.75 3.68
CA ASP C 139 -46.54 10.68 4.17
C ASP C 139 -45.10 10.82 3.65
N GLU C 140 -44.93 11.19 2.39
CA GLU C 140 -43.59 11.39 1.86
C GLU C 140 -42.90 12.58 2.51
N LYS C 141 -43.63 13.66 2.77
CA LYS C 141 -43.03 14.79 3.49
C LYS C 141 -42.64 14.38 4.91
N LEU C 142 -43.48 13.58 5.57
CA LEU C 142 -43.12 13.07 6.89
C LEU C 142 -41.89 12.18 6.81
N SER C 143 -41.76 11.41 5.74
CA SER C 143 -40.58 10.58 5.56
C SER C 143 -39.33 11.43 5.40
N GLU C 144 -39.42 12.52 4.64
CA GLU C 144 -38.28 13.44 4.53
C GLU C 144 -37.93 14.04 5.88
N ILE C 145 -38.94 14.43 6.65
CA ILE C 145 -38.69 14.97 7.99
C ILE C 145 -37.99 13.94 8.85
N LEU C 146 -38.43 12.68 8.78
CA LEU C 146 -37.80 11.62 9.56
C LEU C 146 -36.35 11.42 9.14
N GLY C 147 -36.07 11.43 7.82
CA GLY C 147 -34.71 11.28 7.37
C GLY C 147 -33.81 12.40 7.84
N MET C 148 -34.27 13.64 7.72
CA MET C 148 -33.47 14.77 8.16
C MET C 148 -33.22 14.73 9.66
N LEU C 149 -34.25 14.43 10.44
CA LEU C 149 -34.08 14.39 11.89
C LEU C 149 -33.18 13.24 12.31
N HIS C 150 -33.25 12.10 11.60
CA HIS C 150 -32.34 11.00 11.92
C HIS C 150 -30.90 11.36 11.61
N THR C 151 -30.66 12.00 10.47
CA THR C 151 -29.30 12.43 10.17
C THR C 151 -28.79 13.43 11.18
N LEU C 152 -29.66 14.33 11.63
CA LEU C 152 -29.27 15.26 12.70
C LEU C 152 -28.95 14.53 13.99
N VAL C 153 -29.71 13.48 14.31
CA VAL C 153 -29.43 12.68 15.50
C VAL C 153 -28.08 12.01 15.39
N VAL C 154 -27.78 11.41 14.23
CA VAL C 154 -26.51 10.74 14.03
C VAL C 154 -25.35 11.72 14.12
N ALA C 155 -25.48 12.86 13.45
CA ALA C 155 -24.40 13.85 13.43
C ALA C 155 -24.28 14.62 14.74
N SER C 156 -25.28 14.59 15.60
CA SER C 156 -25.23 15.28 16.87
C SER C 156 -24.72 14.41 18.01
N ALA C 157 -24.43 13.14 17.75
CA ALA C 157 -23.90 12.24 18.76
C ALA C 157 -22.38 12.16 18.64
N GLY C 158 -21.74 13.30 18.87
CA GLY C 158 -20.34 13.46 18.58
C GLY C 158 -19.39 13.08 19.70
N PRO C 159 -18.12 13.46 19.54
CA PRO C 159 -17.13 13.15 20.59
C PRO C 159 -17.46 13.76 21.93
N THR C 160 -18.21 14.85 21.97
CA THR C 160 -18.66 15.38 23.26
C THR C 160 -19.56 14.39 23.97
N SER C 161 -20.44 13.72 23.23
CA SER C 161 -21.29 12.69 23.80
C SER C 161 -20.46 11.51 24.31
N ALA C 162 -19.47 11.08 23.51
CA ALA C 162 -18.63 9.96 23.91
C ALA C 162 -17.84 10.28 25.18
N ARG C 163 -17.33 11.52 25.27
CA ARG C 163 -16.69 11.93 26.52
C ARG C 163 -17.70 11.95 27.66
N ASP C 164 -18.93 12.39 27.38
CA ASP C 164 -19.98 12.35 28.39
C ASP C 164 -20.35 10.92 28.75
N GLY C 165 -20.42 10.04 27.75
CA GLY C 165 -20.88 8.68 27.97
C GLY C 165 -22.38 8.57 27.79
N ILE C 166 -22.94 9.34 26.87
CA ILE C 166 -24.37 9.38 26.63
C ILE C 166 -24.67 9.11 25.17
N ARG C 167 -23.65 8.68 24.42
CA ARG C 167 -23.84 8.42 22.99
C ARG C 167 -24.87 7.32 22.74
N ASP C 168 -24.89 6.30 23.59
CA ASP C 168 -25.83 5.19 23.41
C ASP C 168 -27.27 5.61 23.63
N ALA C 169 -27.52 6.79 24.21
CA ALA C 169 -28.88 7.29 24.28
C ALA C 169 -29.38 7.71 22.91
N MET C 170 -28.55 8.43 22.15
CA MET C 170 -28.95 8.82 20.80
C MET C 170 -28.83 7.66 19.82
N ILE C 171 -27.90 6.74 20.06
CA ILE C 171 -27.62 5.66 19.13
C ILE C 171 -28.44 4.42 19.43
N GLY C 172 -28.51 4.01 20.70
CA GLY C 172 -29.32 2.88 21.08
C GLY C 172 -28.53 1.59 21.19
N LEU C 173 -28.92 0.72 22.12
CA LEU C 173 -28.23 -0.55 22.30
C LEU C 173 -28.43 -1.43 21.06
N ARG C 174 -27.36 -2.10 20.65
CA ARG C 174 -27.37 -2.94 19.46
C ARG C 174 -27.09 -4.38 19.83
N GLU C 175 -26.95 -5.23 18.82
CA GLU C 175 -26.94 -6.67 19.05
C GLU C 175 -25.79 -7.11 19.95
N GLU C 176 -24.60 -6.54 19.76
CA GLU C 176 -23.44 -6.98 20.52
C GLU C 176 -23.59 -6.67 22.00
N MET C 177 -23.93 -5.42 22.33
CA MET C 177 -24.06 -5.04 23.73
C MET C 177 -25.22 -5.78 24.40
N ILE C 178 -26.32 -5.94 23.67
CA ILE C 178 -27.48 -6.64 24.22
C ILE C 178 -27.15 -8.11 24.48
N GLU C 179 -26.43 -8.76 23.56
CA GLU C 179 -26.00 -10.13 23.77
C GLU C 179 -25.06 -10.24 24.95
N LYS C 180 -24.13 -9.29 25.08
CA LYS C 180 -23.20 -9.33 26.20
C LYS C 180 -23.93 -9.18 27.52
N ILE C 181 -24.93 -8.29 27.57
CA ILE C 181 -25.69 -8.10 28.81
C ILE C 181 -26.53 -9.33 29.11
N ARG C 182 -27.15 -9.92 28.09
CA ARG C 182 -27.96 -11.12 28.28
C ARG C 182 -27.10 -12.27 28.79
N THR C 183 -25.88 -12.41 28.28
CA THR C 183 -24.95 -13.38 28.84
C THR C 183 -24.60 -13.04 30.29
N GLU C 184 -24.38 -11.75 30.57
CA GLU C 184 -24.15 -11.32 31.95
C GLU C 184 -25.40 -11.50 32.81
N ALA C 185 -26.57 -11.53 32.21
CA ALA C 185 -27.83 -11.74 32.94
C ALA C 185 -28.18 -13.22 33.02
N LEU C 186 -27.24 -14.03 33.48
CA LEU C 186 -27.45 -15.47 33.62
C LEU C 186 -26.61 -16.03 34.76
N ASN D 130 -56.55 1.51 3.02
CA ASN D 130 -57.59 2.51 3.19
C ASN D 130 -57.08 3.74 3.91
N ILE D 131 -58.00 4.60 4.35
CA ILE D 131 -57.62 5.81 5.05
C ILE D 131 -57.04 5.47 6.42
N THR D 132 -57.62 4.48 7.10
CA THR D 132 -57.17 4.14 8.45
C THR D 132 -55.73 3.63 8.46
N ALA D 133 -55.33 2.86 7.44
CA ALA D 133 -53.95 2.38 7.38
C ALA D 133 -52.97 3.53 7.26
N ARG D 134 -53.27 4.50 6.38
CA ARG D 134 -52.40 5.66 6.25
C ARG D 134 -52.39 6.51 7.51
N LEU D 135 -53.53 6.62 8.18
CA LEU D 135 -53.57 7.36 9.44
C LEU D 135 -52.71 6.68 10.51
N ASP D 136 -52.76 5.35 10.57
CA ASP D 136 -51.90 4.63 11.50
C ASP D 136 -50.42 4.80 11.17
N ARG D 137 -50.08 4.77 9.88
CA ARG D 137 -48.70 4.98 9.47
C ARG D 137 -48.22 6.38 9.86
N ILE D 138 -49.08 7.39 9.65
CA ILE D 138 -48.72 8.75 10.04
C ILE D 138 -48.59 8.85 11.55
N ASP D 139 -49.43 8.15 12.30
CA ASP D 139 -49.31 8.15 13.76
C ASP D 139 -47.97 7.56 14.19
N GLU D 140 -47.55 6.45 13.57
CA GLU D 140 -46.26 5.85 13.90
C GLU D 140 -45.11 6.80 13.55
N LYS D 141 -45.18 7.43 12.37
CA LYS D 141 -44.14 8.36 11.97
C LYS D 141 -44.05 9.54 12.92
N LEU D 142 -45.20 10.06 13.35
CA LEU D 142 -45.20 11.18 14.29
C LEU D 142 -44.65 10.76 15.64
N SER D 143 -44.95 9.54 16.10
CA SER D 143 -44.36 9.06 17.34
C SER D 143 -42.84 8.98 17.23
N GLU D 144 -42.35 8.45 16.11
CA GLU D 144 -40.90 8.38 15.90
C GLU D 144 -40.28 9.78 15.90
N ILE D 145 -40.91 10.72 15.19
CA ILE D 145 -40.39 12.08 15.12
C ILE D 145 -40.36 12.72 16.50
N LEU D 146 -41.42 12.54 17.28
CA LEU D 146 -41.46 13.10 18.62
C LEU D 146 -40.37 12.51 19.50
N GLY D 147 -40.16 11.19 19.42
CA GLY D 147 -39.12 10.57 20.21
C GLY D 147 -37.73 11.08 19.88
N MET D 148 -37.41 11.15 18.58
CA MET D 148 -36.09 11.63 18.18
C MET D 148 -35.92 13.11 18.49
N LEU D 149 -37.00 13.90 18.39
CA LEU D 149 -36.93 15.30 18.76
C LEU D 149 -36.66 15.46 20.25
N HIS D 150 -37.30 14.65 21.09
CA HIS D 150 -37.02 14.70 22.51
C HIS D 150 -35.57 14.32 22.79
N THR D 151 -35.07 13.30 22.10
CA THR D 151 -33.67 12.92 22.26
C THR D 151 -32.73 14.08 21.92
N LEU D 152 -32.98 14.73 20.78
CA LEU D 152 -32.16 15.88 20.40
C LEU D 152 -32.26 17.01 21.41
N VAL D 153 -33.47 17.32 21.85
CA VAL D 153 -33.69 18.50 22.69
C VAL D 153 -33.02 18.32 24.04
N VAL D 154 -33.24 17.18 24.70
CA VAL D 154 -32.65 17.03 26.02
C VAL D 154 -31.21 16.54 25.94
N ALA D 155 -30.77 16.09 24.76
CA ALA D 155 -29.36 15.73 24.60
C ALA D 155 -28.48 16.98 24.48
N SER D 156 -29.07 18.10 24.08
CA SER D 156 -28.37 19.39 23.98
C SER D 156 -28.19 20.07 25.33
N ALA D 157 -28.40 19.32 26.41
CA ALA D 157 -28.25 19.88 27.75
C ALA D 157 -26.80 20.21 28.03
N GLY D 158 -26.56 21.35 28.68
CA GLY D 158 -25.23 21.79 29.00
C GLY D 158 -24.72 21.38 30.38
N PRO D 159 -25.48 21.67 31.44
CA PRO D 159 -24.96 21.46 32.80
C PRO D 159 -24.66 19.99 33.09
N THR D 160 -23.70 19.79 34.00
CA THR D 160 -23.27 18.43 34.35
C THR D 160 -24.39 17.64 35.01
N SER D 161 -25.35 18.32 35.63
CA SER D 161 -26.44 17.61 36.32
C SER D 161 -27.24 16.76 35.35
N ALA D 162 -27.60 17.32 34.20
CA ALA D 162 -28.37 16.56 33.21
C ALA D 162 -27.54 15.41 32.64
N ARG D 163 -26.25 15.65 32.40
CA ARG D 163 -25.38 14.60 31.87
C ARG D 163 -25.29 13.43 32.83
N ASP D 164 -25.07 13.72 34.12
CA ASP D 164 -24.99 12.66 35.12
C ASP D 164 -26.33 11.95 35.28
N GLY D 165 -27.43 12.70 35.19
CA GLY D 165 -28.74 12.08 35.24
C GLY D 165 -28.97 11.11 34.09
N ILE D 166 -28.56 11.50 32.88
CA ILE D 166 -28.70 10.61 31.73
C ILE D 166 -27.83 9.38 31.90
N ARG D 167 -26.60 9.55 32.38
CA ARG D 167 -25.71 8.40 32.58
C ARG D 167 -26.28 7.43 33.62
N ASP D 168 -26.78 7.96 34.73
CA ASP D 168 -27.36 7.10 35.76
C ASP D 168 -28.66 6.45 35.29
N ALA D 169 -29.45 7.16 34.48
CA ALA D 169 -30.65 6.56 33.91
C ALA D 169 -30.29 5.41 32.98
N MET D 170 -29.23 5.57 32.18
CA MET D 170 -28.77 4.47 31.34
C MET D 170 -28.26 3.30 32.16
N ILE D 171 -27.57 3.57 33.28
CA ILE D 171 -27.12 2.48 34.14
C ILE D 171 -28.31 1.72 34.72
N GLY D 172 -29.32 2.45 35.19
CA GLY D 172 -30.53 1.81 35.69
C GLY D 172 -31.25 1.03 34.62
N LEU D 173 -31.26 1.56 33.39
CA LEU D 173 -31.86 0.83 32.27
C LEU D 173 -31.12 -0.47 32.01
N ARG D 174 -29.78 -0.44 32.08
CA ARG D 174 -29.00 -1.66 31.89
C ARG D 174 -29.32 -2.69 32.96
N GLU D 175 -29.39 -2.26 34.22
CA GLU D 175 -29.72 -3.19 35.29
C GLU D 175 -31.13 -3.75 35.13
N GLU D 176 -32.08 -2.90 34.75
CA GLU D 176 -33.45 -3.36 34.52
C GLU D 176 -33.50 -4.36 33.37
N MET D 177 -32.72 -4.13 32.32
CA MET D 177 -32.67 -5.08 31.21
C MET D 177 -32.09 -6.40 31.66
N ILE D 178 -31.05 -6.37 32.50
CA ILE D 178 -30.49 -7.62 33.04
C ILE D 178 -31.57 -8.39 33.79
N GLU D 179 -32.28 -7.70 34.70
CA GLU D 179 -33.27 -8.38 35.52
C GLU D 179 -34.43 -8.91 34.67
N LYS D 180 -34.90 -8.12 33.71
CA LYS D 180 -36.03 -8.53 32.89
C LYS D 180 -35.65 -9.67 31.95
N ILE D 181 -34.40 -9.71 31.49
CA ILE D 181 -33.95 -10.83 30.67
C ILE D 181 -33.85 -12.10 31.51
N ARG D 182 -33.31 -11.99 32.72
CA ARG D 182 -33.08 -13.18 33.54
C ARG D 182 -34.28 -13.56 34.40
N THR D 183 -35.39 -12.84 34.29
CA THR D 183 -36.58 -13.19 35.07
C THR D 183 -37.17 -14.53 34.62
N GLU D 184 -36.84 -15.00 33.43
CA GLU D 184 -37.38 -16.26 32.93
C GLU D 184 -36.27 -17.29 32.71
N ILE E 131 -62.85 9.91 11.94
CA ILE E 131 -61.71 10.15 11.05
C ILE E 131 -61.10 11.54 11.32
N THR E 132 -61.97 12.53 11.54
CA THR E 132 -61.48 13.88 11.81
C THR E 132 -60.77 13.98 13.15
N ALA E 133 -61.10 13.12 14.11
CA ALA E 133 -60.36 13.10 15.36
C ALA E 133 -58.90 12.72 15.14
N ARG E 134 -58.66 11.78 14.22
CA ARG E 134 -57.30 11.40 13.88
C ARG E 134 -56.54 12.59 13.30
N LEU E 135 -57.18 13.35 12.40
CA LEU E 135 -56.54 14.51 11.82
C LEU E 135 -56.27 15.58 12.86
N ASP E 136 -57.19 15.76 13.81
CA ASP E 136 -56.97 16.73 14.88
C ASP E 136 -55.79 16.33 15.76
N ARG E 137 -55.69 15.04 16.11
CA ARG E 137 -54.55 14.58 16.89
C ARG E 137 -53.26 14.74 16.11
N ILE E 138 -53.31 14.50 14.79
CA ILE E 138 -52.13 14.70 13.95
C ILE E 138 -51.70 16.16 13.96
N ASP E 139 -52.66 17.07 13.88
CA ASP E 139 -52.34 18.49 13.93
C ASP E 139 -51.75 18.89 15.28
N GLU E 140 -52.29 18.32 16.37
CA GLU E 140 -51.72 18.58 17.68
C GLU E 140 -50.28 18.09 17.76
N LYS E 141 -50.02 16.90 17.22
CA LYS E 141 -48.65 16.37 17.21
C LYS E 141 -47.74 17.25 16.38
N LEU E 142 -48.22 17.76 15.24
CA LEU E 142 -47.39 18.62 14.41
C LEU E 142 -47.09 19.94 15.11
N SER E 143 -48.06 20.48 15.84
CA SER E 143 -47.79 21.68 16.64
C SER E 143 -46.74 21.40 17.71
N GLU E 144 -46.84 20.24 18.37
CA GLU E 144 -45.82 19.86 19.34
C GLU E 144 -44.46 19.73 18.68
N ILE E 145 -44.42 19.19 17.46
CA ILE E 145 -43.16 19.03 16.74
C ILE E 145 -42.56 20.39 16.37
N LEU E 146 -43.41 21.34 15.93
CA LEU E 146 -42.92 22.69 15.67
C LEU E 146 -42.34 23.31 16.93
N GLY E 147 -43.03 23.18 18.05
CA GLY E 147 -42.50 23.72 19.30
C GLY E 147 -41.19 23.05 19.68
N MET E 148 -41.12 21.73 19.55
CA MET E 148 -39.90 21.00 19.88
C MET E 148 -38.73 21.47 19.03
N LEU E 149 -38.95 21.63 17.73
CA LEU E 149 -37.88 22.02 16.82
C LEU E 149 -37.42 23.44 17.10
N HIS E 150 -38.36 24.36 17.33
CA HIS E 150 -37.97 25.74 17.63
C HIS E 150 -37.20 25.82 18.93
N THR E 151 -37.65 25.09 19.97
CA THR E 151 -36.91 25.07 21.22
C THR E 151 -35.53 24.46 21.05
N LEU E 152 -35.41 23.43 20.22
CA LEU E 152 -34.11 22.82 19.95
C LEU E 152 -33.17 23.82 19.30
N VAL E 153 -33.66 24.55 18.30
CA VAL E 153 -32.81 25.53 17.62
C VAL E 153 -32.40 26.63 18.59
N VAL E 154 -33.33 27.11 19.41
CA VAL E 154 -33.02 28.16 20.39
C VAL E 154 -31.98 27.66 21.38
N ALA E 155 -32.12 26.43 21.86
CA ALA E 155 -31.17 25.88 22.82
C ALA E 155 -29.79 25.72 22.19
N SER E 156 -29.72 25.23 20.96
CA SER E 156 -28.45 25.05 20.27
C SER E 156 -27.86 26.36 19.77
N ALA E 157 -28.62 27.46 19.82
CA ALA E 157 -28.06 28.76 19.44
C ALA E 157 -26.88 29.13 20.33
N GLY E 158 -27.00 28.90 21.63
CA GLY E 158 -25.93 29.19 22.56
C GLY E 158 -26.28 30.31 23.51
N PRO E 159 -25.37 30.62 24.43
CA PRO E 159 -25.64 31.67 25.42
C PRO E 159 -25.46 33.05 24.80
N THR E 160 -25.64 34.07 25.66
CA THR E 160 -25.47 35.48 25.31
C THR E 160 -26.50 35.96 24.29
N SER E 161 -27.37 35.06 23.82
CA SER E 161 -28.42 35.43 22.88
C SER E 161 -29.81 35.24 23.48
N ALA E 162 -30.13 34.05 23.95
CA ALA E 162 -31.42 33.77 24.57
C ALA E 162 -31.22 32.88 25.79
N ARG E 163 -30.21 33.21 26.60
CA ARG E 163 -29.88 32.42 27.78
C ARG E 163 -29.62 33.38 28.94
N ASP E 164 -30.47 33.33 29.96
CA ASP E 164 -30.24 34.05 31.21
C ASP E 164 -29.68 33.13 32.28
N GLY E 165 -30.36 32.01 32.54
CA GLY E 165 -29.85 31.01 33.46
C GLY E 165 -28.80 30.14 32.81
N ILE E 166 -28.34 29.14 33.56
CA ILE E 166 -27.30 28.21 33.08
C ILE E 166 -28.06 27.07 32.38
N ARG E 167 -28.40 27.31 31.12
CA ARG E 167 -28.97 26.30 30.22
C ARG E 167 -30.21 25.66 30.85
N ASP E 168 -31.23 26.51 31.03
CA ASP E 168 -32.46 26.08 31.67
C ASP E 168 -33.11 24.91 30.92
N ALA E 169 -33.56 23.91 31.68
CA ALA E 169 -34.33 22.82 31.10
C ALA E 169 -35.71 23.33 30.69
N MET E 170 -36.09 23.06 29.45
CA MET E 170 -37.26 23.70 28.88
C MET E 170 -38.54 22.89 29.14
N ILE E 171 -38.43 21.56 29.25
CA ILE E 171 -39.53 20.76 29.78
C ILE E 171 -39.05 20.01 31.02
N GLY E 172 -38.00 19.21 30.87
CA GLY E 172 -37.45 18.42 31.95
C GLY E 172 -37.68 16.93 31.85
N LEU E 173 -38.43 16.46 30.85
CA LEU E 173 -38.69 15.04 30.67
C LEU E 173 -37.56 14.42 29.85
N ARG E 174 -36.65 13.74 30.53
CA ARG E 174 -35.57 13.00 29.87
C ARG E 174 -35.82 11.50 29.84
N GLU E 175 -36.95 11.04 30.37
CA GLU E 175 -37.27 9.62 30.38
C GLU E 175 -37.98 9.16 29.11
N GLU E 176 -38.34 10.09 28.22
CA GLU E 176 -38.96 9.69 26.95
C GLU E 176 -37.98 8.89 26.09
N MET E 177 -36.75 9.39 25.95
CA MET E 177 -35.75 8.61 25.23
C MET E 177 -35.36 7.36 26.00
N ILE E 178 -35.45 7.40 27.33
CA ILE E 178 -35.17 6.19 28.11
C ILE E 178 -36.17 5.10 27.74
N GLU E 179 -37.46 5.44 27.68
CA GLU E 179 -38.46 4.47 27.28
C GLU E 179 -38.27 4.03 25.83
N LYS E 180 -37.92 4.97 24.95
CA LYS E 180 -37.70 4.62 23.55
C LYS E 180 -36.53 3.66 23.39
N ILE E 181 -35.42 3.92 24.08
CA ILE E 181 -34.26 3.04 24.02
C ILE E 181 -34.57 1.69 24.64
N ARG E 182 -35.33 1.69 25.74
CA ARG E 182 -35.75 0.42 26.33
C ARG E 182 -36.59 -0.39 25.36
N THR E 183 -37.49 0.26 24.64
CA THR E 183 -38.31 -0.44 23.64
C THR E 183 -37.46 -1.00 22.51
N GLU E 184 -36.53 -0.20 22.00
CA GLU E 184 -35.68 -0.67 20.90
C GLU E 184 -34.80 -1.83 21.34
N ALA E 185 -34.19 -1.72 22.52
CA ALA E 185 -33.37 -2.80 23.04
C ALA E 185 -34.21 -4.04 23.33
N LEU E 186 -35.45 -3.86 23.78
CA LEU E 186 -36.33 -4.99 23.99
C LEU E 186 -36.64 -5.68 22.67
N MET E 187 -36.88 -4.92 21.61
CA MET E 187 -37.14 -5.53 20.31
C MET E 187 -35.92 -6.31 19.82
N THR E 188 -34.73 -5.72 19.95
CA THR E 188 -33.52 -6.42 19.51
C THR E 188 -33.26 -7.67 20.34
N ASN E 189 -33.44 -7.59 21.65
CA ASN E 189 -33.26 -8.74 22.52
C ASN E 189 -34.29 -9.82 22.20
N ASP E 190 -35.52 -9.41 21.88
CA ASP E 190 -36.56 -10.36 21.49
C ASP E 190 -36.18 -11.09 20.20
N ARG E 191 -35.65 -10.34 19.23
CA ARG E 191 -35.21 -10.99 18.00
C ARG E 191 -34.07 -11.97 18.25
N LEU E 192 -33.10 -11.57 19.07
CA LEU E 192 -31.97 -12.45 19.37
C LEU E 192 -32.43 -13.71 20.09
N GLU E 193 -33.31 -13.56 21.09
CA GLU E 193 -33.81 -14.71 21.82
C GLU E 193 -34.70 -15.58 20.96
N ALA E 194 -35.45 -14.99 20.02
CA ALA E 194 -36.26 -15.79 19.10
C ALA E 194 -35.37 -16.63 18.20
N MET E 195 -34.28 -16.04 17.70
CA MET E 195 -33.36 -16.81 16.86
C MET E 195 -32.63 -17.87 17.66
N ALA E 196 -32.36 -17.62 18.95
CA ALA E 196 -31.73 -18.62 19.79
C ALA E 196 -32.70 -19.73 20.19
N ARG E 197 -34.00 -19.42 20.24
CA ARG E 197 -35.00 -20.41 20.63
C ARG E 197 -35.10 -21.56 19.64
N LEU E 198 -34.59 -21.39 18.42
CA LEU E 198 -34.61 -22.47 17.43
C LEU E 198 -33.63 -23.58 17.78
N ARG E 199 -32.78 -23.39 18.78
CA ARG E 199 -31.89 -24.44 19.28
C ARG E 199 -32.70 -25.58 19.89
#